data_5VMC
#
_entry.id   5VMC
#
_cell.length_a   95.680
_cell.length_b   81.820
_cell.length_c   121.460
_cell.angle_alpha   90.00
_cell.angle_beta   90.79
_cell.angle_gamma   90.00
#
_symmetry.space_group_name_H-M   'P 1 21 1'
#
loop_
_entity.id
_entity.type
_entity.pdbx_description
1 polymer 'Hemagglutinin HA1'
2 polymer 'Hemagglutinin HA2'
3 branched beta-D-mannopyranose-(1-4)-2-acetamido-2-deoxy-beta-D-glucopyranose-(1-4)-2-acetamido-2-deoxy-beta-D-glucopyranose
4 branched 'N-acetyl-alpha-neuraminic acid-(2-6)-beta-D-galactopyranose-(1-4)-2-acetamido-2-deoxy-beta-D-glucopyranose'
5 branched 2-acetamido-2-deoxy-beta-D-glucopyranose-(1-4)-2-acetamido-2-deoxy-beta-D-glucopyranose
6 non-polymer 2-acetamido-2-deoxy-beta-D-glucopyranose
7 water water
#
loop_
_entity_poly.entity_id
_entity_poly.type
_entity_poly.pdbx_seq_one_letter_code
_entity_poly.pdbx_strand_id
1 'polypeptide(L)'
;DTICIGYHANNSTDTVDTVLEKNVTVTHSVNLLEDSHNGKLCKLKGIAPLQLGKCNIAGWLLGNPECDLLLTASSWSYIV
ETSNSENGTCYPGDFIDYEELREQLSSVSSFEKFEIFPKTSSWPNHETTGVTAACSYAGASSFYRNLLWLTKKGSSYPKL
SKSYVNNKGKEVLVLWGVHHPPTGTDQQSLYQNADAYVSVGSSKYNRRFTPEIAARPKVRDQAGRMNYYWTLLEPGDTIT
FEATGNLIAPWYAFALNRGSGSGIITSDAPVHDCNTKCQTPHGAINSSLPFQNIHPVTIGECPKYVRSTKLRMATGLRNI
PSIQSR
;
A,C,E
2 'polypeptide(L)'
;GLFGAIAGFIEGGWTGMIDGWYGYHHQNEQGSGYAADQKSTQNAIDGITNKVNSVIEKMNTQFTAVGKEFNNLERRIENL
NKKVDDGFLDIWTYNAELLVLLENERTLDFHDSNVRNLYEKVKSQLKNNAKEIGNGCFEFYHKCDDACMESVRNGTYDYP
KYSEESKLNREEIDGVKLESMGVYQGALVPR
;
B,D,F
#
loop_
_chem_comp.id
_chem_comp.type
_chem_comp.name
_chem_comp.formula
BMA D-saccharide, beta linking beta-D-mannopyranose 'C6 H12 O6'
GAL D-saccharide, beta linking beta-D-galactopyranose 'C6 H12 O6'
NAG D-saccharide, beta linking 2-acetamido-2-deoxy-beta-D-glucopyranose 'C8 H15 N O6'
SIA D-saccharide, alpha linking 'N-acetyl-alpha-neuraminic acid' 'C11 H19 N O9'
#
# COMPACT_ATOMS: atom_id res chain seq x y z
N ASP A 1 -63.41 -15.13 -11.95
CA ASP A 1 -62.37 -14.27 -12.60
C ASP A 1 -61.24 -14.01 -11.62
N THR A 2 -60.00 -14.15 -12.09
CA THR A 2 -58.82 -14.03 -11.23
C THR A 2 -57.73 -13.16 -11.84
N ILE A 3 -57.01 -12.47 -10.95
CA ILE A 3 -55.78 -11.80 -11.31
C ILE A 3 -54.69 -12.25 -10.33
N CYS A 4 -53.50 -12.48 -10.85
CA CYS A 4 -52.38 -12.96 -10.05
C CYS A 4 -51.20 -12.00 -10.14
N ILE A 5 -50.43 -11.92 -9.06
CA ILE A 5 -49.20 -11.16 -9.02
C ILE A 5 -48.03 -12.13 -9.13
N GLY A 6 -47.09 -11.82 -10.01
CA GLY A 6 -45.97 -12.71 -10.23
C GLY A 6 -44.75 -12.00 -10.75
N TYR A 7 -43.71 -12.77 -11.04
CA TYR A 7 -42.44 -12.22 -11.46
C TYR A 7 -41.82 -13.02 -12.59
N HIS A 8 -40.88 -12.39 -13.28
CA HIS A 8 -40.28 -12.93 -14.49
C HIS A 8 -39.46 -14.18 -14.23
N ALA A 9 -39.51 -15.10 -15.20
CA ALA A 9 -38.60 -16.22 -15.26
C ALA A 9 -38.18 -16.41 -16.71
N ASN A 10 -37.06 -17.08 -16.95
CA ASN A 10 -36.57 -17.31 -18.31
C ASN A 10 -35.65 -18.52 -18.34
N ASN A 11 -34.96 -18.69 -19.46
CA ASN A 11 -34.08 -19.84 -19.67
C ASN A 11 -32.66 -19.61 -19.19
N SER A 12 -32.40 -18.46 -18.57
CA SER A 12 -31.05 -18.09 -18.11
C SER A 12 -30.43 -19.14 -17.20
N THR A 13 -29.20 -19.52 -17.54
CA THR A 13 -28.40 -20.40 -16.70
C THR A 13 -27.36 -19.65 -15.85
N ASP A 14 -27.32 -18.32 -15.98
CA ASP A 14 -26.40 -17.48 -15.21
C ASP A 14 -26.51 -17.74 -13.71
N THR A 15 -25.37 -17.93 -13.03
CA THR A 15 -25.36 -18.05 -11.57
C THR A 15 -24.50 -16.97 -10.91
N VAL A 16 -24.89 -16.60 -9.69
CA VAL A 16 -24.09 -15.69 -8.88
C VAL A 16 -24.01 -16.22 -7.46
N ASP A 17 -23.02 -15.75 -6.72
CA ASP A 17 -22.92 -16.05 -5.30
C ASP A 17 -23.46 -14.89 -4.50
N THR A 18 -24.10 -15.23 -3.38
CA THR A 18 -24.59 -14.25 -2.43
C THR A 18 -23.98 -14.58 -1.07
N VAL A 19 -24.04 -13.63 -0.15
CA VAL A 19 -23.41 -13.82 1.13
C VAL A 19 -24.07 -14.97 1.90
N LEU A 20 -25.39 -15.13 1.72
CA LEU A 20 -26.13 -16.23 2.34
C LEU A 20 -26.09 -17.54 1.56
N GLU A 21 -26.00 -17.48 0.23
CA GLU A 21 -26.15 -18.67 -0.59
C GLU A 21 -25.25 -18.68 -1.82
N LYS A 22 -24.62 -19.84 -2.06
CA LYS A 22 -23.78 -20.06 -3.24
C LYS A 22 -24.61 -20.38 -4.49
N ASN A 23 -24.08 -20.01 -5.65
CA ASN A 23 -24.57 -20.50 -6.94
C ASN A 23 -26.08 -20.32 -7.15
N VAL A 24 -26.56 -19.11 -6.92
CA VAL A 24 -27.97 -18.78 -7.15
C VAL A 24 -28.21 -18.46 -8.62
N THR A 25 -29.13 -19.19 -9.25
CA THR A 25 -29.48 -18.94 -10.64
C THR A 25 -30.37 -17.71 -10.76
N VAL A 26 -29.97 -16.77 -11.62
CA VAL A 26 -30.67 -15.50 -11.78
C VAL A 26 -31.04 -15.26 -13.23
N THR A 27 -32.05 -14.42 -13.45
CA THR A 27 -32.57 -14.19 -14.80
C THR A 27 -31.62 -13.31 -15.61
N HIS A 28 -30.95 -12.37 -14.94
CA HIS A 28 -30.02 -11.46 -15.60
C HIS A 28 -28.84 -11.15 -14.69
N SER A 29 -27.67 -10.95 -15.28
CA SER A 29 -26.47 -10.64 -14.52
C SER A 29 -25.44 -9.94 -15.40
N VAL A 30 -24.45 -9.31 -14.76
CA VAL A 30 -23.36 -8.64 -15.47
C VAL A 30 -21.99 -9.00 -14.87
N ASN A 31 -20.98 -9.07 -15.72
CA ASN A 31 -19.65 -9.42 -15.29
C ASN A 31 -18.86 -8.17 -14.87
N LEU A 32 -18.28 -8.21 -13.67
CA LEU A 32 -17.42 -7.12 -13.19
C LEU A 32 -15.92 -7.39 -13.36
N LEU A 33 -15.58 -8.59 -13.82
CA LEU A 33 -14.19 -9.06 -13.84
C LEU A 33 -13.71 -9.30 -15.25
N GLU A 34 -12.68 -8.59 -15.68
CA GLU A 34 -12.11 -8.81 -16.99
C GLU A 34 -11.16 -10.00 -16.89
N ASP A 35 -11.57 -11.13 -17.50
CA ASP A 35 -10.78 -12.36 -17.46
C ASP A 35 -10.13 -12.72 -18.79
N SER A 36 -10.22 -11.86 -19.80
CA SER A 36 -9.62 -12.19 -21.09
C SER A 36 -8.70 -11.10 -21.65
N HIS A 37 -7.83 -11.54 -22.55
CA HIS A 37 -6.88 -10.65 -23.23
C HIS A 37 -6.74 -11.07 -24.68
N ASN A 38 -6.15 -10.21 -25.51
CA ASN A 38 -6.08 -10.43 -26.96
C ASN A 38 -4.78 -11.10 -27.42
N GLY A 39 -3.95 -11.49 -26.47
CA GLY A 39 -2.73 -12.24 -26.76
C GLY A 39 -1.66 -11.44 -27.50
N LYS A 40 -1.81 -10.12 -27.55
CA LYS A 40 -0.90 -9.25 -28.30
C LYS A 40 -0.30 -8.11 -27.47
N LEU A 41 0.86 -7.63 -27.89
CA LEU A 41 1.42 -6.40 -27.38
C LEU A 41 0.97 -5.29 -28.31
N CYS A 42 0.26 -4.31 -27.77
CA CYS A 42 -0.39 -3.29 -28.58
C CYS A 42 0.21 -1.92 -28.39
N LYS A 43 -0.31 -0.96 -29.15
CA LYS A 43 0.05 0.42 -29.01
C LYS A 43 -0.64 0.92 -27.76
N LEU A 44 0.11 1.70 -27.00
CA LEU A 44 -0.40 2.38 -25.83
C LEU A 44 -0.45 3.88 -26.12
N LYS A 45 -1.56 4.53 -25.80
CA LYS A 45 -1.73 5.94 -26.11
C LYS A 45 -1.59 6.15 -27.63
N GLY A 46 -2.04 5.18 -28.42
CA GLY A 46 -1.93 5.30 -29.86
C GLY A 46 -0.50 5.23 -30.37
N ILE A 47 0.43 4.84 -29.51
CA ILE A 47 1.84 4.79 -29.87
C ILE A 47 2.42 3.40 -29.63
N ALA A 48 3.14 2.89 -30.63
CA ALA A 48 3.78 1.58 -30.55
C ALA A 48 4.93 1.53 -29.54
N PRO A 49 5.17 0.34 -28.98
CA PRO A 49 6.34 0.20 -28.11
C PRO A 49 7.63 0.16 -28.89
N LEU A 50 8.73 0.39 -28.20
CA LEU A 50 10.06 0.17 -28.75
C LEU A 50 10.36 -1.32 -28.84
N GLN A 51 10.79 -1.76 -30.03
CA GLN A 51 11.22 -3.14 -30.26
C GLN A 51 12.70 -3.19 -30.62
N LEU A 52 13.46 -3.97 -29.85
CA LEU A 52 14.92 -4.03 -29.95
C LEU A 52 15.52 -5.25 -30.66
N GLY A 53 14.69 -6.13 -31.21
CA GLY A 53 15.21 -7.27 -31.96
C GLY A 53 16.01 -8.24 -31.09
N LYS A 54 17.25 -8.50 -31.50
CA LYS A 54 18.14 -9.43 -30.78
C LYS A 54 18.80 -8.84 -29.53
N CYS A 55 18.61 -7.54 -29.31
CA CYS A 55 19.36 -6.82 -28.29
C CYS A 55 18.50 -6.40 -27.13
N ASN A 56 19.13 -6.25 -25.98
CA ASN A 56 18.49 -5.62 -24.83
C ASN A 56 18.77 -4.11 -24.87
N ILE A 57 18.25 -3.37 -23.91
CA ILE A 57 18.36 -1.91 -23.95
C ILE A 57 19.83 -1.46 -23.96
N ALA A 58 20.67 -2.12 -23.17
CA ALA A 58 22.10 -1.80 -23.12
C ALA A 58 22.79 -1.97 -24.48
N GLY A 59 22.54 -3.09 -25.15
CA GLY A 59 23.17 -3.34 -26.45
C GLY A 59 22.71 -2.34 -27.50
N TRP A 60 21.44 -1.98 -27.44
CA TRP A 60 20.85 -1.00 -28.33
C TRP A 60 21.49 0.38 -28.10
N LEU A 61 21.54 0.82 -26.84
CA LEU A 61 22.11 2.14 -26.53
C LEU A 61 23.60 2.21 -26.84
N LEU A 62 24.34 1.16 -26.53
CA LEU A 62 25.79 1.19 -26.74
C LEU A 62 26.17 0.95 -28.20
N GLY A 63 25.24 0.38 -28.96
CA GLY A 63 25.53 0.01 -30.33
C GLY A 63 26.30 -1.30 -30.46
N ASN A 64 25.88 -2.31 -29.70
CA ASN A 64 26.38 -3.67 -29.90
C ASN A 64 26.26 -4.00 -31.39
N PRO A 65 27.34 -4.50 -32.01
CA PRO A 65 27.33 -4.69 -33.48
C PRO A 65 26.18 -5.60 -33.97
N GLU A 66 25.66 -6.45 -33.10
CA GLU A 66 24.54 -7.31 -33.45
C GLU A 66 23.20 -6.56 -33.43
N CYS A 67 23.24 -5.32 -32.94
CA CYS A 67 22.05 -4.44 -32.90
C CYS A 67 21.93 -3.59 -34.15
N ASP A 68 22.75 -3.86 -35.15
CA ASP A 68 22.83 -3.04 -36.36
C ASP A 68 21.45 -2.88 -37.02
N LEU A 69 20.46 -3.63 -36.57
CA LEU A 69 19.08 -3.38 -36.96
C LEU A 69 18.85 -1.89 -36.73
N LEU A 70 18.62 -1.16 -37.82
CA LEU A 70 18.61 0.30 -37.80
C LEU A 70 17.26 0.90 -37.47
N LEU A 71 16.20 0.10 -37.53
CA LEU A 71 14.87 0.66 -37.33
C LEU A 71 14.45 0.60 -35.88
N THR A 72 14.47 1.78 -35.28
CA THR A 72 14.02 2.04 -33.93
C THR A 72 13.12 3.23 -34.16
N ALA A 73 12.06 3.41 -33.38
CA ALA A 73 11.19 4.55 -33.66
C ALA A 73 11.80 5.82 -33.10
N SER A 74 11.19 6.94 -33.46
CA SER A 74 11.59 8.23 -32.94
C SER A 74 10.83 8.51 -31.65
N SER A 75 9.83 7.68 -31.37
CA SER A 75 9.04 7.79 -30.14
C SER A 75 8.49 6.42 -29.74
N TRP A 76 8.22 6.24 -28.44
CA TRP A 76 7.55 5.03 -27.98
C TRP A 76 6.85 5.24 -26.64
N SER A 77 5.78 4.48 -26.41
CA SER A 77 4.99 4.56 -25.18
C SER A 77 5.42 3.60 -24.08
N TYR A 78 6.19 2.59 -24.47
CA TYR A 78 6.80 1.66 -23.54
C TYR A 78 7.81 0.85 -24.32
N ILE A 79 8.54 -0.03 -23.65
CA ILE A 79 9.61 -0.81 -24.28
C ILE A 79 9.32 -2.30 -24.09
N VAL A 80 9.55 -3.04 -25.16
CA VAL A 80 9.37 -4.48 -25.13
C VAL A 80 10.73 -5.16 -25.19
N GLU A 81 10.97 -6.05 -24.23
CA GLU A 81 12.07 -7.00 -24.34
C GLU A 81 11.49 -8.41 -24.42
N THR A 82 12.22 -9.32 -25.05
CA THR A 82 11.74 -10.69 -25.27
C THR A 82 12.75 -11.71 -24.75
N SER A 83 12.43 -13.00 -24.92
CA SER A 83 13.38 -14.05 -24.57
C SER A 83 14.56 -14.02 -25.56
N ASN A 84 14.39 -13.31 -26.66
CA ASN A 84 15.45 -13.15 -27.65
C ASN A 84 16.31 -11.90 -27.46
N SER A 85 16.09 -11.12 -26.40
CA SER A 85 16.92 -9.93 -26.30
C SER A 85 18.16 -10.36 -25.56
N GLU A 86 19.14 -10.84 -26.33
CA GLU A 86 20.35 -11.43 -25.75
C GLU A 86 21.60 -10.57 -25.85
N ASN A 87 21.62 -9.61 -26.75
CA ASN A 87 22.86 -8.92 -27.05
C ASN A 87 22.90 -7.57 -26.35
N GLY A 88 23.71 -7.57 -25.31
CA GLY A 88 23.95 -6.50 -24.36
C GLY A 88 25.33 -5.89 -24.52
N THR A 89 25.95 -5.71 -23.35
CA THR A 89 27.35 -5.36 -23.31
C THR A 89 28.19 -6.56 -23.71
N CYS A 90 28.84 -6.48 -24.88
CA CYS A 90 29.57 -7.63 -25.40
C CYS A 90 30.95 -7.71 -24.77
N TYR A 91 31.48 -6.55 -24.40
CA TYR A 91 32.67 -6.51 -23.57
C TYR A 91 32.21 -6.50 -22.12
N PRO A 92 32.68 -7.47 -21.31
CA PRO A 92 32.10 -7.66 -19.97
C PRO A 92 32.36 -6.50 -19.02
N GLY A 93 31.41 -6.28 -18.11
CA GLY A 93 31.56 -5.28 -17.07
C GLY A 93 30.20 -4.83 -16.55
N ASP A 94 30.21 -3.78 -15.72
CA ASP A 94 28.97 -3.27 -15.13
C ASP A 94 28.42 -2.06 -15.86
N PHE A 95 27.12 -2.05 -16.07
CA PHE A 95 26.42 -0.89 -16.62
C PHE A 95 25.82 -0.17 -15.43
N ILE A 96 26.39 0.98 -15.08
CA ILE A 96 26.03 1.63 -13.84
C ILE A 96 24.68 2.37 -13.93
N ASP A 97 23.87 2.17 -12.90
CA ASP A 97 22.52 2.71 -12.80
C ASP A 97 21.70 2.33 -14.03
N TYR A 98 21.85 1.07 -14.44
CA TYR A 98 21.20 0.53 -15.62
C TYR A 98 19.68 0.54 -15.46
N GLU A 99 19.18 0.08 -14.31
CA GLU A 99 17.73 0.03 -14.09
C GLU A 99 17.12 1.44 -14.08
N GLU A 100 17.85 2.40 -13.50
CA GLU A 100 17.37 3.77 -13.49
C GLU A 100 17.21 4.30 -14.91
N LEU A 101 18.18 4.02 -15.76
CA LEU A 101 18.14 4.45 -17.14
C LEU A 101 16.99 3.82 -17.92
N ARG A 102 16.82 2.52 -17.75
CA ARG A 102 15.73 1.79 -18.42
C ARG A 102 14.37 2.41 -18.04
N GLU A 103 14.21 2.71 -16.76
CA GLU A 103 13.01 3.33 -16.24
C GLU A 103 12.82 4.71 -16.88
N GLN A 104 13.89 5.49 -16.91
CA GLN A 104 13.82 6.87 -17.38
C GLN A 104 13.66 6.98 -18.90
N LEU A 105 14.02 5.92 -19.62
CA LEU A 105 13.83 5.88 -21.07
C LEU A 105 12.57 5.13 -21.50
N SER A 106 11.74 4.69 -20.56
CA SER A 106 10.61 3.80 -20.89
C SER A 106 9.57 4.44 -21.82
N SER A 107 9.41 5.77 -21.78
CA SER A 107 8.64 6.44 -22.83
C SER A 107 9.28 7.77 -23.24
N VAL A 108 9.25 8.06 -24.54
CA VAL A 108 9.83 9.28 -25.08
C VAL A 108 8.97 9.78 -26.24
N SER A 109 8.94 11.10 -26.44
CA SER A 109 8.17 11.67 -27.54
C SER A 109 9.02 12.06 -28.74
N SER A 110 10.33 12.12 -28.55
CA SER A 110 11.25 12.31 -29.65
C SER A 110 12.57 11.68 -29.25
N PHE A 111 13.22 11.03 -30.21
CA PHE A 111 14.46 10.36 -29.94
C PHE A 111 15.30 10.42 -31.21
N GLU A 112 16.54 10.86 -31.12
CA GLU A 112 17.40 10.89 -32.30
C GLU A 112 18.82 10.58 -31.90
N LYS A 113 19.48 9.78 -32.71
CA LYS A 113 20.91 9.53 -32.56
C LYS A 113 21.68 10.55 -33.37
N PHE A 114 22.79 11.03 -32.82
CA PHE A 114 23.66 11.94 -33.56
C PHE A 114 25.10 11.73 -33.17
N GLU A 115 26.00 12.27 -33.98
CA GLU A 115 27.41 12.05 -33.76
C GLU A 115 27.93 13.16 -32.85
N ILE A 116 28.23 12.80 -31.59
CA ILE A 116 28.59 13.80 -30.61
C ILE A 116 30.07 14.17 -30.73
N PHE A 117 30.92 13.18 -30.92
CA PHE A 117 32.37 13.37 -31.09
C PHE A 117 32.84 12.58 -32.30
N PRO A 118 32.81 13.21 -33.50
CA PRO A 118 33.19 12.47 -34.70
C PRO A 118 34.55 11.79 -34.60
N LYS A 119 34.58 10.51 -34.94
CA LYS A 119 35.79 9.70 -34.83
C LYS A 119 36.97 10.28 -35.60
N THR A 120 36.70 10.75 -36.81
CA THR A 120 37.76 11.16 -37.72
C THR A 120 38.48 12.42 -37.23
N SER A 121 37.73 13.42 -36.78
CA SER A 121 38.32 14.69 -36.35
C SER A 121 38.50 14.96 -34.83
N SER A 122 38.00 14.09 -33.95
CA SER A 122 37.95 14.44 -32.53
C SER A 122 39.22 14.13 -31.73
N TRP A 123 40.07 13.24 -32.24
CA TRP A 123 41.16 12.70 -31.43
C TRP A 123 42.48 12.58 -32.21
N PRO A 124 43.05 13.73 -32.62
CA PRO A 124 44.28 13.74 -33.44
C PRO A 124 45.48 13.16 -32.70
N ASN A 125 45.48 13.27 -31.38
CA ASN A 125 46.61 12.84 -30.57
C ASN A 125 46.47 11.44 -29.93
N HIS A 126 45.42 10.71 -30.30
CA HIS A 126 45.20 9.36 -29.78
C HIS A 126 44.79 8.36 -30.86
N GLU A 127 45.05 7.07 -30.63
CA GLU A 127 44.61 6.02 -31.54
C GLU A 127 43.13 5.68 -31.31
N THR A 128 42.35 5.68 -32.38
CA THR A 128 40.93 5.34 -32.34
C THR A 128 40.57 3.94 -32.86
N THR A 129 41.55 3.13 -33.22
CA THR A 129 41.31 1.91 -33.99
C THR A 129 40.96 0.65 -33.18
N GLY A 130 40.94 0.77 -31.86
CA GLY A 130 40.75 -0.39 -31.00
C GLY A 130 39.49 -1.20 -31.24
N VAL A 131 39.67 -2.52 -31.38
CA VAL A 131 38.56 -3.44 -31.49
C VAL A 131 38.76 -4.60 -30.53
N THR A 132 37.79 -5.51 -30.48
CA THR A 132 37.88 -6.66 -29.61
C THR A 132 37.08 -7.83 -30.20
N ALA A 133 37.60 -9.04 -30.03
CA ALA A 133 36.90 -10.25 -30.46
C ALA A 133 35.61 -10.43 -29.66
N ALA A 134 35.53 -9.80 -28.50
CA ALA A 134 34.35 -9.92 -27.64
C ALA A 134 33.15 -9.23 -28.30
N CYS A 135 33.41 -8.18 -29.07
CA CYS A 135 32.37 -7.59 -29.90
C CYS A 135 32.72 -7.79 -31.37
N SER A 136 32.14 -8.82 -31.97
CA SER A 136 32.50 -9.21 -33.33
C SER A 136 31.33 -8.96 -34.25
N TYR A 137 31.64 -8.67 -35.51
CA TYR A 137 30.62 -8.55 -36.54
C TYR A 137 31.17 -9.18 -37.83
N ALA A 138 30.37 -10.04 -38.44
CA ALA A 138 30.76 -10.71 -39.69
C ALA A 138 32.09 -11.44 -39.53
N GLY A 139 32.29 -12.05 -38.37
CA GLY A 139 33.44 -12.90 -38.13
C GLY A 139 34.74 -12.16 -37.86
N ALA A 140 34.65 -10.84 -37.72
CA ALA A 140 35.83 -10.01 -37.44
C ALA A 140 35.67 -9.24 -36.13
N SER A 141 36.78 -9.02 -35.45
CA SER A 141 36.78 -8.20 -34.25
C SER A 141 36.27 -6.81 -34.60
N SER A 142 35.46 -6.25 -33.70
CA SER A 142 34.80 -4.98 -33.95
C SER A 142 34.62 -4.27 -32.60
N PHE A 143 33.76 -3.26 -32.57
CA PHE A 143 33.48 -2.55 -31.33
C PHE A 143 32.08 -1.92 -31.36
N TYR A 144 31.63 -1.49 -30.18
CA TYR A 144 30.37 -0.76 -30.07
C TYR A 144 30.32 0.36 -31.11
N ARG A 145 29.18 0.53 -31.77
CA ARG A 145 29.05 1.53 -32.82
C ARG A 145 28.97 2.96 -32.27
N ASN A 146 28.51 3.09 -31.03
CA ASN A 146 28.28 4.41 -30.44
C ASN A 146 29.39 4.89 -29.50
N LEU A 147 30.41 4.05 -29.33
CA LEU A 147 31.57 4.36 -28.49
C LEU A 147 32.85 4.20 -29.29
N LEU A 148 33.92 4.80 -28.79
CA LEU A 148 35.23 4.70 -29.44
C LEU A 148 36.31 4.30 -28.43
N TRP A 149 37.13 3.32 -28.78
CA TRP A 149 38.19 2.88 -27.87
C TRP A 149 39.45 3.69 -28.13
N LEU A 150 39.79 4.58 -27.20
CA LEU A 150 40.98 5.41 -27.35
C LEU A 150 42.18 4.72 -26.71
N THR A 151 43.27 4.63 -27.45
CA THR A 151 44.51 4.07 -26.92
C THR A 151 45.68 5.00 -27.24
N LYS A 152 46.86 4.66 -26.73
CA LYS A 152 48.01 5.54 -26.86
C LYS A 152 48.49 5.58 -28.30
N LYS A 153 48.96 6.75 -28.71
CA LYS A 153 49.53 6.93 -30.02
C LYS A 153 51.05 6.98 -29.91
N GLY A 154 51.70 5.96 -30.44
CA GLY A 154 53.15 5.94 -30.54
C GLY A 154 53.82 6.16 -29.20
N SER A 155 53.47 5.33 -28.22
CA SER A 155 54.07 5.40 -26.90
C SER A 155 53.70 6.65 -26.10
N SER A 156 52.69 7.40 -26.52
CA SER A 156 52.22 8.53 -25.74
C SER A 156 50.69 8.60 -25.64
N TYR A 157 50.19 8.85 -24.43
CA TYR A 157 48.76 9.11 -24.23
C TYR A 157 48.65 10.44 -23.50
N PRO A 158 48.66 11.54 -24.26
CA PRO A 158 48.59 12.85 -23.60
C PRO A 158 47.24 13.08 -22.98
N LYS A 159 47.16 13.96 -21.98
CA LYS A 159 45.87 14.31 -21.41
C LYS A 159 44.99 14.86 -22.51
N LEU A 160 43.78 14.31 -22.63
CA LEU A 160 42.81 14.78 -23.60
C LEU A 160 41.77 15.61 -22.87
N SER A 161 41.23 16.61 -23.57
CA SER A 161 40.12 17.40 -23.06
C SER A 161 39.11 17.63 -24.20
N LYS A 162 37.87 17.21 -23.99
CA LYS A 162 36.85 17.34 -25.04
C LYS A 162 35.53 17.76 -24.45
N SER A 163 34.92 18.78 -25.03
CA SER A 163 33.67 19.31 -24.53
C SER A 163 32.60 19.29 -25.61
N TYR A 164 31.36 19.05 -25.19
CA TYR A 164 30.22 19.14 -26.07
C TYR A 164 29.17 20.06 -25.47
N VAL A 165 28.68 21.00 -26.27
CA VAL A 165 27.61 21.90 -25.86
C VAL A 165 26.30 21.40 -26.41
N ASN A 166 25.27 21.31 -25.56
CA ASN A 166 24.01 20.78 -26.01
C ASN A 166 23.13 21.90 -26.53
N ASN A 167 23.08 21.98 -27.85
CA ASN A 167 22.23 22.94 -28.57
C ASN A 167 20.95 22.31 -29.11
N LYS A 168 20.72 21.04 -28.76
CA LYS A 168 19.62 20.27 -29.34
C LYS A 168 18.23 20.68 -28.87
N GLY A 169 18.15 21.53 -27.85
CA GLY A 169 16.87 21.98 -27.36
C GLY A 169 16.12 20.93 -26.57
N LYS A 170 16.83 19.86 -26.23
CA LYS A 170 16.26 18.81 -25.40
C LYS A 170 17.40 18.06 -24.73
N GLU A 171 17.06 17.11 -23.89
CA GLU A 171 18.07 16.35 -23.17
C GLU A 171 18.94 15.59 -24.14
N VAL A 172 20.22 15.48 -23.81
CA VAL A 172 21.12 14.61 -24.55
C VAL A 172 21.62 13.51 -23.61
N LEU A 173 21.34 12.27 -23.98
CA LEU A 173 21.85 11.13 -23.24
C LEU A 173 23.23 10.80 -23.76
N VAL A 174 24.22 10.97 -22.89
CA VAL A 174 25.60 10.72 -23.23
C VAL A 174 26.04 9.45 -22.52
N LEU A 175 26.57 8.50 -23.28
CA LEU A 175 27.11 7.27 -22.69
C LEU A 175 28.60 7.16 -22.93
N TRP A 176 29.31 6.59 -21.96
CA TRP A 176 30.72 6.31 -22.12
C TRP A 176 31.10 5.10 -21.29
N GLY A 177 32.37 4.75 -21.35
CA GLY A 177 32.86 3.63 -20.60
C GLY A 177 34.24 3.87 -20.08
N VAL A 178 34.61 3.05 -19.11
CA VAL A 178 35.93 3.05 -18.53
C VAL A 178 36.45 1.62 -18.58
N HIS A 179 37.60 1.44 -19.22
CA HIS A 179 38.20 0.10 -19.37
C HIS A 179 39.13 -0.23 -18.21
N HIS A 180 39.08 -1.47 -17.75
CA HIS A 180 39.86 -1.92 -16.61
C HIS A 180 40.73 -3.10 -17.00
N PRO A 181 41.99 -2.83 -17.37
CA PRO A 181 42.89 -3.92 -17.73
C PRO A 181 43.08 -4.90 -16.56
N PRO A 182 43.40 -6.16 -16.83
CA PRO A 182 43.65 -7.14 -15.76
C PRO A 182 44.99 -6.95 -15.04
N THR A 183 45.96 -6.32 -15.70
CA THR A 183 47.30 -6.13 -15.16
C THR A 183 47.85 -4.72 -15.41
N GLY A 184 48.87 -4.34 -14.64
CA GLY A 184 49.51 -3.05 -14.83
C GLY A 184 50.29 -3.00 -16.14
N THR A 185 50.73 -4.16 -16.61
CA THR A 185 51.45 -4.23 -17.87
C THR A 185 50.52 -3.90 -19.04
N ASP A 186 49.30 -4.42 -18.98
CA ASP A 186 48.28 -4.13 -20.00
C ASP A 186 47.89 -2.65 -19.96
N GLN A 187 47.77 -2.09 -18.76
CA GLN A 187 47.48 -0.66 -18.59
C GLN A 187 48.47 0.21 -19.36
N GLN A 188 49.76 -0.01 -19.14
CA GLN A 188 50.79 0.79 -19.81
C GLN A 188 50.82 0.49 -21.31
N SER A 189 50.61 -0.77 -21.66
CA SER A 189 50.63 -1.18 -23.05
C SER A 189 49.52 -0.46 -23.83
N LEU A 190 48.37 -0.28 -23.20
CA LEU A 190 47.24 0.40 -23.82
C LEU A 190 47.34 1.93 -23.68
N TYR A 191 47.36 2.41 -22.44
CA TYR A 191 47.26 3.85 -22.15
C TYR A 191 48.54 4.58 -21.70
N GLN A 192 49.61 3.81 -21.54
CA GLN A 192 50.96 4.28 -21.15
C GLN A 192 51.08 4.77 -19.71
N ASN A 193 49.98 5.28 -19.13
CA ASN A 193 50.02 5.90 -17.81
C ASN A 193 49.43 5.01 -16.72
N ALA A 194 50.26 4.57 -15.78
CA ALA A 194 49.80 3.77 -14.66
C ALA A 194 48.85 4.56 -13.75
N ASP A 195 49.06 5.87 -13.71
CA ASP A 195 48.31 6.78 -12.83
C ASP A 195 47.03 7.33 -13.49
N ALA A 196 46.64 6.76 -14.62
CA ALA A 196 45.57 7.31 -15.44
C ALA A 196 44.23 7.53 -14.71
N TYR A 197 43.48 8.53 -15.16
CA TYR A 197 42.15 8.79 -14.66
C TYR A 197 41.22 9.29 -15.78
N VAL A 198 39.92 9.22 -15.52
CA VAL A 198 38.92 9.82 -16.40
C VAL A 198 38.07 10.79 -15.59
N SER A 199 37.89 12.00 -16.11
CA SER A 199 37.02 13.00 -15.48
C SER A 199 35.89 13.38 -16.41
N VAL A 200 34.67 13.37 -15.87
CA VAL A 200 33.51 13.80 -16.63
C VAL A 200 32.80 14.86 -15.82
N GLY A 201 32.46 15.97 -16.46
CA GLY A 201 31.71 17.00 -15.76
C GLY A 201 30.83 17.87 -16.62
N SER A 202 29.77 18.35 -15.97
CA SER A 202 28.80 19.24 -16.57
C SER A 202 28.39 20.19 -15.46
N SER A 203 27.34 20.96 -15.66
CA SER A 203 26.85 21.84 -14.60
C SER A 203 26.26 21.05 -13.42
N LYS A 204 25.53 19.97 -13.73
CA LYS A 204 24.96 19.07 -12.73
C LYS A 204 25.84 17.87 -12.34
N TYR A 205 26.53 17.30 -13.32
CA TYR A 205 27.31 16.06 -13.15
C TYR A 205 28.81 16.28 -12.90
N ASN A 206 29.37 15.63 -11.87
CA ASN A 206 30.83 15.61 -11.68
C ASN A 206 31.32 14.26 -11.17
N ARG A 207 32.13 13.55 -11.95
CA ARG A 207 32.64 12.26 -11.49
C ARG A 207 34.01 11.95 -12.08
N ARG A 208 34.84 11.30 -11.27
CA ARG A 208 36.18 10.87 -11.67
C ARG A 208 36.28 9.36 -11.55
N PHE A 209 36.86 8.74 -12.57
CA PHE A 209 37.04 7.30 -12.61
C PHE A 209 38.52 6.96 -12.72
N THR A 210 38.96 5.95 -11.96
CA THR A 210 40.34 5.42 -12.07
C THR A 210 40.27 3.92 -12.31
N PRO A 211 41.20 3.38 -13.11
CA PRO A 211 41.17 1.94 -13.37
C PRO A 211 41.35 1.10 -12.12
N GLU A 212 40.54 0.04 -11.98
CA GLU A 212 40.70 -0.92 -10.91
C GLU A 212 41.32 -2.15 -11.52
N ILE A 213 42.61 -2.32 -11.26
CA ILE A 213 43.42 -3.37 -11.88
C ILE A 213 43.46 -4.60 -10.98
N ALA A 214 42.93 -5.72 -11.47
CA ALA A 214 42.94 -6.95 -10.69
C ALA A 214 43.00 -8.17 -11.60
N ALA A 215 43.71 -9.20 -11.14
CA ALA A 215 43.66 -10.50 -11.82
C ALA A 215 42.22 -10.99 -11.72
N ARG A 216 41.66 -11.36 -12.87
CA ARG A 216 40.27 -11.78 -12.99
C ARG A 216 40.08 -12.91 -13.99
N PRO A 217 39.01 -13.70 -13.85
CA PRO A 217 38.62 -14.73 -14.82
C PRO A 217 38.20 -14.13 -16.15
N LYS A 218 38.36 -14.88 -17.24
CA LYS A 218 37.94 -14.42 -18.54
C LYS A 218 36.44 -14.55 -18.67
N VAL A 219 35.79 -13.48 -19.16
CA VAL A 219 34.38 -13.51 -19.51
C VAL A 219 34.25 -13.19 -21.00
N ARG A 220 33.59 -14.06 -21.75
CA ARG A 220 33.59 -13.98 -23.21
C ARG A 220 35.03 -13.89 -23.69
N ASP A 221 35.90 -14.65 -23.03
CA ASP A 221 37.33 -14.73 -23.31
C ASP A 221 38.09 -13.41 -23.10
N GLN A 222 37.55 -12.55 -22.26
CA GLN A 222 38.20 -11.29 -21.91
C GLN A 222 38.51 -11.23 -20.42
N ALA A 223 39.80 -11.07 -20.08
CA ALA A 223 40.17 -10.86 -18.69
C ALA A 223 39.92 -9.42 -18.29
N GLY A 224 39.81 -8.54 -19.28
CA GLY A 224 39.50 -7.14 -19.03
C GLY A 224 38.04 -6.92 -18.73
N ARG A 225 37.73 -5.71 -18.26
CA ARG A 225 36.35 -5.30 -18.01
C ARG A 225 36.17 -3.86 -18.52
N MET A 226 34.94 -3.54 -18.90
CA MET A 226 34.54 -2.17 -19.16
C MET A 226 33.28 -1.82 -18.36
N ASN A 227 33.34 -0.77 -17.56
CA ASN A 227 32.13 -0.26 -16.92
C ASN A 227 31.53 0.84 -17.78
N TYR A 228 30.20 0.88 -17.83
CA TYR A 228 29.48 1.80 -18.69
C TYR A 228 28.70 2.79 -17.83
N TYR A 229 28.76 4.06 -18.22
CA TYR A 229 28.15 5.16 -17.49
C TYR A 229 27.34 6.04 -18.43
N TRP A 230 26.47 6.86 -17.85
CA TRP A 230 25.60 7.74 -18.62
C TRP A 230 25.17 8.94 -17.81
N THR A 231 24.76 10.01 -18.49
CA THR A 231 24.12 11.12 -17.82
C THR A 231 23.22 11.81 -18.84
N LEU A 232 22.14 12.42 -18.35
CA LEU A 232 21.27 13.21 -19.21
C LEU A 232 21.71 14.68 -19.12
N LEU A 233 22.27 15.19 -20.22
CA LEU A 233 22.77 16.55 -20.31
C LEU A 233 21.65 17.52 -20.71
N GLU A 234 21.40 18.54 -19.90
CA GLU A 234 20.29 19.46 -20.15
C GLU A 234 20.53 20.37 -21.33
N PRO A 235 19.45 20.85 -21.96
CA PRO A 235 19.59 21.81 -23.05
C PRO A 235 20.40 23.01 -22.59
N GLY A 236 21.42 23.38 -23.36
CA GLY A 236 22.25 24.53 -23.07
C GLY A 236 23.47 24.24 -22.22
N ASP A 237 23.45 23.13 -21.48
CA ASP A 237 24.60 22.79 -20.63
C ASP A 237 25.73 22.21 -21.47
N THR A 238 26.93 22.21 -20.90
CA THR A 238 28.10 21.63 -21.52
C THR A 238 28.57 20.40 -20.73
N ILE A 239 29.05 19.37 -21.44
CA ILE A 239 29.73 18.24 -20.79
C ILE A 239 31.17 18.17 -21.26
N THR A 240 32.09 17.94 -20.33
CA THR A 240 33.52 17.93 -20.61
C THR A 240 34.19 16.64 -20.14
N PHE A 241 34.88 15.97 -21.08
CA PHE A 241 35.65 14.77 -20.78
C PHE A 241 37.14 15.08 -20.73
N GLU A 242 37.79 14.67 -19.65
CA GLU A 242 39.24 14.69 -19.57
C GLU A 242 39.76 13.32 -19.17
N ALA A 243 40.83 12.89 -19.83
CA ALA A 243 41.40 11.58 -19.55
C ALA A 243 42.89 11.50 -19.83
N THR A 244 43.61 10.81 -18.95
CA THR A 244 44.98 10.37 -19.18
C THR A 244 45.02 8.89 -19.56
N GLY A 245 43.85 8.27 -19.68
CA GLY A 245 43.77 6.88 -20.10
C GLY A 245 42.41 6.27 -19.84
N ASN A 246 42.21 5.07 -20.39
CA ASN A 246 41.09 4.20 -20.00
C ASN A 246 39.70 4.69 -20.41
N LEU A 247 39.63 5.83 -21.09
CA LEU A 247 38.33 6.33 -21.53
C LEU A 247 37.86 5.62 -22.78
N ILE A 248 36.65 5.09 -22.71
CA ILE A 248 35.95 4.63 -23.90
C ILE A 248 34.98 5.74 -24.23
N ALA A 249 35.30 6.49 -25.29
CA ALA A 249 34.72 7.80 -25.50
C ALA A 249 33.37 7.73 -26.21
N PRO A 250 32.47 8.69 -25.92
CA PRO A 250 31.27 8.81 -26.73
C PRO A 250 31.65 9.06 -28.19
N TRP A 251 30.91 8.42 -29.10
CA TRP A 251 31.04 8.67 -30.53
C TRP A 251 29.69 9.21 -30.98
N TYR A 252 28.66 8.40 -30.80
CA TYR A 252 27.28 8.83 -30.98
C TYR A 252 26.57 8.95 -29.63
N ALA A 253 25.63 9.88 -29.56
CA ALA A 253 24.79 10.08 -28.39
C ALA A 253 23.35 10.26 -28.86
N PHE A 254 22.43 10.46 -27.92
CA PHE A 254 21.01 10.55 -28.24
C PHE A 254 20.37 11.83 -27.70
N ALA A 255 19.67 12.57 -28.56
CA ALA A 255 18.87 13.70 -28.12
C ALA A 255 17.44 13.22 -28.01
N LEU A 256 16.75 13.61 -26.93
CA LEU A 256 15.43 13.07 -26.65
C LEU A 256 14.57 13.96 -25.76
N ASN A 257 13.25 13.77 -25.87
CA ASN A 257 12.28 14.29 -24.91
C ASN A 257 11.62 13.15 -24.18
N ARG A 258 11.94 13.01 -22.91
CA ARG A 258 11.35 11.96 -22.10
C ARG A 258 9.88 12.21 -21.82
N GLY A 259 9.12 11.13 -21.85
CA GLY A 259 7.76 11.12 -21.34
C GLY A 259 7.84 10.81 -19.85
N SER A 260 6.81 10.18 -19.30
CA SER A 260 6.82 9.79 -17.90
C SER A 260 5.88 8.62 -17.65
N GLY A 261 6.11 7.93 -16.53
CA GLY A 261 5.14 6.98 -16.01
C GLY A 261 5.00 5.65 -16.74
N SER A 262 5.87 5.37 -17.70
CA SER A 262 5.85 4.08 -18.40
C SER A 262 6.78 3.02 -17.81
N GLY A 263 7.02 1.94 -18.57
CA GLY A 263 7.88 0.87 -18.13
C GLY A 263 8.26 -0.10 -19.23
N ILE A 264 8.80 -1.25 -18.83
CA ILE A 264 9.24 -2.30 -19.75
C ILE A 264 8.37 -3.54 -19.58
N ILE A 265 7.88 -4.07 -20.69
CA ILE A 265 7.18 -5.34 -20.69
C ILE A 265 8.09 -6.40 -21.28
N THR A 266 8.25 -7.50 -20.55
CA THR A 266 8.96 -8.65 -21.03
C THR A 266 7.96 -9.73 -21.43
N SER A 267 7.82 -9.92 -22.74
CA SER A 267 6.85 -10.86 -23.29
C SER A 267 7.28 -11.31 -24.68
N ASP A 268 6.95 -12.56 -25.03
CA ASP A 268 7.14 -13.02 -26.40
C ASP A 268 5.84 -12.91 -27.18
N ALA A 269 4.78 -12.36 -26.58
CA ALA A 269 3.55 -12.14 -27.34
C ALA A 269 3.87 -11.21 -28.51
N PRO A 270 3.25 -11.44 -29.68
CA PRO A 270 3.59 -10.63 -30.86
C PRO A 270 3.09 -9.19 -30.79
N VAL A 271 3.90 -8.26 -31.27
CA VAL A 271 3.52 -6.86 -31.31
C VAL A 271 2.62 -6.62 -32.51
N HIS A 272 1.52 -5.91 -32.30
CA HIS A 272 0.56 -5.64 -33.36
C HIS A 272 0.08 -4.19 -33.40
N ASP A 273 -0.64 -3.86 -34.45
CA ASP A 273 -1.08 -2.49 -34.71
C ASP A 273 -2.34 -2.14 -33.92
N CYS A 274 -2.77 -3.06 -33.06
CA CYS A 274 -3.96 -2.84 -32.25
C CYS A 274 -3.73 -1.73 -31.22
N ASN A 275 -4.82 -1.19 -30.69
CA ASN A 275 -4.80 -0.16 -29.67
C ASN A 275 -5.35 -0.63 -28.35
N THR A 276 -4.73 -0.20 -27.26
CA THR A 276 -5.25 -0.50 -25.93
C THR A 276 -4.96 0.63 -24.97
N LYS A 277 -5.74 0.73 -23.90
CA LYS A 277 -5.38 1.59 -22.78
C LYS A 277 -4.66 0.82 -21.67
N CYS A 278 -4.69 -0.51 -21.72
CA CYS A 278 -4.05 -1.34 -20.69
C CYS A 278 -3.33 -2.51 -21.31
N GLN A 279 -2.03 -2.60 -21.03
CA GLN A 279 -1.19 -3.65 -21.56
C GLN A 279 -0.67 -4.56 -20.45
N THR A 280 -0.73 -5.88 -20.70
CA THR A 280 -0.17 -6.89 -19.81
C THR A 280 0.86 -7.69 -20.60
N PRO A 281 1.78 -8.39 -19.91
CA PRO A 281 2.74 -9.26 -20.60
C PRO A 281 2.06 -10.39 -21.39
N HIS A 282 0.87 -10.79 -20.96
CA HIS A 282 0.08 -11.83 -21.65
C HIS A 282 -0.63 -11.29 -22.90
N GLY A 283 -0.99 -10.01 -22.85
CA GLY A 283 -1.68 -9.37 -23.97
C GLY A 283 -2.46 -8.17 -23.46
N ALA A 284 -3.03 -7.39 -24.37
CA ALA A 284 -3.82 -6.22 -23.98
C ALA A 284 -5.19 -6.65 -23.42
N ILE A 285 -5.74 -5.83 -22.53
CA ILE A 285 -7.06 -6.07 -21.98
C ILE A 285 -7.94 -4.84 -22.08
N ASN A 286 -9.24 -5.10 -22.08
CA ASN A 286 -10.28 -4.09 -22.01
C ASN A 286 -10.25 -3.46 -20.61
N SER A 287 -10.29 -2.12 -20.56
CA SER A 287 -10.21 -1.37 -19.31
C SER A 287 -11.53 -0.84 -18.73
N SER A 288 -12.66 -1.19 -19.35
CA SER A 288 -13.96 -0.69 -18.90
C SER A 288 -14.40 -1.22 -17.51
N LEU A 289 -14.12 -2.49 -17.22
CA LEU A 289 -14.52 -3.10 -15.94
C LEU A 289 -13.56 -2.73 -14.81
N PRO A 290 -14.04 -2.77 -13.56
CA PRO A 290 -13.23 -2.36 -12.39
C PRO A 290 -12.10 -3.32 -11.97
N PHE A 291 -12.23 -4.61 -12.29
CA PHE A 291 -11.27 -5.62 -11.83
C PHE A 291 -10.82 -6.51 -12.97
N GLN A 292 -9.58 -7.01 -12.88
CA GLN A 292 -9.04 -7.97 -13.83
C GLN A 292 -8.16 -9.01 -13.13
N ASN A 293 -8.21 -10.26 -13.60
CA ASN A 293 -7.34 -11.33 -13.08
C ASN A 293 -6.23 -11.77 -14.03
N ILE A 294 -5.99 -11.02 -15.10
CA ILE A 294 -4.99 -11.40 -16.10
C ILE A 294 -3.54 -11.35 -15.61
N HIS A 295 -3.16 -10.28 -14.91
CA HIS A 295 -1.77 -10.10 -14.52
C HIS A 295 -1.64 -8.88 -13.61
N PRO A 296 -0.86 -8.99 -12.52
CA PRO A 296 -0.68 -7.87 -11.60
C PRO A 296 0.22 -6.75 -12.14
N VAL A 297 1.15 -7.06 -13.03
CA VAL A 297 2.10 -6.06 -13.49
C VAL A 297 1.66 -5.59 -14.86
N THR A 298 1.11 -4.39 -14.89
CA THR A 298 0.49 -3.85 -16.09
C THR A 298 1.04 -2.47 -16.36
N ILE A 299 0.81 -2.01 -17.59
CA ILE A 299 1.09 -0.63 -17.96
C ILE A 299 -0.13 -0.04 -18.65
N GLY A 300 -0.66 1.03 -18.09
CA GLY A 300 -1.74 1.74 -18.74
C GLY A 300 -2.73 2.21 -17.71
N GLU A 301 -3.93 2.53 -18.17
CA GLU A 301 -5.05 2.76 -17.28
C GLU A 301 -5.79 1.43 -17.19
N CYS A 302 -5.65 0.76 -16.05
CA CYS A 302 -5.97 -0.64 -15.94
C CYS A 302 -6.95 -0.92 -14.81
N PRO A 303 -7.84 -1.91 -14.99
CA PRO A 303 -8.62 -2.40 -13.85
C PRO A 303 -7.69 -2.90 -12.73
N LYS A 304 -8.19 -2.94 -11.51
CA LYS A 304 -7.40 -3.43 -10.39
C LYS A 304 -7.22 -4.93 -10.48
N TYR A 305 -5.99 -5.39 -10.24
CA TYR A 305 -5.73 -6.81 -10.24
C TYR A 305 -6.29 -7.48 -8.99
N VAL A 306 -7.00 -8.59 -9.20
CA VAL A 306 -7.54 -9.42 -8.11
C VAL A 306 -7.26 -10.88 -8.45
N ARG A 307 -7.27 -11.74 -7.43
CA ARG A 307 -7.10 -13.18 -7.62
C ARG A 307 -8.41 -13.89 -7.97
N SER A 308 -9.51 -13.15 -7.95
CA SER A 308 -10.83 -13.71 -8.19
C SER A 308 -10.94 -14.40 -9.54
N THR A 309 -11.56 -15.58 -9.57
CA THR A 309 -11.94 -16.18 -10.84
C THR A 309 -13.34 -15.80 -11.30
N LYS A 310 -14.18 -15.36 -10.37
CA LYS A 310 -15.54 -14.96 -10.72
C LYS A 310 -16.03 -13.77 -9.91
N LEU A 311 -16.39 -12.69 -10.59
CA LEU A 311 -17.17 -11.63 -9.96
C LEU A 311 -18.34 -11.29 -10.85
N ARG A 312 -19.53 -11.75 -10.47
CA ARG A 312 -20.70 -11.59 -11.31
C ARG A 312 -21.80 -11.01 -10.47
N MET A 313 -22.35 -9.93 -10.98
CA MET A 313 -23.32 -9.15 -10.27
C MET A 313 -24.72 -9.47 -10.77
N ALA A 314 -25.59 -9.85 -9.85
CA ALA A 314 -27.01 -10.02 -10.14
C ALA A 314 -27.62 -8.69 -10.51
N THR A 315 -28.43 -8.69 -11.56
CA THR A 315 -29.21 -7.54 -11.96
C THR A 315 -30.67 -7.95 -11.88
N GLY A 316 -31.02 -9.00 -12.60
CA GLY A 316 -32.33 -9.60 -12.50
C GLY A 316 -32.51 -10.37 -11.19
N LEU A 317 -33.54 -11.21 -11.15
CA LEU A 317 -33.93 -11.88 -9.91
C LEU A 317 -33.73 -13.39 -9.99
N ARG A 318 -34.03 -14.08 -8.90
CA ARG A 318 -33.94 -15.54 -8.87
C ARG A 318 -34.76 -16.17 -9.98
N ASN A 319 -34.12 -17.02 -10.79
CA ASN A 319 -34.79 -17.60 -11.93
C ASN A 319 -35.47 -18.88 -11.50
N ILE A 320 -36.80 -18.87 -11.51
CA ILE A 320 -37.59 -20.01 -11.03
C ILE A 320 -38.66 -20.37 -12.06
N PRO A 321 -38.23 -20.96 -13.18
CA PRO A 321 -39.16 -21.41 -14.22
C PRO A 321 -39.92 -22.68 -13.82
N GLY B 1 -36.43 -15.80 1.09
CA GLY B 1 -36.16 -14.38 0.76
C GLY B 1 -36.64 -13.43 1.84
N LEU B 2 -35.93 -12.32 1.98
CA LEU B 2 -36.17 -11.37 3.07
C LEU B 2 -37.61 -10.89 3.17
N PHE B 3 -38.25 -10.65 2.02
CA PHE B 3 -39.62 -10.13 2.00
C PHE B 3 -40.66 -11.22 1.72
N GLY B 4 -40.23 -12.46 1.61
CA GLY B 4 -41.14 -13.60 1.66
C GLY B 4 -42.05 -13.79 0.46
N ALA B 5 -41.77 -13.12 -0.65
CA ALA B 5 -42.58 -13.27 -1.86
C ALA B 5 -41.95 -14.23 -2.87
N ILE B 6 -40.80 -13.83 -3.44
CA ILE B 6 -40.09 -14.66 -4.42
C ILE B 6 -39.59 -15.93 -3.74
N ALA B 7 -39.92 -17.08 -4.33
CA ALA B 7 -39.69 -18.38 -3.69
C ALA B 7 -40.39 -18.38 -2.32
N GLY B 8 -41.34 -17.46 -2.18
CA GLY B 8 -42.10 -17.20 -0.97
C GLY B 8 -43.51 -17.71 -1.08
N PHE B 9 -44.45 -16.93 -0.54
CA PHE B 9 -45.86 -17.23 -0.73
C PHE B 9 -46.25 -17.16 -2.20
N ILE B 10 -45.39 -16.61 -3.06
CA ILE B 10 -45.53 -16.80 -4.51
C ILE B 10 -44.42 -17.74 -4.95
N GLU B 11 -44.79 -18.97 -5.30
CA GLU B 11 -43.87 -20.09 -5.31
C GLU B 11 -42.86 -20.07 -6.46
N GLY B 12 -43.27 -19.56 -7.61
CA GLY B 12 -42.44 -19.61 -8.80
C GLY B 12 -42.64 -18.44 -9.72
N GLY B 13 -41.77 -18.33 -10.72
CA GLY B 13 -41.82 -17.24 -11.67
C GLY B 13 -42.52 -17.64 -12.96
N TRP B 14 -42.75 -16.66 -13.82
CA TRP B 14 -43.49 -16.86 -15.07
C TRP B 14 -42.60 -16.72 -16.31
N THR B 15 -42.34 -17.84 -16.98
CA THR B 15 -41.68 -17.79 -18.29
C THR B 15 -42.62 -17.18 -19.31
N GLY B 16 -43.92 -17.25 -19.01
CA GLY B 16 -44.93 -16.69 -19.88
C GLY B 16 -44.89 -15.17 -19.99
N MET B 17 -44.29 -14.50 -19.00
CA MET B 17 -44.21 -13.04 -19.03
C MET B 17 -42.82 -12.59 -19.48
N ILE B 18 -42.73 -12.21 -20.76
CA ILE B 18 -41.46 -11.85 -21.39
C ILE B 18 -41.08 -10.38 -21.23
N ASP B 19 -42.08 -9.50 -21.15
CA ASP B 19 -41.88 -8.07 -21.34
C ASP B 19 -41.58 -7.27 -20.06
N GLY B 20 -41.41 -7.95 -18.93
CA GLY B 20 -41.10 -7.24 -17.70
C GLY B 20 -40.66 -8.16 -16.58
N TRP B 21 -40.14 -7.56 -15.51
CA TRP B 21 -39.68 -8.31 -14.34
C TRP B 21 -40.83 -8.70 -13.41
N TYR B 22 -41.77 -7.78 -13.25
CA TYR B 22 -42.91 -7.97 -12.35
C TYR B 22 -44.18 -7.72 -13.17
N GLY B 23 -45.27 -8.40 -12.83
CA GLY B 23 -46.49 -8.21 -13.58
C GLY B 23 -47.67 -9.07 -13.14
N TYR B 24 -48.62 -9.20 -14.05
CA TYR B 24 -49.90 -9.83 -13.75
C TYR B 24 -50.28 -10.96 -14.70
N HIS B 25 -50.93 -11.98 -14.15
CA HIS B 25 -51.66 -12.97 -14.93
C HIS B 25 -53.14 -12.87 -14.60
N HIS B 26 -53.97 -12.70 -15.63
CA HIS B 26 -55.40 -12.53 -15.43
C HIS B 26 -56.18 -13.64 -16.10
N GLN B 27 -57.35 -13.96 -15.54
CA GLN B 27 -58.26 -14.94 -16.13
C GLN B 27 -59.71 -14.48 -16.03
N ASN B 28 -60.38 -14.37 -17.17
CA ASN B 28 -61.81 -14.06 -17.19
C ASN B 28 -62.48 -14.73 -18.39
N GLU B 29 -63.75 -14.40 -18.61
CA GLU B 29 -64.50 -15.01 -19.71
C GLU B 29 -63.87 -14.70 -21.06
N GLN B 30 -63.25 -13.53 -21.15
CA GLN B 30 -62.63 -13.09 -22.40
C GLN B 30 -61.32 -13.83 -22.70
N GLY B 31 -60.86 -14.60 -21.72
CA GLY B 31 -59.61 -15.34 -21.86
C GLY B 31 -58.56 -14.92 -20.85
N SER B 32 -57.35 -15.43 -21.01
CA SER B 32 -56.26 -15.15 -20.09
C SER B 32 -54.97 -14.74 -20.81
N GLY B 33 -53.97 -14.35 -20.02
CA GLY B 33 -52.69 -13.91 -20.56
C GLY B 33 -51.84 -13.20 -19.53
N TYR B 34 -50.62 -12.85 -19.93
CA TYR B 34 -49.67 -12.18 -19.05
C TYR B 34 -49.51 -10.72 -19.42
N ALA B 35 -49.34 -9.88 -18.41
CA ALA B 35 -49.03 -8.47 -18.63
C ALA B 35 -48.01 -7.97 -17.60
N ALA B 36 -46.94 -7.35 -18.07
CA ALA B 36 -45.93 -6.77 -17.18
C ALA B 36 -46.41 -5.46 -16.57
N ASP B 37 -45.99 -5.20 -15.33
CA ASP B 37 -46.26 -3.92 -14.70
C ASP B 37 -45.09 -3.02 -15.07
N GLN B 38 -45.37 -1.99 -15.86
CA GLN B 38 -44.30 -1.25 -16.51
C GLN B 38 -43.60 -0.31 -15.53
N LYS B 39 -44.37 0.26 -14.61
CA LYS B 39 -43.85 1.24 -13.66
C LYS B 39 -42.86 0.60 -12.70
N SER B 40 -43.23 -0.51 -12.07
CA SER B 40 -42.37 -1.15 -11.07
C SER B 40 -41.16 -1.78 -11.73
N THR B 41 -41.36 -2.39 -12.90
CA THR B 41 -40.25 -3.00 -13.63
C THR B 41 -39.22 -1.92 -13.98
N GLN B 42 -39.67 -0.83 -14.56
CA GLN B 42 -38.78 0.23 -15.00
C GLN B 42 -38.08 0.92 -13.82
N ASN B 43 -38.79 1.07 -12.71
CA ASN B 43 -38.20 1.64 -11.52
C ASN B 43 -37.07 0.76 -11.01
N ALA B 44 -37.28 -0.55 -11.07
CA ALA B 44 -36.26 -1.50 -10.66
C ALA B 44 -35.07 -1.46 -11.60
N ILE B 45 -35.35 -1.42 -12.90
CA ILE B 45 -34.30 -1.35 -13.91
C ILE B 45 -33.43 -0.11 -13.70
N ASP B 46 -34.07 1.05 -13.49
CA ASP B 46 -33.34 2.28 -13.23
C ASP B 46 -32.47 2.16 -11.98
N GLY B 47 -33.01 1.53 -10.95
CA GLY B 47 -32.29 1.39 -9.69
C GLY B 47 -31.08 0.49 -9.83
N ILE B 48 -31.28 -0.66 -10.45
CA ILE B 48 -30.24 -1.66 -10.61
C ILE B 48 -29.16 -1.15 -11.58
N THR B 49 -29.58 -0.41 -12.59
CA THR B 49 -28.64 0.17 -13.56
C THR B 49 -27.72 1.15 -12.83
N ASN B 50 -28.29 1.94 -11.92
CA ASN B 50 -27.53 2.90 -11.15
C ASN B 50 -26.55 2.19 -10.22
N LYS B 51 -26.95 1.05 -9.67
CA LYS B 51 -26.08 0.28 -8.77
C LYS B 51 -24.87 -0.24 -9.52
N VAL B 52 -25.11 -0.89 -10.65
CA VAL B 52 -24.06 -1.44 -11.49
C VAL B 52 -23.11 -0.33 -11.94
N ASN B 53 -23.67 0.78 -12.41
CA ASN B 53 -22.83 1.88 -12.91
C ASN B 53 -21.97 2.48 -11.81
N SER B 54 -22.48 2.52 -10.58
CA SER B 54 -21.71 3.02 -9.44
C SER B 54 -20.50 2.15 -9.15
N VAL B 55 -20.71 0.84 -9.16
CA VAL B 55 -19.62 -0.09 -8.87
C VAL B 55 -18.54 -0.01 -9.93
N ILE B 56 -18.96 0.15 -11.19
CA ILE B 56 -18.01 0.25 -12.29
C ILE B 56 -17.37 1.64 -12.38
N GLU B 57 -18.18 2.70 -12.37
CA GLU B 57 -17.69 4.05 -12.66
C GLU B 57 -16.99 4.77 -11.51
N LYS B 58 -17.22 4.36 -10.27
CA LYS B 58 -16.54 5.00 -9.13
C LYS B 58 -15.07 4.62 -9.08
N MET B 59 -14.69 3.61 -9.85
CA MET B 59 -13.30 3.19 -9.89
C MET B 59 -12.47 4.20 -10.65
N ASN B 60 -11.46 4.74 -10.00
CA ASN B 60 -10.55 5.67 -10.65
C ASN B 60 -9.39 4.89 -11.21
N THR B 61 -9.09 5.20 -12.45
CA THR B 61 -7.99 4.56 -13.14
C THR B 61 -7.11 5.65 -13.72
N GLN B 62 -5.87 5.73 -13.25
CA GLN B 62 -4.90 6.66 -13.83
C GLN B 62 -3.81 5.83 -14.48
N PHE B 63 -3.08 6.45 -15.41
CA PHE B 63 -2.01 5.77 -16.10
C PHE B 63 -0.95 5.38 -15.07
N THR B 64 -0.63 4.10 -15.03
CA THR B 64 0.32 3.56 -14.05
C THR B 64 1.15 2.47 -14.72
N ALA B 65 2.45 2.49 -14.44
CA ALA B 65 3.29 1.36 -14.78
C ALA B 65 3.67 0.63 -13.48
N VAL B 66 3.08 -0.54 -13.28
CA VAL B 66 3.21 -1.26 -12.01
C VAL B 66 4.61 -1.81 -11.82
N GLY B 67 5.23 -2.25 -12.91
CA GLY B 67 6.48 -2.96 -12.84
C GLY B 67 7.66 -2.13 -12.40
N LYS B 68 8.58 -2.78 -11.71
CA LYS B 68 9.85 -2.20 -11.29
C LYS B 68 10.96 -3.23 -11.42
N GLU B 69 12.15 -2.74 -11.76
CA GLU B 69 13.34 -3.57 -11.94
C GLU B 69 14.40 -3.23 -10.92
N PHE B 70 14.98 -4.27 -10.30
CA PHE B 70 15.99 -4.09 -9.27
C PHE B 70 17.21 -4.98 -9.55
N ASN B 71 18.40 -4.51 -9.19
CA ASN B 71 19.59 -5.33 -9.37
C ASN B 71 19.77 -6.24 -8.15
N ASN B 72 20.81 -7.04 -8.15
CA ASN B 72 20.94 -8.09 -7.14
C ASN B 72 21.39 -7.60 -5.76
N LEU B 73 21.74 -6.32 -5.66
CA LEU B 73 21.97 -5.67 -4.35
C LEU B 73 20.78 -4.82 -3.88
N GLU B 74 19.69 -4.91 -4.62
CA GLU B 74 18.44 -4.25 -4.29
C GLU B 74 17.31 -5.15 -3.73
N ARG B 75 17.64 -6.35 -3.24
CA ARG B 75 16.61 -7.29 -2.77
C ARG B 75 15.60 -6.70 -1.75
N ARG B 76 16.07 -5.85 -0.85
CA ARG B 76 15.17 -5.32 0.16
C ARG B 76 14.04 -4.46 -0.44
N ILE B 77 14.40 -3.52 -1.31
CA ILE B 77 13.39 -2.65 -1.91
C ILE B 77 12.57 -3.43 -2.95
N GLU B 78 13.18 -4.44 -3.56
CA GLU B 78 12.44 -5.33 -4.46
C GLU B 78 11.31 -6.02 -3.71
N ASN B 79 11.58 -6.48 -2.49
CA ASN B 79 10.55 -7.13 -1.69
C ASN B 79 9.58 -6.13 -1.07
N LEU B 80 10.05 -4.92 -0.82
CA LEU B 80 9.16 -3.83 -0.41
C LEU B 80 8.14 -3.61 -1.53
N ASN B 81 8.64 -3.51 -2.75
CA ASN B 81 7.77 -3.33 -3.91
C ASN B 81 6.76 -4.47 -4.04
N LYS B 82 7.22 -5.70 -3.81
CA LYS B 82 6.33 -6.86 -3.84
C LYS B 82 5.26 -6.79 -2.75
N LYS B 83 5.64 -6.35 -1.55
CA LYS B 83 4.71 -6.21 -0.44
C LYS B 83 3.63 -5.20 -0.79
N VAL B 84 4.00 -4.18 -1.54
CA VAL B 84 3.03 -3.17 -1.97
C VAL B 84 2.01 -3.76 -2.93
N ASP B 85 2.49 -4.38 -4.00
CA ASP B 85 1.62 -5.00 -5.00
C ASP B 85 0.73 -6.07 -4.37
N ASP B 86 1.31 -6.93 -3.55
CA ASP B 86 0.58 -8.02 -2.92
C ASP B 86 -0.43 -7.49 -1.91
N GLY B 87 -0.08 -6.41 -1.24
CA GLY B 87 -0.98 -5.79 -0.28
C GLY B 87 -2.21 -5.19 -0.94
N PHE B 88 -2.01 -4.49 -2.06
CA PHE B 88 -3.13 -3.96 -2.84
C PHE B 88 -3.95 -5.14 -3.37
N LEU B 89 -3.26 -6.19 -3.80
CA LEU B 89 -3.94 -7.39 -4.28
C LEU B 89 -4.85 -8.00 -3.21
N ASP B 90 -4.35 -8.09 -1.98
CA ASP B 90 -5.16 -8.64 -0.89
C ASP B 90 -6.38 -7.79 -0.61
N ILE B 91 -6.19 -6.48 -0.59
CA ILE B 91 -7.26 -5.55 -0.31
C ILE B 91 -8.34 -5.58 -1.39
N TRP B 92 -7.93 -5.47 -2.66
CA TRP B 92 -8.91 -5.42 -3.73
C TRP B 92 -9.63 -6.76 -3.95
N THR B 93 -8.94 -7.88 -3.78
CA THR B 93 -9.58 -9.18 -3.92
C THR B 93 -10.65 -9.38 -2.85
N TYR B 94 -10.29 -9.12 -1.60
CA TYR B 94 -11.20 -9.29 -0.50
C TYR B 94 -12.41 -8.36 -0.62
N ASN B 95 -12.14 -7.09 -0.91
CA ASN B 95 -13.22 -6.11 -0.97
C ASN B 95 -14.14 -6.35 -2.15
N ALA B 96 -13.57 -6.72 -3.29
CA ALA B 96 -14.35 -7.01 -4.48
C ALA B 96 -15.23 -8.24 -4.27
N GLU B 97 -14.67 -9.29 -3.67
CA GLU B 97 -15.43 -10.52 -3.41
C GLU B 97 -16.63 -10.23 -2.52
N LEU B 98 -16.39 -9.55 -1.40
CA LEU B 98 -17.43 -9.30 -0.42
C LEU B 98 -18.45 -8.27 -0.92
N LEU B 99 -18.00 -7.29 -1.68
CA LEU B 99 -18.92 -6.31 -2.27
C LEU B 99 -19.93 -7.02 -3.16
N VAL B 100 -19.45 -7.93 -3.99
CA VAL B 100 -20.32 -8.67 -4.91
C VAL B 100 -21.24 -9.62 -4.13
N LEU B 101 -20.72 -10.29 -3.11
CA LEU B 101 -21.54 -11.17 -2.29
C LEU B 101 -22.66 -10.40 -1.60
N LEU B 102 -22.29 -9.29 -0.98
CA LEU B 102 -23.23 -8.51 -0.19
C LEU B 102 -24.27 -7.81 -1.05
N GLU B 103 -23.86 -7.26 -2.19
CA GLU B 103 -24.78 -6.52 -3.03
C GLU B 103 -25.67 -7.43 -3.89
N ASN B 104 -25.22 -8.64 -4.17
CA ASN B 104 -26.08 -9.61 -4.83
C ASN B 104 -27.26 -9.97 -3.94
N GLU B 105 -26.97 -10.16 -2.65
CA GLU B 105 -28.02 -10.43 -1.67
C GLU B 105 -29.01 -9.28 -1.66
N ARG B 106 -28.50 -8.05 -1.62
CA ARG B 106 -29.35 -6.88 -1.57
C ARG B 106 -30.19 -6.73 -2.85
N THR B 107 -29.61 -7.11 -3.98
CA THR B 107 -30.34 -7.02 -5.25
C THR B 107 -31.51 -8.02 -5.24
N LEU B 108 -31.26 -9.23 -4.77
CA LEU B 108 -32.32 -10.24 -4.69
C LEU B 108 -33.36 -9.82 -3.65
N ASP B 109 -32.92 -9.22 -2.55
CA ASP B 109 -33.84 -8.66 -1.57
C ASP B 109 -34.73 -7.59 -2.22
N PHE B 110 -34.11 -6.75 -3.05
CA PHE B 110 -34.79 -5.62 -3.69
C PHE B 110 -35.92 -6.09 -4.59
N HIS B 111 -35.64 -7.11 -5.40
CA HIS B 111 -36.66 -7.71 -6.25
C HIS B 111 -37.79 -8.30 -5.40
N ASP B 112 -37.41 -8.99 -4.33
CA ASP B 112 -38.37 -9.61 -3.42
C ASP B 112 -39.30 -8.54 -2.84
N SER B 113 -38.70 -7.43 -2.42
CA SER B 113 -39.45 -6.29 -1.90
C SER B 113 -40.44 -5.74 -2.91
N ASN B 114 -40.00 -5.62 -4.16
CA ASN B 114 -40.83 -5.05 -5.21
C ASN B 114 -42.06 -5.91 -5.53
N VAL B 115 -41.87 -7.21 -5.53
CA VAL B 115 -42.98 -8.13 -5.77
C VAL B 115 -43.98 -8.01 -4.63
N ARG B 116 -43.47 -7.96 -3.40
CA ARG B 116 -44.32 -7.84 -2.21
C ARG B 116 -45.11 -6.54 -2.23
N ASN B 117 -44.44 -5.44 -2.57
CA ASN B 117 -45.09 -4.13 -2.61
C ASN B 117 -46.17 -4.10 -3.69
N LEU B 118 -45.90 -4.72 -4.83
CA LEU B 118 -46.88 -4.80 -5.91
C LEU B 118 -48.10 -5.60 -5.47
N TYR B 119 -47.85 -6.76 -4.87
CA TYR B 119 -48.92 -7.63 -4.38
C TYR B 119 -49.83 -6.90 -3.39
N GLU B 120 -49.23 -6.17 -2.46
CA GLU B 120 -49.97 -5.48 -1.41
C GLU B 120 -50.70 -4.25 -1.94
N LYS B 121 -50.17 -3.64 -2.99
CA LYS B 121 -50.87 -2.51 -3.61
C LYS B 121 -52.17 -3.00 -4.24
N VAL B 122 -52.09 -4.12 -4.96
CA VAL B 122 -53.27 -4.71 -5.58
C VAL B 122 -54.25 -5.14 -4.50
N LYS B 123 -53.73 -5.76 -3.44
CA LYS B 123 -54.57 -6.16 -2.32
C LYS B 123 -55.34 -4.97 -1.76
N SER B 124 -54.68 -3.83 -1.64
CA SER B 124 -55.28 -2.64 -1.03
C SER B 124 -56.45 -2.06 -1.84
N GLN B 125 -56.35 -2.10 -3.16
CA GLN B 125 -57.39 -1.56 -4.01
C GLN B 125 -58.58 -2.50 -4.15
N LEU B 126 -58.33 -3.80 -4.20
CA LEU B 126 -59.42 -4.76 -4.37
C LEU B 126 -60.23 -4.89 -3.08
N LYS B 127 -59.54 -4.86 -1.94
CA LYS B 127 -60.20 -4.96 -0.63
C LYS B 127 -61.05 -6.24 -0.58
N ASN B 128 -62.30 -6.14 -0.14
CA ASN B 128 -63.14 -7.32 0.03
C ASN B 128 -63.93 -7.71 -1.22
N ASN B 129 -63.70 -6.99 -2.31
CA ASN B 129 -64.31 -7.35 -3.60
C ASN B 129 -63.67 -8.58 -4.21
N ALA B 130 -62.60 -9.09 -3.59
CA ALA B 130 -61.93 -10.28 -4.07
C ALA B 130 -61.44 -11.13 -2.91
N LYS B 131 -61.27 -12.42 -3.16
CA LYS B 131 -60.78 -13.35 -2.15
C LYS B 131 -59.29 -13.61 -2.34
N GLU B 132 -58.55 -13.58 -1.24
CA GLU B 132 -57.13 -13.85 -1.25
C GLU B 132 -56.86 -15.33 -1.01
N ILE B 133 -56.39 -16.04 -2.02
CA ILE B 133 -56.10 -17.47 -1.86
C ILE B 133 -54.72 -17.68 -1.28
N GLY B 134 -53.74 -17.17 -2.01
CA GLY B 134 -52.34 -17.39 -1.76
C GLY B 134 -51.71 -17.53 -3.13
N ASN B 135 -50.41 -17.84 -3.17
CA ASN B 135 -49.68 -17.98 -4.41
C ASN B 135 -49.75 -16.71 -5.28
N GLY B 136 -50.10 -15.60 -4.64
CA GLY B 136 -50.14 -14.32 -5.32
C GLY B 136 -51.44 -14.01 -6.06
N CYS B 137 -52.46 -14.85 -5.89
CA CYS B 137 -53.69 -14.71 -6.67
C CYS B 137 -54.89 -14.17 -5.90
N PHE B 138 -55.73 -13.43 -6.62
CA PHE B 138 -57.00 -12.92 -6.10
C PHE B 138 -58.19 -13.39 -6.95
N GLU B 139 -59.20 -14.01 -6.33
CA GLU B 139 -60.45 -14.36 -7.02
C GLU B 139 -61.51 -13.31 -6.77
N PHE B 140 -61.94 -12.65 -7.84
CA PHE B 140 -62.94 -11.58 -7.73
C PHE B 140 -64.30 -12.15 -7.32
N TYR B 141 -65.07 -11.35 -6.60
CA TYR B 141 -66.44 -11.69 -6.22
C TYR B 141 -67.43 -11.15 -7.25
N HIS B 142 -66.90 -10.58 -8.32
CA HIS B 142 -67.69 -10.09 -9.44
C HIS B 142 -67.02 -10.48 -10.75
N LYS B 143 -67.62 -10.11 -11.87
CA LYS B 143 -67.01 -10.37 -13.18
C LYS B 143 -66.10 -9.19 -13.53
N CYS B 144 -64.86 -9.50 -13.86
CA CYS B 144 -63.89 -8.49 -14.23
C CYS B 144 -63.45 -8.67 -15.68
N ASP B 145 -63.88 -7.75 -16.54
CA ASP B 145 -63.52 -7.79 -17.96
C ASP B 145 -62.15 -7.17 -18.19
N ASP B 146 -61.72 -7.15 -19.46
CA ASP B 146 -60.40 -6.62 -19.81
C ASP B 146 -60.25 -5.16 -19.42
N ALA B 147 -61.35 -4.41 -19.43
CA ALA B 147 -61.32 -3.01 -19.04
C ALA B 147 -61.16 -2.90 -17.53
N CYS B 148 -61.81 -3.82 -16.82
CA CYS B 148 -61.72 -3.88 -15.37
C CYS B 148 -60.32 -4.36 -14.97
N MET B 149 -59.85 -5.40 -15.65
CA MET B 149 -58.55 -5.98 -15.35
C MET B 149 -57.45 -4.96 -15.59
N GLU B 150 -57.64 -4.10 -16.58
CA GLU B 150 -56.67 -3.04 -16.87
C GLU B 150 -56.64 -2.00 -15.77
N SER B 151 -57.79 -1.72 -15.17
CA SER B 151 -57.88 -0.73 -14.11
C SER B 151 -57.12 -1.24 -12.89
N VAL B 152 -57.14 -2.56 -12.70
CA VAL B 152 -56.40 -3.20 -11.62
C VAL B 152 -54.90 -3.03 -11.85
N ARG B 153 -54.46 -3.32 -13.07
CA ARG B 153 -53.05 -3.18 -13.44
C ARG B 153 -52.61 -1.72 -13.51
N ASN B 154 -53.54 -0.82 -13.82
CA ASN B 154 -53.25 0.60 -13.93
C ASN B 154 -53.33 1.31 -12.59
N GLY B 155 -53.86 0.63 -11.57
CA GLY B 155 -54.04 1.22 -10.26
C GLY B 155 -55.27 2.10 -10.19
N THR B 156 -56.08 2.08 -11.25
CA THR B 156 -57.29 2.90 -11.34
C THR B 156 -58.55 2.14 -10.94
N TYR B 157 -58.39 0.92 -10.42
CA TYR B 157 -59.51 0.06 -10.08
C TYR B 157 -60.57 0.77 -9.24
N ASP B 158 -61.82 0.61 -9.63
CA ASP B 158 -62.93 1.33 -8.99
C ASP B 158 -63.63 0.38 -8.03
N TYR B 159 -63.42 0.59 -6.73
CA TYR B 159 -63.97 -0.33 -5.74
C TYR B 159 -65.48 -0.25 -5.62
N PRO B 160 -66.03 0.95 -5.37
CA PRO B 160 -67.49 0.91 -5.23
C PRO B 160 -68.25 0.93 -6.56
N LYS B 161 -67.62 0.44 -7.63
CA LYS B 161 -68.33 0.12 -8.85
C LYS B 161 -68.87 -1.30 -8.75
N TYR B 162 -67.99 -2.17 -8.26
CA TYR B 162 -68.24 -3.61 -8.17
C TYR B 162 -68.63 -4.15 -6.79
N SER B 163 -68.81 -3.26 -5.81
CA SER B 163 -69.15 -3.73 -4.46
C SER B 163 -70.40 -4.61 -4.45
N GLU B 164 -71.25 -4.45 -5.47
CA GLU B 164 -72.45 -5.26 -5.71
C GLU B 164 -72.77 -6.35 -4.69
N ASP C 1 -57.52 -23.92 22.63
CA ASP C 1 -56.31 -24.43 21.91
C ASP C 1 -55.58 -23.30 21.17
N THR C 2 -54.27 -23.22 21.39
CA THR C 2 -53.46 -22.14 20.84
C THR C 2 -52.13 -22.63 20.26
N ILE C 3 -51.67 -21.96 19.22
CA ILE C 3 -50.31 -22.11 18.75
C ILE C 3 -49.67 -20.73 18.64
N CYS C 4 -48.41 -20.64 19.07
CA CYS C 4 -47.69 -19.38 19.08
C CYS C 4 -46.42 -19.49 18.26
N ILE C 5 -46.02 -18.38 17.63
CA ILE C 5 -44.78 -18.29 16.90
C ILE C 5 -43.75 -17.52 17.72
N GLY C 6 -42.53 -18.05 17.83
CA GLY C 6 -41.51 -17.43 18.64
C GLY C 6 -40.10 -17.79 18.20
N TYR C 7 -39.13 -17.31 18.97
CA TYR C 7 -37.73 -17.48 18.64
C TYR C 7 -36.89 -17.81 19.89
N HIS C 8 -35.70 -18.36 19.64
CA HIS C 8 -34.81 -18.85 20.68
C HIS C 8 -34.24 -17.76 21.59
N ALA C 9 -34.07 -18.11 22.87
CA ALA C 9 -33.31 -17.31 23.82
C ALA C 9 -32.51 -18.26 24.69
N ASN C 10 -31.45 -17.75 25.33
CA ASN C 10 -30.60 -18.59 26.18
C ASN C 10 -29.87 -17.76 27.21
N ASN C 11 -28.89 -18.38 27.87
CA ASN C 11 -28.14 -17.74 28.94
C ASN C 11 -26.87 -17.02 28.46
N SER C 12 -26.68 -16.97 27.14
CA SER C 12 -25.50 -16.32 26.55
C SER C 12 -25.36 -14.87 26.97
N THR C 13 -24.16 -14.50 27.41
CA THR C 13 -23.81 -13.11 27.70
C THR C 13 -23.02 -12.44 26.56
N ASP C 14 -22.81 -13.18 25.47
CA ASP C 14 -22.09 -12.66 24.30
C ASP C 14 -22.68 -11.34 23.81
N THR C 15 -21.83 -10.36 23.58
CA THR C 15 -22.26 -9.09 23.00
C THR C 15 -21.53 -8.79 21.69
N VAL C 16 -22.23 -8.10 20.80
CA VAL C 16 -21.64 -7.60 19.55
C VAL C 16 -22.06 -6.15 19.35
N ASP C 17 -21.33 -5.44 18.50
CA ASP C 17 -21.72 -4.09 18.10
C ASP C 17 -22.40 -4.13 16.74
N THR C 18 -23.39 -3.27 16.56
CA THR C 18 -24.07 -3.12 15.27
C THR C 18 -23.98 -1.66 14.86
N VAL C 19 -24.24 -1.38 13.60
CA VAL C 19 -24.10 -0.03 13.13
C VAL C 19 -25.11 0.89 13.83
N LEU C 20 -26.30 0.36 14.13
CA LEU C 20 -27.33 1.13 14.84
C LEU C 20 -27.18 1.12 16.36
N GLU C 21 -26.65 0.03 16.92
CA GLU C 21 -26.61 -0.13 18.38
C GLU C 21 -25.35 -0.85 18.87
N LYS C 22 -24.75 -0.30 19.92
CA LYS C 22 -23.62 -0.92 20.60
C LYS C 22 -24.07 -1.99 21.60
N ASN C 23 -23.19 -2.95 21.86
CA ASN C 23 -23.33 -3.89 22.96
C ASN C 23 -24.66 -4.64 22.98
N VAL C 24 -25.02 -5.23 21.84
CA VAL C 24 -26.22 -6.04 21.73
C VAL C 24 -25.92 -7.47 22.17
N THR C 25 -26.67 -7.96 23.16
CA THR C 25 -26.53 -9.32 23.64
C THR C 25 -27.20 -10.28 22.67
N VAL C 26 -26.46 -11.30 22.22
CA VAL C 26 -26.95 -12.25 21.24
C VAL C 26 -26.79 -13.68 21.73
N THR C 27 -27.56 -14.59 21.15
CA THR C 27 -27.58 -15.99 21.60
C THR C 27 -26.34 -16.74 21.15
N HIS C 28 -25.82 -16.37 19.98
CA HIS C 28 -24.62 -17.01 19.44
C HIS C 28 -23.78 -15.99 18.66
N SER C 29 -22.47 -16.17 18.68
CA SER C 29 -21.54 -15.30 17.96
C SER C 29 -20.22 -16.01 17.69
N VAL C 30 -19.41 -15.45 16.79
CA VAL C 30 -18.08 -15.98 16.51
C VAL C 30 -17.02 -14.87 16.46
N ASN C 31 -15.82 -15.20 16.90
CA ASN C 31 -14.72 -14.25 16.94
C ASN C 31 -13.96 -14.23 15.63
N LEU C 32 -13.77 -13.03 15.06
CA LEU C 32 -12.98 -12.87 13.84
C LEU C 32 -11.53 -12.41 14.09
N LEU C 33 -11.21 -12.14 15.34
CA LEU C 33 -9.94 -11.48 15.69
C LEU C 33 -9.03 -12.34 16.56
N GLU C 34 -7.86 -12.71 16.04
CA GLU C 34 -6.91 -13.48 16.84
C GLU C 34 -6.15 -12.50 17.74
N ASP C 35 -6.42 -12.57 19.04
CA ASP C 35 -5.82 -11.68 20.04
C ASP C 35 -4.78 -12.32 20.98
N SER C 36 -4.43 -13.58 20.76
CA SER C 36 -3.47 -14.27 21.62
C SER C 36 -2.37 -14.96 20.83
N HIS C 37 -1.27 -15.26 21.52
CA HIS C 37 -0.13 -15.96 20.93
C HIS C 37 0.43 -16.98 21.92
N ASN C 38 1.27 -17.90 21.46
CA ASN C 38 1.76 -18.99 22.31
C ASN C 38 3.10 -18.70 23.00
N GLY C 39 3.64 -17.50 22.81
CA GLY C 39 4.85 -17.12 23.51
C GLY C 39 6.10 -17.86 23.08
N LYS C 40 6.03 -18.50 21.92
CA LYS C 40 7.13 -19.30 21.39
C LYS C 40 7.53 -18.88 19.98
N LEU C 41 8.81 -19.07 19.66
CA LEU C 41 9.28 -18.99 18.29
C LEU C 41 9.27 -20.39 17.73
N CYS C 42 8.52 -20.59 16.66
CA CYS C 42 8.27 -21.92 16.13
C CYS C 42 8.87 -22.11 14.74
N LYS C 43 8.74 -23.33 14.23
CA LYS C 43 9.17 -23.65 12.88
C LYS C 43 8.20 -23.07 11.85
N LEU C 44 8.77 -22.51 10.78
CA LEU C 44 8.02 -22.08 9.62
C LEU C 44 8.35 -23.01 8.46
N LYS C 45 7.33 -23.44 7.74
CA LYS C 45 7.49 -24.38 6.64
C LYS C 45 8.19 -25.64 7.14
N GLY C 46 7.88 -26.02 8.38
CA GLY C 46 8.41 -27.22 8.99
C GLY C 46 9.88 -27.19 9.34
N ILE C 47 10.48 -26.01 9.30
CA ILE C 47 11.91 -25.85 9.52
C ILE C 47 12.20 -24.83 10.62
N ALA C 48 13.10 -25.18 11.53
CA ALA C 48 13.48 -24.27 12.61
C ALA C 48 14.23 -23.05 12.06
N PRO C 49 14.15 -21.93 12.77
CA PRO C 49 14.97 -20.77 12.42
C PRO C 49 16.42 -20.95 12.81
N LEU C 50 17.30 -20.15 12.21
CA LEU C 50 18.68 -20.05 12.64
C LEU C 50 18.76 -19.25 13.94
N GLN C 51 19.43 -19.83 14.94
CA GLN C 51 19.72 -19.16 16.21
C GLN C 51 21.24 -18.93 16.33
N LEU C 52 21.62 -17.67 16.56
CA LEU C 52 23.03 -17.28 16.55
C LEU C 52 23.68 -17.10 17.92
N GLY C 53 22.93 -17.37 18.99
CA GLY C 53 23.47 -17.29 20.34
C GLY C 53 23.88 -15.87 20.72
N LYS C 54 25.12 -15.72 21.14
CA LYS C 54 25.62 -14.41 21.59
C LYS C 54 25.91 -13.45 20.43
N CYS C 55 25.82 -13.96 19.21
CA CYS C 55 26.33 -13.25 18.06
C CYS C 55 25.25 -12.76 17.10
N ASN C 56 25.55 -11.69 16.39
CA ASN C 56 24.71 -11.25 15.28
C ASN C 56 25.23 -11.91 14.00
N ILE C 57 24.57 -11.63 12.88
CA ILE C 57 24.89 -12.32 11.64
C ILE C 57 26.34 -12.07 11.20
N ALA C 58 26.83 -10.83 11.34
CA ALA C 58 28.22 -10.53 10.99
C ALA C 58 29.21 -11.38 11.82
N GLY C 59 28.96 -11.48 13.12
CA GLY C 59 29.85 -12.21 14.00
C GLY C 59 29.86 -13.69 13.65
N TRP C 60 28.69 -14.21 13.29
CA TRP C 60 28.57 -15.60 12.87
C TRP C 60 29.31 -15.86 11.57
N LEU C 61 29.09 -15.02 10.57
CA LEU C 61 29.71 -15.21 9.26
C LEU C 61 31.23 -15.11 9.31
N LEU C 62 31.74 -14.13 10.06
CA LEU C 62 33.18 -13.93 10.16
C LEU C 62 33.83 -14.91 11.13
N GLY C 63 33.04 -15.47 12.03
CA GLY C 63 33.58 -16.35 13.05
C GLY C 63 34.20 -15.62 14.23
N ASN C 64 33.48 -14.61 14.73
CA ASN C 64 33.84 -13.95 15.98
C ASN C 64 34.11 -15.02 17.04
N PRO C 65 35.27 -14.96 17.72
CA PRO C 65 35.66 -16.03 18.65
C PRO C 65 34.67 -16.26 19.77
N GLU C 66 33.89 -15.24 20.11
CA GLU C 66 32.88 -15.36 21.16
C GLU C 66 31.64 -16.08 20.70
N CYS C 67 31.54 -16.39 19.42
CA CYS C 67 30.39 -17.16 18.96
C CYS C 67 30.80 -18.61 19.19
N ASP C 68 31.62 -19.13 18.30
CA ASP C 68 32.13 -20.51 18.36
C ASP C 68 31.06 -21.57 18.60
N LEU C 69 29.79 -21.24 18.42
CA LEU C 69 28.80 -22.29 18.33
C LEU C 69 28.66 -22.28 16.82
N LEU C 70 29.50 -23.10 16.20
CA LEU C 70 29.73 -23.08 14.75
C LEU C 70 28.82 -24.01 13.97
N LEU C 71 27.97 -24.73 14.68
CA LEU C 71 27.12 -25.73 14.06
C LEU C 71 25.77 -25.14 13.66
N THR C 72 25.54 -25.10 12.35
CA THR C 72 24.33 -24.57 11.77
C THR C 72 23.64 -25.70 11.04
N ALA C 73 22.32 -25.64 10.94
CA ALA C 73 21.59 -26.66 10.22
C ALA C 73 21.86 -26.39 8.75
N SER C 74 21.53 -27.34 7.88
CA SER C 74 21.76 -27.14 6.47
C SER C 74 20.65 -26.27 5.87
N SER C 75 19.61 -26.00 6.64
CA SER C 75 18.53 -25.15 6.18
C SER C 75 17.87 -24.43 7.35
N TRP C 76 17.27 -23.28 7.05
CA TRP C 76 16.44 -22.57 8.02
C TRP C 76 15.41 -21.71 7.28
N SER C 77 14.25 -21.52 7.90
CA SER C 77 13.14 -20.76 7.29
C SER C 77 13.10 -19.28 7.65
N TYR C 78 13.84 -18.90 8.69
CA TYR C 78 14.02 -17.50 9.05
C TYR C 78 15.15 -17.41 10.06
N ILE C 79 15.50 -16.20 10.46
CA ILE C 79 16.61 -15.98 11.38
C ILE C 79 16.11 -15.26 12.60
N VAL C 80 16.57 -15.70 13.75
CA VAL C 80 16.27 -15.06 15.03
C VAL C 80 17.53 -14.42 15.61
N GLU C 81 17.44 -13.14 15.95
CA GLU C 81 18.43 -12.49 16.77
C GLU C 81 17.74 -12.08 18.07
N THR C 82 18.53 -11.93 19.12
CA THR C 82 17.98 -11.63 20.44
C THR C 82 18.61 -10.36 21.00
N SER C 83 18.20 -9.98 22.20
CA SER C 83 18.82 -8.86 22.90
C SER C 83 20.24 -9.24 23.31
N ASN C 84 20.55 -10.53 23.22
CA ASN C 84 21.88 -11.03 23.53
C ASN C 84 22.80 -11.15 22.30
N SER C 85 22.34 -10.74 21.11
CA SER C 85 23.23 -10.91 19.96
C SER C 85 24.06 -9.64 19.87
N GLU C 86 25.19 -9.66 20.57
CA GLU C 86 26.04 -8.47 20.63
C GLU C 86 27.36 -8.63 19.90
N ASN C 87 27.71 -9.87 19.53
CA ASN C 87 29.06 -10.13 19.05
C ASN C 87 29.08 -10.21 17.54
N GLY C 88 29.59 -9.11 17.01
CA GLY C 88 29.71 -8.78 15.61
C GLY C 88 31.14 -8.81 15.16
N THR C 89 31.49 -7.77 14.41
CA THR C 89 32.86 -7.52 14.06
C THR C 89 33.62 -7.00 15.29
N CYS C 90 34.55 -7.80 15.79
CA CYS C 90 35.26 -7.45 17.01
C CYS C 90 36.41 -6.50 16.70
N TYR C 91 36.98 -6.62 15.50
CA TYR C 91 37.91 -5.61 15.02
C TYR C 91 37.13 -4.54 14.25
N PRO C 92 37.26 -3.26 14.64
CA PRO C 92 36.38 -2.23 14.07
C PRO C 92 36.56 -1.98 12.57
N GLY C 93 35.46 -1.63 11.92
CA GLY C 93 35.48 -1.26 10.51
C GLY C 93 34.11 -1.38 9.87
N ASP C 94 34.05 -1.22 8.55
CA ASP C 94 32.77 -1.21 7.84
C ASP C 94 32.47 -2.59 7.24
N PHE C 95 31.22 -3.04 7.41
CA PHE C 95 30.72 -4.24 6.76
C PHE C 95 29.83 -3.81 5.59
N ILE C 96 30.32 -4.01 4.36
CA ILE C 96 29.67 -3.45 3.19
C ILE C 96 28.38 -4.21 2.86
N ASP C 97 27.34 -3.46 2.49
CA ASP C 97 26.05 -4.04 2.10
C ASP C 97 25.56 -5.08 3.10
N TYR C 98 25.69 -4.74 4.37
CA TYR C 98 25.37 -5.66 5.46
C TYR C 98 23.89 -6.05 5.47
N GLU C 99 22.99 -5.09 5.30
CA GLU C 99 21.56 -5.37 5.33
C GLU C 99 21.13 -6.25 4.17
N GLU C 100 21.71 -6.01 2.99
CA GLU C 100 21.40 -6.81 1.82
C GLU C 100 21.81 -8.26 2.05
N LEU C 101 23.00 -8.46 2.64
CA LEU C 101 23.47 -9.83 2.92
C LEU C 101 22.57 -10.52 3.96
N ARG C 102 22.21 -9.80 5.02
CA ARG C 102 21.31 -10.34 6.04
C ARG C 102 19.99 -10.78 5.40
N GLU C 103 19.48 -9.96 4.49
CA GLU C 103 18.25 -10.29 3.76
C GLU C 103 18.43 -11.55 2.93
N GLN C 104 19.55 -11.66 2.22
CA GLN C 104 19.77 -12.76 1.30
C GLN C 104 19.94 -14.08 2.04
N LEU C 105 20.34 -13.99 3.30
CA LEU C 105 20.55 -15.18 4.13
C LEU C 105 19.36 -15.53 5.01
N SER C 106 18.26 -14.78 4.89
CA SER C 106 17.15 -14.93 5.83
C SER C 106 16.53 -16.33 5.75
N SER C 107 16.55 -16.96 4.57
CA SER C 107 16.20 -18.37 4.47
C SER C 107 17.12 -19.04 3.46
N VAL C 108 17.55 -20.26 3.76
CA VAL C 108 18.47 -21.02 2.90
C VAL C 108 18.25 -22.53 2.99
N SER C 109 18.66 -23.25 1.95
CA SER C 109 18.76 -24.71 2.00
C SER C 109 20.19 -25.12 1.58
N SER C 110 20.58 -26.36 1.89
CA SER C 110 21.88 -26.90 1.46
C SER C 110 23.05 -26.03 1.92
N PHE C 111 22.89 -25.41 3.08
CA PHE C 111 23.90 -24.51 3.61
C PHE C 111 25.02 -25.29 4.28
N GLU C 112 26.27 -25.01 3.89
CA GLU C 112 27.44 -25.68 4.47
C GLU C 112 28.65 -24.75 4.55
N LYS C 113 29.42 -24.88 5.63
CA LYS C 113 30.70 -24.21 5.74
C LYS C 113 31.77 -25.16 5.22
N PHE C 114 32.77 -24.62 4.53
CA PHE C 114 33.89 -25.42 4.07
C PHE C 114 35.16 -24.59 4.07
N GLU C 115 36.31 -25.27 4.03
CA GLU C 115 37.57 -24.56 4.16
C GLU C 115 38.05 -24.22 2.76
N ILE C 116 37.92 -22.95 2.41
CA ILE C 116 38.13 -22.53 1.04
C ILE C 116 39.64 -22.41 0.78
N PHE C 117 40.36 -21.87 1.76
CA PHE C 117 41.80 -21.75 1.68
C PHE C 117 42.41 -22.29 2.95
N PRO C 118 42.72 -23.61 2.98
CA PRO C 118 43.24 -24.24 4.20
C PRO C 118 44.45 -23.50 4.77
N LYS C 119 44.40 -23.20 6.05
CA LYS C 119 45.45 -22.45 6.72
C LYS C 119 46.82 -23.13 6.57
N THR C 120 46.85 -24.44 6.71
CA THR C 120 48.11 -25.16 6.74
C THR C 120 48.83 -25.14 5.39
N SER C 121 48.10 -25.37 4.30
CA SER C 121 48.70 -25.44 2.97
C SER C 121 48.60 -24.22 2.05
N SER C 122 47.86 -23.16 2.42
CA SER C 122 47.55 -22.11 1.43
C SER C 122 48.59 -20.98 1.31
N TRP C 123 49.43 -20.80 2.33
CA TRP C 123 50.27 -19.59 2.41
C TRP C 123 51.68 -19.91 2.88
N PRO C 124 52.44 -20.63 2.04
CA PRO C 124 53.80 -21.06 2.40
C PRO C 124 54.77 -19.87 2.57
N ASN C 125 54.50 -18.79 1.85
CA ASN C 125 55.37 -17.62 1.86
C ASN C 125 54.93 -16.47 2.78
N HIS C 126 53.90 -16.69 3.58
CA HIS C 126 53.43 -15.68 4.54
C HIS C 126 53.11 -16.25 5.92
N GLU C 127 53.17 -15.38 6.93
CA GLU C 127 52.74 -15.73 8.29
C GLU C 127 51.23 -15.62 8.44
N THR C 128 50.62 -16.68 8.97
CA THR C 128 49.18 -16.72 9.24
C THR C 128 48.78 -16.51 10.71
N THR C 129 49.74 -16.22 11.57
CA THR C 129 49.49 -16.28 13.02
C THR C 129 48.91 -15.01 13.66
N GLY C 130 48.66 -13.98 12.85
CA GLY C 130 48.21 -12.70 13.39
C GLY C 130 46.95 -12.79 14.25
N VAL C 131 47.02 -12.23 15.45
CA VAL C 131 45.87 -12.14 16.34
C VAL C 131 45.72 -10.71 16.86
N THR C 132 44.66 -10.47 17.63
CA THR C 132 44.40 -9.16 18.20
C THR C 132 43.62 -9.28 19.50
N ALA C 133 43.94 -8.40 20.44
CA ALA C 133 43.21 -8.33 21.70
C ALA C 133 41.77 -7.91 21.50
N ALA C 134 41.47 -7.28 20.37
CA ALA C 134 40.13 -6.81 20.06
C ALA C 134 39.19 -7.98 19.82
N CYS C 135 39.73 -9.07 19.27
CA CYS C 135 38.97 -10.32 19.19
C CYS C 135 39.63 -11.35 20.11
N SER C 136 39.09 -11.49 21.31
CA SER C 136 39.73 -12.32 22.31
C SER C 136 38.89 -13.54 22.59
N TYR C 137 39.57 -14.60 22.98
CA TYR C 137 38.96 -15.84 23.40
C TYR C 137 39.67 -16.40 24.63
N ALA C 138 38.90 -16.75 25.65
CA ALA C 138 39.44 -17.33 26.88
C ALA C 138 40.54 -16.46 27.47
N GLY C 139 40.39 -15.15 27.37
CA GLY C 139 41.31 -14.22 28.00
C GLY C 139 42.60 -14.01 27.20
N ALA C 140 42.66 -14.58 26.01
CA ALA C 140 43.83 -14.45 25.15
C ALA C 140 43.48 -13.78 23.82
N SER C 141 44.43 -13.02 23.27
CA SER C 141 44.27 -12.42 21.97
C SER C 141 44.02 -13.49 20.91
N SER C 142 43.09 -13.21 20.01
CA SER C 142 42.67 -14.19 19.02
C SER C 142 42.22 -13.50 17.74
N PHE C 143 41.54 -14.25 16.87
CA PHE C 143 41.07 -13.70 15.61
C PHE C 143 39.84 -14.46 15.12
N TYR C 144 39.17 -13.87 14.13
CA TYR C 144 38.04 -14.51 13.47
C TYR C 144 38.38 -15.95 13.06
N ARG C 145 37.43 -16.86 13.24
CA ARG C 145 37.67 -18.27 12.91
C ARG C 145 37.66 -18.51 11.39
N ASN C 146 36.95 -17.67 10.65
CA ASN C 146 36.76 -17.88 9.20
C ASN C 146 37.67 -17.06 8.32
N LEU C 147 38.52 -16.25 8.93
CA LEU C 147 39.49 -15.42 8.22
C LEU C 147 40.88 -15.67 8.77
N LEU C 148 41.89 -15.31 7.99
CA LEU C 148 43.29 -15.38 8.41
C LEU C 148 43.96 -14.06 8.21
N TRP C 149 44.70 -13.63 9.23
CA TRP C 149 45.45 -12.39 9.16
C TRP C 149 46.83 -12.73 8.61
N LEU C 150 47.08 -12.34 7.35
CA LEU C 150 48.35 -12.63 6.71
C LEU C 150 49.32 -11.50 6.94
N THR C 151 50.51 -11.84 7.42
CA THR C 151 51.56 -10.87 7.66
C THR C 151 52.87 -11.38 7.06
N LYS C 152 53.88 -10.50 7.05
CA LYS C 152 55.14 -10.78 6.39
C LYS C 152 55.90 -11.88 7.12
N LYS C 153 56.61 -12.70 6.35
CA LYS C 153 57.49 -13.73 6.90
C LYS C 153 58.94 -13.28 6.78
N GLY C 154 59.59 -13.03 7.92
CA GLY C 154 60.99 -12.70 7.93
C GLY C 154 61.32 -11.49 7.06
N SER C 155 60.67 -10.37 7.35
CA SER C 155 60.96 -9.10 6.68
C SER C 155 60.54 -9.02 5.22
N SER C 156 59.90 -10.07 4.68
CA SER C 156 59.39 -10.00 3.32
C SER C 156 57.94 -10.49 3.18
N TYR C 157 57.17 -9.71 2.41
CA TYR C 157 55.80 -10.05 2.06
C TYR C 157 55.70 -10.06 0.54
N PRO C 158 56.02 -11.21 -0.08
CA PRO C 158 55.94 -11.26 -1.53
C PRO C 158 54.51 -11.17 -2.02
N LYS C 159 54.33 -10.79 -3.28
CA LYS C 159 53.01 -10.78 -3.88
C LYS C 159 52.42 -12.19 -3.87
N LEU C 160 51.21 -12.31 -3.32
CA LEU C 160 50.51 -13.58 -3.27
C LEU C 160 49.43 -13.59 -4.36
N SER C 161 49.16 -14.77 -4.90
CA SER C 161 48.06 -14.99 -5.82
C SER C 161 47.36 -16.31 -5.45
N LYS C 162 46.05 -16.23 -5.19
CA LYS C 162 45.27 -17.39 -4.78
C LYS C 162 43.89 -17.37 -5.45
N SER C 163 43.53 -18.49 -6.06
CA SER C 163 42.27 -18.59 -6.79
C SER C 163 41.43 -19.76 -6.28
N TYR C 164 40.12 -19.58 -6.30
CA TYR C 164 39.19 -20.66 -5.98
C TYR C 164 38.13 -20.79 -7.07
N VAL C 165 37.93 -22.02 -7.55
CA VAL C 165 36.88 -22.32 -8.53
C VAL C 165 35.70 -22.94 -7.82
N ASN C 166 34.50 -22.45 -8.08
CA ASN C 166 33.35 -23.00 -7.37
C ASN C 166 32.79 -24.17 -8.15
N ASN C 167 33.12 -25.36 -7.65
CA ASN C 167 32.62 -26.62 -8.19
C ASN C 167 31.50 -27.21 -7.34
N LYS C 168 31.05 -26.47 -6.34
CA LYS C 168 30.08 -27.00 -5.39
C LYS C 168 28.66 -27.14 -5.94
N GLY C 169 28.42 -26.63 -7.15
CA GLY C 169 27.10 -26.78 -7.75
C GLY C 169 26.04 -25.88 -7.15
N LYS C 170 26.48 -24.91 -6.37
CA LYS C 170 25.60 -23.91 -5.80
C LYS C 170 26.44 -22.68 -5.48
N GLU C 171 25.79 -21.61 -5.03
CA GLU C 171 26.51 -20.38 -4.72
C GLU C 171 27.47 -20.57 -3.56
N VAL C 172 28.60 -19.88 -3.64
CA VAL C 172 29.55 -19.82 -2.53
C VAL C 172 29.66 -18.38 -2.05
N LEU C 173 29.36 -18.17 -0.77
CA LEU C 173 29.53 -16.89 -0.14
C LEU C 173 30.96 -16.80 0.40
N VAL C 174 31.73 -15.88 -0.19
CA VAL C 174 33.10 -15.66 0.20
C VAL C 174 33.19 -14.34 0.94
N LEU C 175 33.77 -14.35 2.14
CA LEU C 175 34.00 -13.13 2.90
C LEU C 175 35.48 -12.93 3.08
N TRP C 176 35.89 -11.66 3.05
CA TRP C 176 37.28 -11.30 3.32
C TRP C 176 37.34 -9.92 3.92
N GLY C 177 38.54 -9.46 4.21
CA GLY C 177 38.71 -8.14 4.79
C GLY C 177 39.96 -7.46 4.29
N VAL C 178 40.01 -6.15 4.49
CA VAL C 178 41.17 -5.34 4.15
C VAL C 178 41.51 -4.51 5.37
N HIS C 179 42.74 -4.65 5.84
CA HIS C 179 43.20 -3.95 7.03
C HIS C 179 43.86 -2.62 6.69
N HIS C 180 43.57 -1.62 7.51
CA HIS C 180 44.09 -0.26 7.34
C HIS C 180 44.80 0.17 8.61
N PRO C 181 46.13 -0.03 8.66
CA PRO C 181 46.90 0.33 9.85
C PRO C 181 46.83 1.82 10.19
N PRO C 182 47.00 2.19 11.48
CA PRO C 182 47.01 3.60 11.88
C PRO C 182 48.27 4.37 11.48
N THR C 183 49.41 3.69 11.29
CA THR C 183 50.65 4.37 10.95
C THR C 183 51.42 3.66 9.83
N GLY C 184 52.31 4.40 9.18
CA GLY C 184 53.16 3.84 8.14
C GLY C 184 54.17 2.86 8.73
N THR C 185 54.50 3.07 10.00
CA THR C 185 55.39 2.17 10.72
C THR C 185 54.72 0.81 10.94
N ASP C 186 53.43 0.84 11.27
CA ASP C 186 52.65 -0.38 11.43
C ASP C 186 52.50 -1.11 10.10
N GLN C 187 52.26 -0.35 9.04
CA GLN C 187 52.18 -0.92 7.70
C GLN C 187 53.45 -1.73 7.39
N GLN C 188 54.60 -1.10 7.59
CA GLN C 188 55.88 -1.76 7.30
C GLN C 188 56.13 -2.94 8.24
N SER C 189 55.77 -2.78 9.50
CA SER C 189 55.96 -3.83 10.50
C SER C 189 55.13 -5.09 10.18
N LEU C 190 53.93 -4.87 9.66
CA LEU C 190 53.03 -5.95 9.33
C LEU C 190 53.36 -6.55 7.96
N TYR C 191 53.28 -5.72 6.93
CA TYR C 191 53.41 -6.18 5.54
C TYR C 191 54.70 -5.86 4.75
N GLN C 192 55.64 -5.12 5.35
CA GLN C 192 56.91 -4.70 4.72
C GLN C 192 56.75 -3.71 3.55
N ASN C 193 55.61 -3.73 2.86
CA ASN C 193 55.44 -2.93 1.66
C ASN C 193 54.57 -1.72 1.88
N ALA C 194 55.17 -0.53 1.78
CA ALA C 194 54.44 0.72 1.91
C ALA C 194 53.45 0.93 0.76
N ASP C 195 53.78 0.36 -0.40
CA ASP C 195 52.99 0.52 -1.64
C ASP C 195 51.91 -0.56 -1.81
N ALA C 196 51.63 -1.30 -0.75
CA ALA C 196 50.77 -2.48 -0.81
C ALA C 196 49.36 -2.28 -1.41
N TYR C 197 48.84 -3.34 -2.02
CA TYR C 197 47.47 -3.38 -2.51
C TYR C 197 46.87 -4.77 -2.28
N VAL C 198 45.54 -4.83 -2.33
CA VAL C 198 44.78 -6.07 -2.36
C VAL C 198 43.88 -6.01 -3.57
N SER C 199 43.89 -7.04 -4.41
CA SER C 199 42.99 -7.10 -5.55
C SER C 199 42.14 -8.35 -5.49
N VAL C 200 40.84 -8.18 -5.75
CA VAL C 200 39.90 -9.30 -5.80
C VAL C 200 39.14 -9.28 -7.12
N GLY C 201 39.06 -10.42 -7.79
CA GLY C 201 38.26 -10.48 -8.99
C GLY C 201 37.63 -11.81 -9.30
N SER C 202 36.51 -11.70 -9.99
CA SER C 202 35.72 -12.82 -10.45
C SER C 202 35.04 -12.37 -11.74
N SER C 203 34.08 -13.14 -12.20
CA SER C 203 33.34 -12.75 -13.38
C SER C 203 32.52 -11.48 -13.15
N LYS C 204 31.88 -11.35 -11.99
CA LYS C 204 31.17 -10.11 -11.64
C LYS C 204 31.92 -9.15 -10.68
N TYR C 205 32.91 -9.62 -9.93
CA TYR C 205 33.56 -8.77 -8.93
C TYR C 205 34.88 -8.21 -9.47
N ASN C 206 35.08 -6.90 -9.35
CA ASN C 206 36.38 -6.30 -9.67
C ASN C 206 36.76 -5.15 -8.72
N ARG C 207 37.83 -5.31 -7.93
CA ARG C 207 38.26 -4.25 -7.04
C ARG C 207 39.75 -4.30 -6.73
N ARG C 208 40.35 -3.13 -6.59
CA ARG C 208 41.70 -3.02 -6.07
C ARG C 208 41.57 -2.15 -4.84
N PHE C 209 42.10 -2.60 -3.71
CA PHE C 209 42.02 -1.84 -2.48
C PHE C 209 43.42 -1.36 -2.13
N THR C 210 43.50 -0.15 -1.61
CA THR C 210 44.76 0.43 -1.18
C THR C 210 44.63 0.78 0.29
N PRO C 211 45.69 0.53 1.06
CA PRO C 211 45.62 0.87 2.49
C PRO C 211 45.43 2.36 2.67
N GLU C 212 44.55 2.75 3.58
CA GLU C 212 44.40 4.14 3.96
C GLU C 212 44.97 4.32 5.35
N ILE C 213 46.13 4.96 5.44
CA ILE C 213 46.81 5.16 6.71
C ILE C 213 46.39 6.52 7.26
N ALA C 214 45.70 6.52 8.38
CA ALA C 214 45.20 7.77 8.97
C ALA C 214 44.98 7.68 10.47
N ALA C 215 45.06 8.82 11.13
CA ALA C 215 44.67 8.95 12.53
C ALA C 215 43.17 8.71 12.68
N ARG C 216 42.81 7.81 13.58
CA ARG C 216 41.40 7.49 13.85
C ARG C 216 41.19 7.29 15.32
N PRO C 217 39.96 7.50 15.80
CA PRO C 217 39.69 7.18 17.20
C PRO C 217 39.75 5.69 17.45
N LYS C 218 40.21 5.30 18.63
CA LYS C 218 40.28 3.89 18.95
C LYS C 218 38.90 3.34 19.26
N VAL C 219 38.60 2.21 18.63
CA VAL C 219 37.41 1.43 18.94
C VAL C 219 37.87 0.05 19.40
N ARG C 220 37.41 -0.37 20.57
CA ARG C 220 37.91 -1.58 21.21
C ARG C 220 39.44 -1.52 21.23
N ASP C 221 39.93 -0.31 21.52
CA ASP C 221 41.36 -0.02 21.62
C ASP C 221 42.14 -0.21 20.33
N GLN C 222 41.47 -0.10 19.18
CA GLN C 222 42.15 -0.21 17.88
C GLN C 222 42.03 1.08 17.05
N ALA C 223 43.17 1.68 16.74
CA ALA C 223 43.22 2.84 15.86
C ALA C 223 43.14 2.41 14.40
N GLY C 224 43.47 1.15 14.14
CA GLY C 224 43.33 0.59 12.81
C GLY C 224 41.89 0.22 12.51
N ARG C 225 41.64 -0.13 11.26
CA ARG C 225 40.34 -0.60 10.83
C ARG C 225 40.46 -1.81 9.91
N MET C 226 39.45 -2.67 9.96
CA MET C 226 39.30 -3.73 8.96
C MET C 226 37.94 -3.59 8.33
N ASN C 227 37.93 -3.37 7.02
CA ASN C 227 36.68 -3.36 6.27
C ASN C 227 36.41 -4.76 5.75
N TYR C 228 35.14 -5.16 5.81
CA TYR C 228 34.74 -6.51 5.47
C TYR C 228 33.92 -6.49 4.20
N TYR C 229 34.21 -7.44 3.32
CA TYR C 229 33.61 -7.52 2.01
C TYR C 229 33.12 -8.92 1.76
N TRP C 230 32.22 -9.07 0.80
CA TRP C 230 31.67 -10.36 0.44
C TRP C 230 31.18 -10.38 -0.99
N THR C 231 31.05 -11.58 -1.54
CA THR C 231 30.42 -11.77 -2.83
C THR C 231 29.82 -13.16 -2.88
N LEU C 232 28.74 -13.31 -3.65
CA LEU C 232 28.18 -14.62 -3.90
C LEU C 232 28.75 -15.11 -5.21
N LEU C 233 29.64 -16.09 -5.13
CA LEU C 233 30.35 -16.61 -6.29
C LEU C 233 29.48 -17.67 -6.95
N GLU C 234 29.18 -17.46 -8.22
CA GLU C 234 28.27 -18.34 -8.96
C GLU C 234 28.90 -19.70 -9.24
N PRO C 235 28.07 -20.74 -9.40
CA PRO C 235 28.60 -22.06 -9.77
C PRO C 235 29.48 -21.98 -11.01
N GLY C 236 30.68 -22.56 -10.97
CA GLY C 236 31.57 -22.56 -12.10
C GLY C 236 32.52 -21.37 -12.17
N ASP C 237 32.20 -20.30 -11.44
CA ASP C 237 33.04 -19.10 -11.48
C ASP C 237 34.30 -19.24 -10.63
N THR C 238 35.29 -18.42 -10.94
CA THR C 238 36.53 -18.35 -10.20
C THR C 238 36.62 -17.02 -9.47
N ILE C 239 37.14 -17.03 -8.25
CA ILE C 239 37.51 -15.80 -7.56
C ILE C 239 39.02 -15.80 -7.32
N THR C 240 39.67 -14.67 -7.57
CA THR C 240 41.13 -14.57 -7.49
C THR C 240 41.56 -13.43 -6.57
N PHE C 241 42.38 -13.77 -5.58
CA PHE C 241 42.94 -12.79 -4.64
C PHE C 241 44.42 -12.55 -4.93
N GLU C 242 44.80 -11.29 -5.09
CA GLU C 242 46.22 -10.94 -5.14
C GLU C 242 46.49 -9.84 -4.12
N ALA C 243 47.61 -9.94 -3.41
CA ALA C 243 47.96 -8.93 -2.43
C ALA C 243 49.46 -8.80 -2.23
N THR C 244 49.90 -7.55 -2.08
CA THR C 244 51.24 -7.27 -1.57
C THR C 244 51.18 -6.88 -0.09
N GLY C 245 49.98 -6.94 0.48
CA GLY C 245 49.76 -6.63 1.89
C GLY C 245 48.31 -6.41 2.25
N ASN C 246 48.04 -6.34 3.55
CA ASN C 246 46.77 -5.89 4.11
C ASN C 246 45.55 -6.78 3.81
N LEU C 247 45.79 -7.98 3.32
CA LEU C 247 44.68 -8.90 3.06
C LEU C 247 44.32 -9.67 4.32
N ILE C 248 43.06 -9.63 4.70
CA ILE C 248 42.57 -10.56 5.70
C ILE C 248 41.87 -11.63 4.88
N ALA C 249 42.53 -12.78 4.74
CA ALA C 249 42.16 -13.71 3.68
C ALA C 249 40.99 -14.57 4.10
N PRO C 250 40.17 -15.00 3.13
CA PRO C 250 39.19 -16.03 3.45
C PRO C 250 39.92 -17.29 3.96
N TRP C 251 39.38 -17.93 4.99
CA TRP C 251 39.87 -19.22 5.47
C TRP C 251 38.76 -20.23 5.23
N TYR C 252 37.63 -19.97 5.88
CA TYR C 252 36.40 -20.71 5.63
C TYR C 252 35.41 -19.85 4.88
N ALA C 253 34.59 -20.49 4.06
CA ALA C 253 33.51 -19.84 3.35
C ALA C 253 32.26 -20.69 3.49
N PHE C 254 31.19 -20.24 2.85
CA PHE C 254 29.91 -20.93 2.93
C PHE C 254 29.33 -21.23 1.56
N ALA C 255 28.89 -22.46 1.35
CA ALA C 255 28.12 -22.82 0.16
C ALA C 255 26.63 -22.95 0.50
N LEU C 256 25.75 -22.46 -0.38
CA LEU C 256 24.31 -22.43 -0.10
C LEU C 256 23.43 -22.29 -1.34
N ASN C 257 22.16 -22.62 -1.17
CA ASN C 257 21.11 -22.22 -2.10
C ASN C 257 20.22 -21.23 -1.37
N ARG C 258 20.27 -19.96 -1.77
CA ARG C 258 19.48 -18.93 -1.12
C ARG C 258 18.01 -19.22 -1.32
N GLY C 259 17.21 -19.01 -0.27
CA GLY C 259 15.77 -19.04 -0.40
C GLY C 259 15.24 -17.67 -0.77
N SER C 260 13.96 -17.44 -0.49
CA SER C 260 13.35 -16.14 -0.79
C SER C 260 12.15 -15.87 0.11
N GLY C 261 11.83 -14.58 0.23
CA GLY C 261 10.60 -14.12 0.86
C GLY C 261 10.52 -14.22 2.37
N SER C 262 11.60 -14.61 3.03
CA SER C 262 11.62 -14.67 4.50
C SER C 262 12.27 -13.42 5.12
N GLY C 263 12.57 -13.50 6.41
CA GLY C 263 13.18 -12.38 7.09
C GLY C 263 13.81 -12.69 8.42
N ILE C 264 14.13 -11.62 9.16
CA ILE C 264 14.76 -11.71 10.46
C ILE C 264 13.82 -11.21 11.53
N ILE C 265 13.65 -12.01 12.59
CA ILE C 265 12.90 -11.62 13.77
C ILE C 265 13.86 -11.34 14.94
N THR C 266 13.65 -10.21 15.62
CA THR C 266 14.36 -9.92 16.85
C THR C 266 13.44 -10.19 18.02
N SER C 267 13.75 -11.24 18.78
CA SER C 267 12.89 -11.66 19.90
C SER C 267 13.68 -12.41 20.97
N ASP C 268 13.29 -12.22 22.23
CA ASP C 268 13.86 -13.00 23.33
C ASP C 268 12.96 -14.18 23.69
N ALA C 269 11.85 -14.35 22.96
CA ALA C 269 10.97 -15.49 23.19
C ALA C 269 11.70 -16.78 22.88
N PRO C 270 11.42 -17.84 23.66
CA PRO C 270 12.13 -19.11 23.49
C PRO C 270 11.72 -19.86 22.22
N VAL C 271 12.68 -20.48 21.55
CA VAL C 271 12.46 -21.30 20.37
C VAL C 271 12.05 -22.71 20.78
N HIS C 272 11.03 -23.26 20.11
CA HIS C 272 10.50 -24.57 20.44
C HIS C 272 10.27 -25.41 19.19
N ASP C 273 9.91 -26.67 19.39
CA ASP C 273 9.78 -27.64 18.31
C ASP C 273 8.42 -27.56 17.61
N CYS C 274 7.60 -26.60 18.01
CA CYS C 274 6.27 -26.41 17.46
C CYS C 274 6.26 -25.94 15.99
N ASN C 275 5.11 -26.13 15.34
CA ASN C 275 4.90 -25.66 13.99
C ASN C 275 3.88 -24.54 13.99
N THR C 276 4.10 -23.55 13.13
CA THR C 276 3.14 -22.46 12.95
C THR C 276 3.17 -22.02 11.49
N LYS C 277 2.07 -21.41 11.04
CA LYS C 277 2.08 -20.72 9.75
C LYS C 277 2.33 -19.21 9.86
N CYS C 278 2.26 -18.67 11.07
CA CYS C 278 2.50 -17.24 11.28
C CYS C 278 3.31 -17.01 12.55
N GLN C 279 4.45 -16.34 12.40
CA GLN C 279 5.31 -16.03 13.54
C GLN C 279 5.33 -14.53 13.79
N THR C 280 5.26 -14.16 15.08
CA THR C 280 5.42 -12.77 15.51
C THR C 280 6.58 -12.74 16.47
N PRO C 281 7.14 -11.55 16.72
CA PRO C 281 8.22 -11.45 17.71
C PRO C 281 7.77 -11.88 19.12
N HIS C 282 6.47 -11.75 19.41
CA HIS C 282 5.89 -12.17 20.68
C HIS C 282 5.66 -13.67 20.80
N GLY C 283 5.36 -14.31 19.69
CA GLY C 283 5.06 -15.72 19.68
C GLY C 283 4.25 -16.08 18.46
N ALA C 284 4.01 -17.37 18.25
CA ALA C 284 3.22 -17.85 17.11
C ALA C 284 1.73 -17.62 17.33
N ILE C 285 0.98 -17.47 16.24
CA ILE C 285 -0.47 -17.29 16.33
C ILE C 285 -1.20 -18.22 15.36
N ASN C 286 -2.47 -18.52 15.64
CA ASN C 286 -3.28 -19.28 14.69
C ASN C 286 -3.54 -18.37 13.49
N SER C 287 -3.39 -18.92 12.30
CA SER C 287 -3.59 -18.17 11.06
C SER C 287 -4.99 -18.38 10.45
N SER C 288 -5.88 -19.08 11.14
CA SER C 288 -7.20 -19.39 10.61
C SER C 288 -8.09 -18.16 10.44
N LEU C 289 -8.03 -17.24 11.41
CA LEU C 289 -8.87 -16.05 11.36
C LEU C 289 -8.28 -14.97 10.46
N PRO C 290 -9.14 -14.09 9.89
CA PRO C 290 -8.72 -13.06 8.94
C PRO C 290 -7.92 -11.89 9.55
N PHE C 291 -8.11 -11.60 10.84
CA PHE C 291 -7.49 -10.44 11.48
C PHE C 291 -6.76 -10.80 12.79
N GLN C 292 -5.68 -10.08 13.09
CA GLN C 292 -4.95 -10.21 14.34
C GLN C 292 -4.47 -8.87 14.87
N ASN C 293 -4.48 -8.69 16.18
CA ASN C 293 -3.92 -7.50 16.82
C ASN C 293 -2.60 -7.77 17.57
N ILE C 294 -1.99 -8.93 17.37
CA ILE C 294 -0.75 -9.27 18.07
C ILE C 294 0.46 -8.41 17.68
N HIS C 295 0.68 -8.20 16.38
CA HIS C 295 1.90 -7.51 15.94
C HIS C 295 1.90 -7.25 14.44
N PRO C 296 2.30 -6.03 14.03
CA PRO C 296 2.29 -5.71 12.59
C PRO C 296 3.40 -6.38 11.79
N VAL C 297 4.53 -6.65 12.43
CA VAL C 297 5.68 -7.16 11.71
C VAL C 297 5.76 -8.65 11.95
N THR C 298 5.40 -9.42 10.93
CA THR C 298 5.28 -10.86 11.06
C THR C 298 6.01 -11.56 9.93
N ILE C 299 6.20 -12.85 10.11
CA ILE C 299 6.69 -13.71 9.03
C ILE C 299 5.78 -14.93 8.94
N GLY C 300 5.20 -15.13 7.77
CA GLY C 300 4.40 -16.32 7.53
C GLY C 300 3.21 -16.02 6.64
N GLU C 301 2.23 -16.90 6.71
CA GLU C 301 0.93 -16.63 6.14
C GLU C 301 0.07 -16.18 7.30
N CYS C 302 -0.17 -14.88 7.37
CA CYS C 302 -0.64 -14.29 8.62
C CYS C 302 -1.95 -13.56 8.41
N PRO C 303 -2.81 -13.57 9.43
CA PRO C 303 -3.98 -12.69 9.38
C PRO C 303 -3.54 -11.24 9.23
N LYS C 304 -4.40 -10.38 8.72
CA LYS C 304 -4.04 -8.98 8.59
C LYS C 304 -3.97 -8.33 9.96
N TYR C 305 -2.92 -7.56 10.19
CA TYR C 305 -2.80 -6.83 11.44
C TYR C 305 -3.78 -5.68 11.48
N VAL C 306 -4.49 -5.55 12.60
CA VAL C 306 -5.43 -4.44 12.81
C VAL C 306 -5.28 -3.87 14.22
N ARG C 307 -5.75 -2.64 14.43
CA ARG C 307 -5.73 -2.03 15.76
C ARG C 307 -6.91 -2.45 16.62
N SER C 308 -7.87 -3.18 16.03
CA SER C 308 -9.09 -3.56 16.74
C SER C 308 -8.78 -4.39 17.97
N THR C 309 -9.44 -4.07 19.08
CA THR C 309 -9.41 -4.94 20.26
C THR C 309 -10.54 -5.97 20.27
N LYS C 310 -11.62 -5.70 19.52
CA LYS C 310 -12.74 -6.63 19.42
C LYS C 310 -13.33 -6.66 18.01
N LEU C 311 -13.35 -7.83 17.39
CA LEU C 311 -14.17 -8.04 16.20
C LEU C 311 -14.98 -9.33 16.40
N ARG C 312 -16.26 -9.18 16.66
CA ARG C 312 -17.13 -10.30 16.98
C ARG C 312 -18.37 -10.23 16.12
N MET C 313 -18.62 -11.31 15.41
CA MET C 313 -19.69 -11.40 14.45
C MET C 313 -20.88 -12.13 15.06
N ALA C 314 -22.05 -11.49 15.04
CA ALA C 314 -23.29 -12.15 15.43
C ALA C 314 -23.60 -13.30 14.48
N THR C 315 -24.00 -14.43 15.05
CA THR C 315 -24.48 -15.58 14.30
C THR C 315 -25.95 -15.84 14.66
N GLY C 316 -26.18 -16.06 15.94
CA GLY C 316 -27.54 -16.18 16.48
C GLY C 316 -28.22 -14.82 16.51
N LEU C 317 -29.31 -14.72 17.26
CA LEU C 317 -30.15 -13.52 17.26
C LEU C 317 -30.11 -12.79 18.59
N ARG C 318 -30.84 -11.67 18.66
CA ARG C 318 -30.95 -10.85 19.85
C ARG C 318 -31.43 -11.68 21.04
N ASN C 319 -30.69 -11.69 22.14
CA ASN C 319 -31.05 -12.57 23.25
C ASN C 319 -32.00 -11.87 24.21
N ILE C 320 -33.23 -12.34 24.24
CA ILE C 320 -34.28 -11.71 25.04
C ILE C 320 -35.03 -12.74 25.87
N PRO C 321 -34.37 -13.26 26.92
CA PRO C 321 -35.02 -14.22 27.83
C PRO C 321 -36.02 -13.56 28.76
N GLY D 1 -36.56 -3.53 15.47
CA GLY D 1 -36.02 -4.33 14.34
C GLY D 1 -36.69 -3.98 13.03
N LEU D 2 -35.94 -4.14 11.95
CA LEU D 2 -36.38 -3.73 10.62
C LEU D 2 -37.72 -4.36 10.21
N PHE D 3 -37.92 -5.64 10.53
CA PHE D 3 -39.14 -6.35 10.17
C PHE D 3 -40.17 -6.45 11.30
N GLY D 4 -39.85 -5.85 12.45
CA GLY D 4 -40.84 -5.58 13.48
C GLY D 4 -41.35 -6.78 14.26
N ALA D 5 -40.68 -7.93 14.15
CA ALA D 5 -41.10 -9.14 14.86
C ALA D 5 -40.29 -9.33 16.14
N ILE D 6 -38.99 -9.58 16.02
CA ILE D 6 -38.13 -9.77 17.18
C ILE D 6 -38.02 -8.45 17.98
N ALA D 7 -38.29 -8.55 19.28
CA ALA D 7 -38.44 -7.37 20.14
C ALA D 7 -39.52 -6.46 19.57
N GLY D 8 -40.36 -7.07 18.74
CA GLY D 8 -41.43 -6.43 17.99
C GLY D 8 -42.78 -6.77 18.57
N PHE D 9 -43.74 -6.98 17.67
CA PHE D 9 -45.04 -7.46 18.08
C PHE D 9 -44.91 -8.83 18.78
N ILE D 10 -43.76 -9.50 18.63
CA ILE D 10 -43.40 -10.63 19.51
C ILE D 10 -42.31 -10.16 20.46
N GLU D 11 -42.67 -9.96 21.72
CA GLU D 11 -41.85 -9.13 22.60
C GLU D 11 -40.58 -9.79 23.09
N GLY D 12 -40.59 -11.11 23.22
CA GLY D 12 -39.46 -11.81 23.80
C GLY D 12 -39.22 -13.19 23.22
N GLY D 13 -38.08 -13.76 23.59
CA GLY D 13 -37.68 -15.07 23.11
C GLY D 13 -38.00 -16.17 24.11
N TRP D 14 -37.81 -17.41 23.69
CA TRP D 14 -38.17 -18.57 24.50
C TRP D 14 -36.94 -19.34 24.97
N THR D 15 -36.65 -19.26 26.27
CA THR D 15 -35.61 -20.09 26.85
C THR D 15 -36.05 -21.55 26.80
N GLY D 16 -37.36 -21.77 26.76
CA GLY D 16 -37.93 -23.09 26.70
C GLY D 16 -37.67 -23.85 25.42
N MET D 17 -37.35 -23.14 24.34
CA MET D 17 -37.10 -23.80 23.07
C MET D 17 -35.60 -23.90 22.86
N ILE D 18 -35.07 -25.09 23.12
CA ILE D 18 -33.64 -25.36 23.06
C ILE D 18 -33.14 -25.75 21.67
N ASP D 19 -34.00 -26.41 20.90
CA ASP D 19 -33.54 -27.17 19.72
C ASP D 19 -33.55 -26.40 18.41
N GLY D 20 -33.84 -25.10 18.44
CA GLY D 20 -33.84 -24.32 17.21
C GLY D 20 -33.91 -22.83 17.44
N TRP D 21 -33.70 -22.05 16.37
CA TRP D 21 -33.75 -20.60 16.44
C TRP D 21 -35.18 -20.05 16.38
N TYR D 22 -35.98 -20.65 15.50
CA TYR D 22 -37.35 -20.21 15.27
C TYR D 22 -38.26 -21.40 15.48
N GLY D 23 -39.48 -21.16 15.95
CA GLY D 23 -40.38 -22.27 16.21
C GLY D 23 -41.73 -21.91 16.78
N TYR D 24 -42.34 -22.93 17.38
CA TYR D 24 -43.73 -22.85 17.82
C TYR D 24 -43.92 -23.24 19.28
N HIS D 25 -44.84 -22.55 19.96
CA HIS D 25 -45.34 -23.05 21.23
C HIS D 25 -46.81 -23.38 21.09
N HIS D 26 -47.18 -24.60 21.48
CA HIS D 26 -48.54 -25.10 21.32
C HIS D 26 -49.17 -25.45 22.66
N GLN D 27 -50.48 -25.26 22.74
CA GLN D 27 -51.25 -25.67 23.91
C GLN D 27 -52.59 -26.27 23.48
N ASN D 28 -52.84 -27.51 23.87
CA ASN D 28 -54.12 -28.15 23.63
C ASN D 28 -54.47 -29.08 24.79
N GLU D 29 -55.54 -29.85 24.64
CA GLU D 29 -55.99 -30.74 25.72
C GLU D 29 -54.95 -31.79 26.07
N GLN D 30 -54.14 -32.19 25.09
CA GLN D 30 -53.12 -33.20 25.30
C GLN D 30 -51.91 -32.68 26.09
N GLY D 31 -51.79 -31.36 26.19
CA GLY D 31 -50.67 -30.75 26.89
C GLY D 31 -50.13 -29.53 26.17
N SER D 32 -48.97 -29.04 26.61
CA SER D 32 -48.32 -27.90 25.97
C SER D 32 -46.83 -28.18 25.79
N GLY D 33 -46.14 -27.35 25.01
CA GLY D 33 -44.72 -27.54 24.78
C GLY D 33 -44.15 -26.73 23.63
N TYR D 34 -42.83 -26.80 23.47
CA TYR D 34 -42.14 -26.08 22.42
C TYR D 34 -41.68 -27.02 21.31
N ALA D 35 -41.71 -26.52 20.08
CA ALA D 35 -41.16 -27.23 18.94
C ALA D 35 -40.46 -26.25 18.00
N ALA D 36 -39.22 -26.55 17.66
CA ALA D 36 -38.48 -25.71 16.73
C ALA D 36 -38.96 -25.99 15.32
N ASP D 37 -38.94 -24.97 14.48
CA ASP D 37 -39.24 -25.16 13.07
C ASP D 37 -37.94 -25.47 12.33
N GLN D 38 -37.85 -26.69 11.82
CA GLN D 38 -36.58 -27.20 11.31
C GLN D 38 -36.21 -26.59 9.97
N LYS D 39 -37.22 -26.34 9.14
CA LYS D 39 -36.96 -25.81 7.80
C LYS D 39 -36.35 -24.41 7.89
N SER D 40 -37.00 -23.53 8.64
CA SER D 40 -36.54 -22.15 8.72
C SER D 40 -35.24 -22.05 9.52
N THR D 41 -35.14 -22.82 10.59
CA THR D 41 -33.92 -22.83 11.40
C THR D 41 -32.72 -23.28 10.57
N GLN D 42 -32.86 -24.40 9.88
CA GLN D 42 -31.75 -24.94 9.12
C GLN D 42 -31.36 -24.04 7.94
N ASN D 43 -32.35 -23.40 7.33
CA ASN D 43 -32.10 -22.47 6.25
C ASN D 43 -31.32 -21.26 6.74
N ALA D 44 -31.64 -20.80 7.95
CA ALA D 44 -30.95 -19.68 8.55
C ALA D 44 -29.51 -20.05 8.90
N ILE D 45 -29.36 -21.24 9.48
CA ILE D 45 -28.04 -21.75 9.84
C ILE D 45 -27.15 -21.84 8.61
N ASP D 46 -27.67 -22.42 7.53
CA ASP D 46 -26.94 -22.52 6.28
C ASP D 46 -26.53 -21.14 5.77
N GLY D 47 -27.44 -20.18 5.86
CA GLY D 47 -27.18 -18.84 5.40
C GLY D 47 -26.11 -18.13 6.21
N ILE D 48 -26.25 -18.18 7.53
CA ILE D 48 -25.31 -17.51 8.42
C ILE D 48 -23.95 -18.19 8.37
N THR D 49 -23.94 -19.52 8.26
CA THR D 49 -22.70 -20.26 8.15
C THR D 49 -21.95 -19.85 6.89
N ASN D 50 -22.70 -19.63 5.82
CA ASN D 50 -22.13 -19.20 4.56
C ASN D 50 -21.51 -17.79 4.66
N LYS D 51 -22.16 -16.92 5.41
CA LYS D 51 -21.68 -15.55 5.60
C LYS D 51 -20.36 -15.53 6.38
N VAL D 52 -20.34 -16.21 7.51
CA VAL D 52 -19.14 -16.28 8.35
C VAL D 52 -17.99 -16.85 7.56
N ASN D 53 -18.23 -17.96 6.87
CA ASN D 53 -17.20 -18.60 6.07
C ASN D 53 -16.73 -17.69 4.93
N SER D 54 -17.65 -16.88 4.38
CA SER D 54 -17.28 -15.93 3.34
C SER D 54 -16.31 -14.88 3.88
N VAL D 55 -16.63 -14.34 5.05
CA VAL D 55 -15.80 -13.30 5.65
C VAL D 55 -14.41 -13.85 5.99
N ILE D 56 -14.37 -15.09 6.46
CA ILE D 56 -13.09 -15.72 6.81
C ILE D 56 -12.31 -16.18 5.58
N GLU D 57 -12.98 -16.91 4.69
CA GLU D 57 -12.27 -17.60 3.59
C GLU D 57 -11.92 -16.73 2.38
N LYS D 58 -12.61 -15.61 2.18
CA LYS D 58 -12.31 -14.74 1.05
C LYS D 58 -10.98 -14.00 1.29
N MET D 59 -10.48 -14.08 2.52
CA MET D 59 -9.20 -13.46 2.85
C MET D 59 -8.11 -14.29 2.22
N ASN D 60 -7.31 -13.66 1.39
CA ASN D 60 -6.24 -14.36 0.72
C ASN D 60 -4.92 -13.96 1.32
N THR D 61 -4.10 -14.97 1.62
CA THR D 61 -2.82 -14.77 2.24
C THR D 61 -1.69 -15.47 1.50
N GLN D 62 -0.58 -14.77 1.32
CA GLN D 62 0.62 -15.36 0.79
C GLN D 62 1.68 -15.26 1.88
N PHE D 63 2.70 -16.11 1.80
CA PHE D 63 3.80 -16.05 2.75
C PHE D 63 4.50 -14.69 2.60
N THR D 64 4.60 -13.94 3.68
CA THR D 64 5.17 -12.60 3.65
C THR D 64 6.02 -12.39 4.89
N ALA D 65 7.19 -11.80 4.69
CA ALA D 65 8.00 -11.28 5.78
C ALA D 65 7.83 -9.77 5.72
N VAL D 66 7.11 -9.23 6.70
CA VAL D 66 6.74 -7.82 6.68
C VAL D 66 7.93 -6.91 6.94
N GLY D 67 8.78 -7.34 7.85
CA GLY D 67 9.89 -6.52 8.33
C GLY D 67 11.00 -6.32 7.31
N LYS D 68 11.65 -5.16 7.37
CA LYS D 68 12.82 -4.87 6.56
C LYS D 68 13.82 -4.08 7.39
N GLU D 69 15.10 -4.23 7.08
CA GLU D 69 16.15 -3.53 7.82
C GLU D 69 16.82 -2.51 6.91
N PHE D 70 16.99 -1.30 7.44
CA PHE D 70 17.61 -0.21 6.69
C PHE D 70 18.67 0.44 7.56
N ASN D 71 19.76 0.92 6.95
CA ASN D 71 20.80 1.59 7.72
C ASN D 71 20.49 3.08 7.85
N ASN D 72 21.39 3.81 8.51
CA ASN D 72 21.13 5.18 8.90
C ASN D 72 21.24 6.18 7.74
N LEU D 73 21.66 5.72 6.56
CA LEU D 73 21.57 6.51 5.33
C LEU D 73 20.36 6.08 4.46
N GLU D 74 19.56 5.17 4.98
CA GLU D 74 18.35 4.71 4.32
C GLU D 74 17.03 5.21 4.93
N ARG D 75 17.08 6.27 5.73
CA ARG D 75 15.88 6.73 6.44
C ARG D 75 14.63 6.92 5.56
N ARG D 76 14.81 7.42 4.35
CA ARG D 76 13.67 7.72 3.50
C ARG D 76 12.90 6.46 3.11
N ILE D 77 13.62 5.44 2.67
CA ILE D 77 12.96 4.20 2.27
C ILE D 77 12.47 3.45 3.52
N GLU D 78 13.13 3.67 4.65
CA GLU D 78 12.62 3.11 5.91
C GLU D 78 11.25 3.70 6.23
N ASN D 79 11.08 5.01 6.01
CA ASN D 79 9.80 5.66 6.29
C ASN D 79 8.78 5.35 5.22
N LEU D 80 9.24 5.11 3.99
CA LEU D 80 8.34 4.65 2.94
C LEU D 80 7.73 3.31 3.34
N ASN D 81 8.58 2.39 3.79
CA ASN D 81 8.13 1.08 4.25
C ASN D 81 7.14 1.20 5.39
N LYS D 82 7.41 2.12 6.31
CA LYS D 82 6.50 2.37 7.42
C LYS D 82 5.17 2.94 6.93
N LYS D 83 5.23 3.84 5.95
CA LYS D 83 4.01 4.39 5.38
C LYS D 83 3.15 3.27 4.73
N VAL D 84 3.80 2.28 4.13
CA VAL D 84 3.07 1.16 3.52
C VAL D 84 2.37 0.37 4.61
N ASP D 85 3.13 -0.08 5.62
CA ASP D 85 2.58 -0.85 6.74
C ASP D 85 1.47 -0.09 7.46
N ASP D 86 1.71 1.17 7.77
CA ASP D 86 0.72 1.97 8.47
C ASP D 86 -0.52 2.18 7.59
N GLY D 87 -0.31 2.30 6.29
CA GLY D 87 -1.40 2.50 5.36
C GLY D 87 -2.30 1.27 5.23
N PHE D 88 -1.69 0.09 5.19
CA PHE D 88 -2.45 -1.14 5.18
C PHE D 88 -3.22 -1.31 6.47
N LEU D 89 -2.59 -0.93 7.59
CA LEU D 89 -3.23 -1.00 8.91
C LEU D 89 -4.49 -0.14 9.01
N ASP D 90 -4.43 1.07 8.49
CA ASP D 90 -5.57 1.98 8.52
C ASP D 90 -6.72 1.41 7.70
N ILE D 91 -6.38 0.87 6.54
CA ILE D 91 -7.38 0.32 5.63
C ILE D 91 -8.05 -0.93 6.24
N TRP D 92 -7.26 -1.88 6.73
CA TRP D 92 -7.83 -3.13 7.24
C TRP D 92 -8.60 -2.93 8.55
N THR D 93 -8.11 -2.04 9.41
CA THR D 93 -8.79 -1.76 10.66
C THR D 93 -10.15 -1.16 10.39
N TYR D 94 -10.18 -0.12 9.55
CA TYR D 94 -11.43 0.58 9.26
C TYR D 94 -12.44 -0.35 8.61
N ASN D 95 -11.99 -1.11 7.60
CA ASN D 95 -12.88 -1.97 6.83
C ASN D 95 -13.39 -3.16 7.65
N ALA D 96 -12.53 -3.73 8.47
CA ALA D 96 -12.89 -4.84 9.34
C ALA D 96 -13.93 -4.38 10.36
N GLU D 97 -13.69 -3.22 10.96
CA GLU D 97 -14.61 -2.65 11.94
C GLU D 97 -15.99 -2.43 11.31
N LEU D 98 -16.03 -1.76 10.16
CA LEU D 98 -17.30 -1.42 9.55
C LEU D 98 -18.01 -2.66 8.98
N LEU D 99 -17.26 -3.60 8.43
CA LEU D 99 -17.83 -4.84 7.92
C LEU D 99 -18.59 -5.57 9.04
N VAL D 100 -17.97 -5.67 10.20
CA VAL D 100 -18.58 -6.35 11.33
C VAL D 100 -19.82 -5.58 11.84
N LEU D 101 -19.72 -4.27 11.94
CA LEU D 101 -20.86 -3.45 12.38
C LEU D 101 -22.04 -3.60 11.45
N LEU D 102 -21.77 -3.49 10.16
CA LEU D 102 -22.82 -3.50 9.16
C LEU D 102 -23.44 -4.88 9.02
N GLU D 103 -22.60 -5.92 9.02
CA GLU D 103 -23.10 -7.26 8.81
C GLU D 103 -23.77 -7.85 10.04
N ASN D 104 -23.41 -7.36 11.23
CA ASN D 104 -24.16 -7.72 12.42
C ASN D 104 -25.58 -7.17 12.33
N GLU D 105 -25.72 -5.93 11.84
CA GLU D 105 -27.03 -5.35 11.65
C GLU D 105 -27.86 -6.23 10.70
N ARG D 106 -27.24 -6.62 9.58
CA ARG D 106 -27.91 -7.45 8.60
C ARG D 106 -28.27 -8.85 9.13
N THR D 107 -27.41 -9.40 9.98
CA THR D 107 -27.68 -10.71 10.57
C THR D 107 -28.90 -10.65 11.49
N LEU D 108 -28.98 -9.61 12.31
CA LEU D 108 -30.10 -9.47 13.21
C LEU D 108 -31.40 -9.18 12.44
N ASP D 109 -31.30 -8.39 11.37
CA ASP D 109 -32.44 -8.15 10.47
C ASP D 109 -32.92 -9.45 9.84
N PHE D 110 -31.96 -10.28 9.44
CA PHE D 110 -32.24 -11.55 8.78
C PHE D 110 -33.07 -12.44 9.69
N HIS D 111 -32.68 -12.52 10.96
CA HIS D 111 -33.43 -13.29 11.94
C HIS D 111 -34.82 -12.73 12.11
N ASP D 112 -34.91 -11.40 12.17
CA ASP D 112 -36.18 -10.70 12.31
C ASP D 112 -37.10 -11.09 11.14
N SER D 113 -36.54 -11.00 9.94
CA SER D 113 -37.24 -11.39 8.72
C SER D 113 -37.74 -12.83 8.76
N ASN D 114 -36.91 -13.72 9.26
CA ASN D 114 -37.25 -15.13 9.31
C ASN D 114 -38.43 -15.39 10.24
N VAL D 115 -38.44 -14.72 11.39
CA VAL D 115 -39.54 -14.87 12.33
C VAL D 115 -40.84 -14.34 11.73
N ARG D 116 -40.77 -13.19 11.08
CA ARG D 116 -41.95 -12.58 10.47
C ARG D 116 -42.51 -13.47 9.38
N ASN D 117 -41.63 -14.00 8.54
CA ASN D 117 -42.06 -14.86 7.42
C ASN D 117 -42.73 -16.14 7.94
N LEU D 118 -42.18 -16.69 9.01
CA LEU D 118 -42.75 -17.88 9.63
C LEU D 118 -44.14 -17.56 10.15
N TYR D 119 -44.26 -16.45 10.85
CA TYR D 119 -45.52 -16.00 11.38
C TYR D 119 -46.59 -15.85 10.31
N GLU D 120 -46.22 -15.19 9.21
CA GLU D 120 -47.18 -14.91 8.15
C GLU D 120 -47.54 -16.16 7.35
N LYS D 121 -46.62 -17.11 7.29
CA LYS D 121 -46.88 -18.38 6.64
C LYS D 121 -47.94 -19.16 7.42
N VAL D 122 -47.80 -19.19 8.74
CA VAL D 122 -48.78 -19.86 9.60
C VAL D 122 -50.12 -19.17 9.50
N LYS D 123 -50.09 -17.84 9.54
CA LYS D 123 -51.30 -17.03 9.40
C LYS D 123 -52.07 -17.38 8.13
N SER D 124 -51.36 -17.52 7.03
CA SER D 124 -52.02 -17.75 5.75
C SER D 124 -52.74 -19.09 5.67
N GLN D 125 -52.17 -20.13 6.27
CA GLN D 125 -52.79 -21.46 6.19
C GLN D 125 -53.97 -21.58 7.15
N LEU D 126 -53.89 -20.93 8.32
CA LEU D 126 -54.97 -21.02 9.30
C LEU D 126 -56.18 -20.18 8.87
N LYS D 127 -55.93 -19.00 8.29
CA LYS D 127 -57.01 -18.12 7.86
C LYS D 127 -57.98 -17.80 9.01
N ASN D 128 -59.28 -17.89 8.76
CA ASN D 128 -60.28 -17.52 9.76
C ASN D 128 -60.67 -18.68 10.67
N ASN D 129 -60.01 -19.81 10.51
CA ASN D 129 -60.19 -20.94 11.41
C ASN D 129 -59.51 -20.66 12.75
N ALA D 130 -58.79 -19.55 12.83
CA ALA D 130 -58.13 -19.16 14.07
C ALA D 130 -58.17 -17.65 14.27
N LYS D 131 -58.08 -17.24 15.53
CA LYS D 131 -58.07 -15.84 15.90
C LYS D 131 -56.63 -15.39 16.17
N GLU D 132 -56.30 -14.21 15.68
CA GLU D 132 -54.98 -13.62 15.92
C GLU D 132 -55.00 -12.78 17.19
N ILE D 133 -54.28 -13.25 18.19
CA ILE D 133 -54.21 -12.60 19.49
C ILE D 133 -53.25 -11.43 19.49
N GLY D 134 -52.05 -11.67 18.96
CA GLY D 134 -50.94 -10.75 19.07
C GLY D 134 -49.86 -11.49 19.84
N ASN D 135 -48.65 -10.93 19.87
CA ASN D 135 -47.53 -11.58 20.52
C ASN D 135 -47.19 -12.89 19.81
N GLY D 136 -47.63 -13.00 18.56
CA GLY D 136 -47.31 -14.16 17.75
C GLY D 136 -48.22 -15.37 17.91
N CYS D 137 -49.33 -15.21 18.62
CA CYS D 137 -50.20 -16.35 18.95
C CYS D 137 -51.50 -16.39 18.13
N PHE D 138 -51.95 -17.62 17.88
CA PHE D 138 -53.23 -17.89 17.21
C PHE D 138 -54.15 -18.75 18.10
N GLU D 139 -55.39 -18.32 18.33
CA GLU D 139 -56.40 -19.12 19.03
C GLU D 139 -57.30 -19.82 18.03
N PHE D 140 -57.27 -21.14 17.99
CA PHE D 140 -58.07 -21.89 17.04
C PHE D 140 -59.56 -21.78 17.32
N TYR D 141 -60.36 -21.83 16.25
CA TYR D 141 -61.81 -21.84 16.37
C TYR D 141 -62.32 -23.28 16.37
N HIS D 142 -61.38 -24.21 16.36
CA HIS D 142 -61.69 -25.62 16.50
C HIS D 142 -60.66 -26.22 17.45
N LYS D 143 -60.79 -27.51 17.75
CA LYS D 143 -59.84 -28.18 18.61
C LYS D 143 -58.72 -28.81 17.77
N CYS D 144 -57.48 -28.47 18.11
CA CYS D 144 -56.31 -28.95 17.39
C CYS D 144 -55.47 -29.84 18.29
N ASP D 145 -55.46 -31.14 18.00
CA ASP D 145 -54.67 -32.08 18.78
C ASP D 145 -53.21 -32.04 18.32
N ASP D 146 -52.37 -32.86 18.94
CA ASP D 146 -50.95 -32.88 18.62
C ASP D 146 -50.73 -33.24 17.15
N ALA D 147 -51.66 -34.02 16.60
CA ALA D 147 -51.60 -34.41 15.20
C ALA D 147 -51.96 -33.24 14.28
N CYS D 148 -52.92 -32.43 14.71
CA CYS D 148 -53.35 -31.28 13.93
C CYS D 148 -52.31 -30.15 13.92
N MET D 149 -51.82 -29.79 15.10
CA MET D 149 -50.84 -28.72 15.19
C MET D 149 -49.55 -29.13 14.50
N GLU D 150 -49.26 -30.43 14.49
CA GLU D 150 -48.07 -30.91 13.79
C GLU D 150 -48.22 -30.62 12.30
N SER D 151 -49.45 -30.71 11.78
CA SER D 151 -49.71 -30.42 10.38
C SER D 151 -49.48 -28.93 10.10
N VAL D 152 -49.75 -28.09 11.10
CA VAL D 152 -49.50 -26.67 10.98
C VAL D 152 -48.00 -26.41 10.87
N ARG D 153 -47.23 -27.05 11.75
CA ARG D 153 -45.78 -26.93 11.76
C ARG D 153 -45.17 -27.60 10.52
N ASN D 154 -45.89 -28.58 9.98
CA ASN D 154 -45.45 -29.34 8.81
C ASN D 154 -45.81 -28.58 7.52
N GLY D 155 -46.67 -27.57 7.66
CA GLY D 155 -47.14 -26.79 6.53
C GLY D 155 -48.26 -27.48 5.74
N THR D 156 -48.69 -28.63 6.25
CA THR D 156 -49.72 -29.46 5.61
C THR D 156 -51.15 -29.25 6.15
N TYR D 157 -51.33 -28.24 7.00
CA TYR D 157 -52.63 -28.00 7.65
C TYR D 157 -53.79 -27.98 6.65
N ASP D 158 -54.86 -28.69 6.99
CA ASP D 158 -56.02 -28.85 6.11
C ASP D 158 -57.13 -27.89 6.55
N TYR D 159 -57.31 -26.82 5.78
CA TYR D 159 -58.27 -25.79 6.18
C TYR D 159 -59.71 -26.29 6.07
N PRO D 160 -60.12 -26.80 4.89
CA PRO D 160 -61.53 -27.21 4.89
C PRO D 160 -61.76 -28.60 5.51
N LYS D 161 -60.92 -28.97 6.47
CA LYS D 161 -61.18 -30.06 7.39
C LYS D 161 -62.00 -29.47 8.50
N TYR D 162 -61.60 -28.27 8.89
CA TYR D 162 -62.17 -27.54 10.00
C TYR D 162 -63.01 -26.38 9.50
N SER D 163 -63.95 -25.96 10.34
CA SER D 163 -64.87 -24.87 10.03
C SER D 163 -65.22 -24.19 11.36
N GLU D 164 -66.28 -23.38 11.37
CA GLU D 164 -66.78 -22.75 12.59
C GLU D 164 -65.68 -22.07 13.39
N ASP E 1 -64.20 10.95 12.53
CA ASP E 1 -62.96 10.97 13.38
C ASP E 1 -61.89 10.06 12.79
N THR E 2 -60.68 10.61 12.64
CA THR E 2 -59.58 9.90 12.01
C THR E 2 -58.25 10.09 12.72
N ILE E 3 -57.42 9.06 12.66
CA ILE E 3 -56.02 9.18 13.01
C ILE E 3 -55.18 8.62 11.87
N CYS E 4 -54.10 9.32 11.55
CA CYS E 4 -53.23 8.96 10.45
C CYS E 4 -51.79 8.77 10.90
N ILE E 5 -51.09 7.85 10.25
CA ILE E 5 -49.67 7.65 10.50
C ILE E 5 -48.89 8.32 9.39
N GLY E 6 -47.86 9.09 9.75
CA GLY E 6 -47.08 9.83 8.77
C GLY E 6 -45.68 10.17 9.22
N TYR E 7 -44.97 10.91 8.37
CA TYR E 7 -43.57 11.22 8.61
C TYR E 7 -43.23 12.67 8.26
N HIS E 8 -42.08 13.11 8.77
CA HIS E 8 -41.63 14.49 8.68
C HIS E 8 -41.29 14.93 7.26
N ALA E 9 -41.57 16.20 6.98
CA ALA E 9 -41.07 16.87 5.80
C ALA E 9 -40.69 18.30 6.21
N ASN E 10 -39.84 18.93 5.42
CA ASN E 10 -39.42 20.29 5.71
C ASN E 10 -38.94 20.99 4.44
N ASN E 11 -38.30 22.15 4.60
CA ASN E 11 -37.87 22.95 3.45
C ASN E 11 -36.45 22.62 2.98
N SER E 12 -35.83 21.60 3.58
CA SER E 12 -34.45 21.23 3.25
C SER E 12 -34.27 20.94 1.77
N THR E 13 -33.24 21.55 1.18
CA THR E 13 -32.82 21.28 -0.19
C THR E 13 -31.62 20.33 -0.25
N ASP E 14 -31.15 19.87 0.91
CA ASP E 14 -30.03 18.93 0.99
C ASP E 14 -30.28 17.69 0.11
N THR E 15 -29.29 17.33 -0.68
CA THR E 15 -29.36 16.12 -1.51
C THR E 15 -28.22 15.17 -1.15
N VAL E 16 -28.49 13.88 -1.33
CA VAL E 16 -27.48 12.83 -1.17
C VAL E 16 -27.63 11.85 -2.34
N ASP E 17 -26.59 11.06 -2.57
CA ASP E 17 -26.67 9.98 -3.56
C ASP E 17 -26.89 8.66 -2.84
N THR E 18 -27.67 7.79 -3.47
CA THR E 18 -27.86 6.44 -2.97
C THR E 18 -27.49 5.47 -4.09
N VAL E 19 -27.29 4.21 -3.75
CA VAL E 19 -26.85 3.23 -4.74
C VAL E 19 -27.91 3.02 -5.82
N LEU E 20 -29.19 3.09 -5.45
CA LEU E 20 -30.29 2.94 -6.41
C LEU E 20 -30.67 4.23 -7.13
N GLU E 21 -30.47 5.39 -6.49
CA GLU E 21 -30.94 6.66 -7.05
C GLU E 21 -29.99 7.82 -6.76
N LYS E 22 -29.71 8.62 -7.79
CA LYS E 22 -28.94 9.85 -7.62
C LYS E 22 -29.77 11.01 -7.10
N ASN E 23 -29.11 11.92 -6.39
CA ASN E 23 -29.67 13.23 -6.04
C ASN E 23 -31.03 13.17 -5.32
N VAL E 24 -31.09 12.37 -4.26
CA VAL E 24 -32.29 12.28 -3.43
C VAL E 24 -32.31 13.39 -2.39
N THR E 25 -33.38 14.19 -2.40
CA THR E 25 -33.55 15.26 -1.43
C THR E 25 -34.00 14.69 -0.08
N VAL E 26 -33.26 15.04 0.98
CA VAL E 26 -33.54 14.51 2.31
C VAL E 26 -33.70 15.62 3.32
N THR E 27 -34.38 15.32 4.43
CA THR E 27 -34.74 16.34 5.41
C THR E 27 -33.54 16.78 6.24
N HIS E 28 -32.61 15.85 6.49
CA HIS E 28 -31.39 16.14 7.25
C HIS E 28 -30.22 15.32 6.70
N SER E 29 -29.01 15.88 6.78
CA SER E 29 -27.82 15.19 6.30
C SER E 29 -26.57 15.71 6.99
N VAL E 30 -25.48 14.94 6.90
CA VAL E 30 -24.19 15.36 7.47
C VAL E 30 -23.04 15.11 6.50
N ASN E 31 -22.05 15.98 6.59
CA ASN E 31 -20.87 15.90 5.74
C ASN E 31 -19.77 15.04 6.34
N LEU E 32 -19.28 14.08 5.55
CA LEU E 32 -18.16 13.22 5.96
C LEU E 32 -16.81 13.66 5.39
N LEU E 33 -16.83 14.72 4.58
CA LEU E 33 -15.64 15.12 3.83
C LEU E 33 -15.15 16.51 4.23
N GLU E 34 -13.94 16.58 4.77
CA GLU E 34 -13.40 17.89 5.13
C GLU E 34 -12.94 18.54 3.85
N ASP E 35 -13.66 19.60 3.47
CA ASP E 35 -13.43 20.34 2.23
C ASP E 35 -12.82 21.74 2.40
N SER E 36 -12.47 22.13 3.62
CA SER E 36 -11.92 23.45 3.87
C SER E 36 -10.64 23.44 4.71
N HIS E 37 -9.86 24.50 4.61
CA HIS E 37 -8.61 24.67 5.36
C HIS E 37 -8.49 26.12 5.78
N ASN E 38 -7.58 26.41 6.72
CA ASN E 38 -7.47 27.76 7.28
C ASN E 38 -6.44 28.66 6.62
N GLY E 39 -5.79 28.18 5.56
CA GLY E 39 -4.85 29.00 4.81
C GLY E 39 -3.59 29.37 5.57
N LYS E 40 -3.32 28.66 6.66
CA LYS E 40 -2.19 28.94 7.53
C LYS E 40 -1.34 27.71 7.74
N LEU E 41 -0.05 27.93 7.98
CA LEU E 41 0.84 26.87 8.46
C LEU E 41 0.90 26.94 9.98
N CYS E 42 0.48 25.87 10.64
CA CYS E 42 0.29 25.91 12.07
C CYS E 42 1.25 25.00 12.82
N LYS E 43 1.17 25.08 14.14
CA LYS E 43 2.00 24.25 14.99
C LYS E 43 1.48 22.82 14.99
N LEU E 44 2.40 21.87 14.91
CA LEU E 44 2.12 20.45 15.07
C LEU E 44 2.72 20.01 16.39
N LYS E 45 1.95 19.26 17.17
CA LYS E 45 2.40 18.82 18.49
C LYS E 45 2.79 20.00 19.38
N GLY E 46 2.08 21.12 19.22
CA GLY E 46 2.34 22.30 20.01
C GLY E 46 3.63 23.03 19.69
N ILE E 47 4.28 22.66 18.58
CA ILE E 47 5.56 23.27 18.20
C ILE E 47 5.51 23.84 16.78
N ALA E 48 5.98 25.06 16.63
CA ALA E 48 6.04 25.73 15.34
C ALA E 48 7.04 25.06 14.39
N PRO E 49 6.81 25.18 13.07
CA PRO E 49 7.79 24.69 12.12
C PRO E 49 9.03 25.57 12.03
N LEU E 50 10.10 25.01 11.48
CA LEU E 50 11.26 25.80 11.08
C LEU E 50 10.97 26.53 9.78
N GLN E 51 11.21 27.84 9.76
CA GLN E 51 11.03 28.64 8.55
C GLN E 51 12.39 29.07 8.01
N LEU E 52 12.70 28.68 6.78
CA LEU E 52 14.02 28.97 6.26
C LEU E 52 14.08 30.20 5.34
N GLY E 53 12.92 30.77 5.00
CA GLY E 53 12.89 32.06 4.31
C GLY E 53 13.49 32.01 2.93
N LYS E 54 14.54 32.82 2.75
CA LYS E 54 15.24 32.93 1.46
C LYS E 54 16.12 31.73 1.16
N CYS E 55 16.28 30.88 2.15
CA CYS E 55 17.25 29.80 2.11
C CYS E 55 16.58 28.46 2.09
N ASN E 56 17.27 27.47 1.52
CA ASN E 56 16.89 26.08 1.69
C ASN E 56 17.72 25.48 2.82
N ILE E 57 17.47 24.21 3.11
CA ILE E 57 18.11 23.53 4.23
C ILE E 57 19.64 23.54 4.12
N ALA E 58 20.13 23.32 2.91
CA ALA E 58 21.57 23.34 2.67
C ALA E 58 22.19 24.70 3.02
N GLY E 59 21.55 25.78 2.59
CA GLY E 59 22.06 27.11 2.86
C GLY E 59 22.06 27.43 4.34
N TRP E 60 20.99 26.99 5.01
CA TRP E 60 20.83 27.21 6.43
C TRP E 60 21.92 26.46 7.21
N LEU E 61 22.12 25.17 6.92
CA LEU E 61 23.10 24.36 7.63
C LEU E 61 24.55 24.80 7.38
N LEU E 62 24.86 25.15 6.13
CA LEU E 62 26.23 25.53 5.79
C LEU E 62 26.52 26.97 6.21
N GLY E 63 25.48 27.76 6.43
CA GLY E 63 25.65 29.17 6.74
C GLY E 63 25.90 30.06 5.54
N ASN E 64 25.16 29.80 4.47
CA ASN E 64 25.09 30.73 3.34
C ASN E 64 24.83 32.13 3.91
N PRO E 65 25.64 33.12 3.53
CA PRO E 65 25.54 34.45 4.16
C PRO E 65 24.17 35.12 4.02
N GLU E 66 23.36 34.71 3.06
CA GLU E 66 22.04 35.30 2.89
C GLU E 66 21.07 34.77 3.94
N CYS E 67 21.51 33.76 4.69
CA CYS E 67 20.72 33.16 5.74
C CYS E 67 20.91 33.76 7.14
N ASP E 68 21.91 34.63 7.31
CA ASP E 68 22.31 35.12 8.64
C ASP E 68 21.25 35.75 9.54
N LEU E 69 20.18 36.28 8.96
CA LEU E 69 19.07 36.83 9.76
C LEU E 69 18.02 35.80 10.15
N LEU E 70 18.29 34.53 9.89
CA LEU E 70 17.28 33.52 10.12
C LEU E 70 17.29 33.24 11.61
N LEU E 71 16.14 33.47 12.24
CA LEU E 71 15.98 33.23 13.66
C LEU E 71 15.43 31.82 13.79
N THR E 72 16.23 30.95 14.40
CA THR E 72 15.91 29.54 14.50
C THR E 72 15.66 29.17 15.96
N ALA E 73 14.67 28.31 16.17
CA ALA E 73 14.33 27.84 17.50
C ALA E 73 15.19 26.65 17.89
N SER E 74 15.06 26.23 19.14
CA SER E 74 15.76 25.05 19.62
C SER E 74 15.01 23.78 19.23
N SER E 75 13.77 23.93 18.75
CA SER E 75 12.95 22.80 18.34
C SER E 75 11.99 23.17 17.21
N TRP E 76 11.59 22.17 16.42
CA TRP E 76 10.55 22.34 15.42
C TRP E 76 9.87 21.01 15.11
N SER E 77 8.59 21.08 14.75
CA SER E 77 7.79 19.89 14.45
C SER E 77 7.83 19.48 12.98
N TYR E 78 8.22 20.43 12.13
CA TYR E 78 8.46 20.19 10.71
C TYR E 78 9.20 21.38 10.13
N ILE E 79 9.53 21.30 8.84
CA ILE E 79 10.30 22.35 8.18
C ILE E 79 9.52 22.90 7.00
N VAL E 80 9.50 24.22 6.88
CA VAL E 80 8.85 24.88 5.77
C VAL E 80 9.89 25.50 4.85
N GLU E 81 9.79 25.16 3.58
CA GLU E 81 10.49 25.87 2.53
C GLU E 81 9.42 26.55 1.69
N THR E 82 9.81 27.61 1.01
CA THR E 82 8.89 28.40 0.22
C THR E 82 9.38 28.47 -1.21
N SER E 83 8.61 29.15 -2.07
CA SER E 83 9.02 29.36 -3.44
C SER E 83 10.23 30.31 -3.47
N ASN E 84 10.46 30.96 -2.34
CA ASN E 84 11.59 31.88 -2.18
C ASN E 84 12.84 31.23 -1.61
N SER E 85 12.87 29.91 -1.43
CA SER E 85 14.08 29.35 -0.82
C SER E 85 15.07 29.04 -1.92
N GLU E 86 15.90 30.04 -2.23
CA GLU E 86 16.86 29.93 -3.31
C GLU E 86 18.30 29.77 -2.84
N ASN E 87 18.58 30.13 -1.60
CA ASN E 87 19.99 30.28 -1.24
C ASN E 87 20.46 29.03 -0.52
N GLY E 88 21.21 28.28 -1.32
CA GLY E 88 21.76 26.98 -1.01
C GLY E 88 23.26 26.98 -0.90
N THR E 89 23.81 25.96 -1.55
CA THR E 89 25.22 25.90 -1.76
C THR E 89 25.58 26.94 -2.83
N CYS E 90 26.23 28.01 -2.41
CA CYS E 90 26.52 29.12 -3.31
C CYS E 90 27.78 28.82 -4.13
N TYR E 91 28.67 28.02 -3.58
CA TYR E 91 29.76 27.47 -4.37
C TYR E 91 29.32 26.12 -4.94
N PRO E 92 29.37 25.97 -6.28
CA PRO E 92 28.76 24.79 -6.92
C PRO E 92 29.42 23.47 -6.55
N GLY E 93 28.62 22.41 -6.51
CA GLY E 93 29.10 21.06 -6.24
C GLY E 93 27.98 20.19 -5.72
N ASP E 94 28.31 18.98 -5.29
CA ASP E 94 27.29 18.03 -4.82
C ASP E 94 27.15 18.03 -3.31
N PHE E 95 25.91 18.00 -2.83
CA PHE E 95 25.63 17.81 -1.40
C PHE E 95 25.25 16.34 -1.22
N ILE E 96 26.15 15.57 -0.65
CA ILE E 96 26.01 14.11 -0.61
C ILE E 96 24.97 13.70 0.40
N ASP E 97 24.11 12.76 -0.01
CA ASP E 97 23.00 12.27 0.79
C ASP E 97 22.16 13.41 1.36
N TYR E 98 21.90 14.40 0.52
CA TYR E 98 21.15 15.59 0.90
C TYR E 98 19.71 15.30 1.30
N GLU E 99 19.01 14.49 0.52
CA GLU E 99 17.62 14.16 0.80
C GLU E 99 17.52 13.42 2.13
N GLU E 100 18.48 12.54 2.40
CA GLU E 100 18.53 11.83 3.67
C GLU E 100 18.70 12.79 4.84
N LEU E 101 19.60 13.75 4.70
CA LEU E 101 19.84 14.71 5.77
C LEU E 101 18.57 15.53 6.02
N ARG E 102 17.94 16.00 4.94
CA ARG E 102 16.71 16.76 5.06
C ARG E 102 15.63 15.97 5.82
N GLU E 103 15.52 14.69 5.49
CA GLU E 103 14.55 13.82 6.12
C GLU E 103 14.83 13.69 7.62
N GLN E 104 16.09 13.46 7.94
CA GLN E 104 16.47 13.17 9.31
C GLN E 104 16.40 14.41 10.23
N LEU E 105 16.43 15.60 9.64
CA LEU E 105 16.31 16.85 10.39
C LEU E 105 14.88 17.43 10.45
N SER E 106 13.90 16.72 9.89
CA SER E 106 12.57 17.31 9.71
C SER E 106 11.90 17.67 11.05
N SER E 107 12.23 16.95 12.12
CA SER E 107 11.82 17.38 13.46
C SER E 107 12.96 17.11 14.43
N VAL E 108 13.14 18.03 15.37
CA VAL E 108 14.22 17.98 16.34
C VAL E 108 13.71 18.59 17.63
N SER E 109 14.31 18.23 18.77
CA SER E 109 13.91 18.83 20.05
C SER E 109 14.92 19.80 20.65
N SER E 110 16.15 19.40 20.92
CA SER E 110 17.10 20.38 21.47
C SER E 110 18.24 20.64 20.50
N PHE E 111 18.08 21.70 19.72
CA PHE E 111 18.98 22.01 18.63
C PHE E 111 19.79 23.24 18.99
N GLU E 112 21.11 23.11 18.90
CA GLU E 112 22.02 24.20 19.22
C GLU E 112 23.22 24.19 18.29
N LYS E 113 23.62 25.37 17.85
CA LYS E 113 24.86 25.50 17.11
C LYS E 113 25.97 25.81 18.10
N PHE E 114 27.14 25.27 17.84
CA PHE E 114 28.31 25.55 18.66
C PHE E 114 29.55 25.56 17.80
N GLU E 115 30.64 26.10 18.34
CA GLU E 115 31.88 26.23 17.60
C GLU E 115 32.72 24.98 17.84
N ILE E 116 32.81 24.12 16.83
CA ILE E 116 33.42 22.82 17.01
C ILE E 116 34.93 22.96 16.93
N PHE E 117 35.40 23.79 16.01
CA PHE E 117 36.82 24.09 15.83
C PHE E 117 37.01 25.59 15.82
N PRO E 118 37.31 26.19 16.99
CA PRO E 118 37.44 27.65 17.02
C PRO E 118 38.43 28.17 15.97
N LYS E 119 37.97 29.15 15.20
CA LYS E 119 38.74 29.75 14.11
C LYS E 119 40.06 30.34 14.59
N THR E 120 40.03 31.02 15.73
CA THR E 120 41.19 31.75 16.22
C THR E 120 42.33 30.83 16.65
N SER E 121 42.02 29.76 17.37
CA SER E 121 43.04 28.85 17.88
C SER E 121 43.28 27.55 17.10
N SER E 122 42.47 27.23 16.10
CA SER E 122 42.58 25.89 15.51
C SER E 122 43.58 25.79 14.35
N TRP E 123 43.97 26.91 13.75
CA TRP E 123 44.72 26.87 12.49
C TRP E 123 45.86 27.90 12.40
N PRO E 124 46.87 27.78 13.27
CA PRO E 124 47.94 28.79 13.27
C PRO E 124 48.78 28.81 11.99
N ASN E 125 48.95 27.65 11.38
CA ASN E 125 49.76 27.47 10.17
C ASN E 125 49.00 27.38 8.84
N HIS E 126 47.71 27.69 8.85
CA HIS E 126 46.91 27.74 7.63
C HIS E 126 46.15 29.06 7.59
N GLU E 127 45.89 29.57 6.38
CA GLU E 127 45.06 30.76 6.23
C GLU E 127 43.59 30.36 6.31
N THR E 128 42.83 31.10 7.11
CA THR E 128 41.39 30.89 7.25
C THR E 128 40.50 31.91 6.49
N THR E 129 41.11 32.84 5.78
CA THR E 129 40.40 34.01 5.26
C THR E 129 39.76 33.86 3.87
N GLY E 130 39.90 32.69 3.26
CA GLY E 130 39.44 32.47 1.90
C GLY E 130 37.97 32.80 1.68
N VAL E 131 37.72 33.59 0.62
CA VAL E 131 36.36 33.93 0.20
C VAL E 131 36.17 33.70 -1.30
N THR E 132 34.94 33.91 -1.76
CA THR E 132 34.61 33.73 -3.17
C THR E 132 33.46 34.63 -3.60
N ALA E 133 33.52 35.12 -4.83
CA ALA E 133 32.44 35.92 -5.39
C ALA E 133 31.17 35.07 -5.52
N ALA E 134 31.34 33.76 -5.55
CA ALA E 134 30.21 32.85 -5.71
C ALA E 134 29.32 32.87 -4.48
N CYS E 135 29.90 33.10 -3.30
CA CYS E 135 29.08 33.37 -2.13
C CYS E 135 29.34 34.80 -1.68
N SER E 136 28.49 35.72 -2.13
CA SER E 136 28.67 37.14 -1.90
C SER E 136 27.55 37.62 -1.03
N TYR E 137 27.82 38.66 -0.25
CA TYR E 137 26.80 39.29 0.54
C TYR E 137 26.96 40.80 0.46
N ALA E 138 25.85 41.46 0.15
CA ALA E 138 25.84 42.91 0.04
C ALA E 138 26.93 43.36 -0.94
N GLY E 139 27.13 42.58 -1.99
CA GLY E 139 28.04 42.93 -3.06
C GLY E 139 29.52 42.68 -2.81
N ALA E 140 29.85 42.01 -1.72
CA ALA E 140 31.25 41.70 -1.42
C ALA E 140 31.44 40.20 -1.36
N SER E 141 32.61 39.73 -1.81
CA SER E 141 32.94 38.31 -1.72
C SER E 141 32.93 37.85 -0.28
N SER E 142 32.37 36.66 -0.05
CA SER E 142 32.20 36.15 1.30
C SER E 142 32.27 34.62 1.31
N PHE E 143 31.84 33.99 2.41
CA PHE E 143 31.85 32.54 2.51
C PHE E 143 30.82 32.04 3.51
N TYR E 144 30.56 30.73 3.48
CA TYR E 144 29.71 30.08 4.46
C TYR E 144 30.13 30.48 5.86
N ARG E 145 29.17 30.72 6.73
CA ARG E 145 29.47 31.13 8.11
C ARG E 145 29.92 29.98 8.99
N ASN E 146 29.51 28.77 8.67
CA ASN E 146 29.76 27.60 9.51
C ASN E 146 30.95 26.76 9.10
N LEU E 147 31.58 27.14 7.99
CA LEU E 147 32.76 26.46 7.46
C LEU E 147 33.90 27.45 7.24
N LEU E 148 35.12 26.94 7.13
CA LEU E 148 36.27 27.78 6.86
C LEU E 148 37.04 27.23 5.66
N TRP E 149 37.42 28.12 4.74
CA TRP E 149 38.21 27.72 3.60
C TRP E 149 39.66 27.83 4.02
N LEU E 150 40.30 26.68 4.23
CA LEU E 150 41.68 26.66 4.66
C LEU E 150 42.57 26.65 3.44
N THR E 151 43.55 27.56 3.43
CA THR E 151 44.54 27.59 2.36
C THR E 151 45.92 27.68 2.99
N LYS E 152 46.94 27.65 2.14
CA LYS E 152 48.30 27.63 2.61
C LYS E 152 48.67 28.97 3.23
N LYS E 153 49.50 28.92 4.26
CA LYS E 153 50.08 30.12 4.85
C LYS E 153 51.52 30.19 4.37
N GLY E 154 51.81 31.22 3.58
CA GLY E 154 53.16 31.46 3.10
C GLY E 154 53.76 30.30 2.32
N SER E 155 53.13 29.88 1.24
CA SER E 155 53.72 28.83 0.40
C SER E 155 53.71 27.40 0.91
N SER E 156 53.23 27.16 2.13
CA SER E 156 53.12 25.79 2.62
C SER E 156 51.80 25.50 3.33
N TYR E 157 51.31 24.29 3.10
CA TYR E 157 50.11 23.77 3.72
C TYR E 157 50.49 22.50 4.49
N PRO E 158 50.87 22.66 5.77
CA PRO E 158 51.27 21.47 6.53
C PRO E 158 50.10 20.54 6.80
N LYS E 159 50.41 19.28 7.04
CA LYS E 159 49.38 18.32 7.40
C LYS E 159 48.72 18.75 8.68
N LEU E 160 47.40 18.87 8.66
CA LEU E 160 46.64 19.24 9.84
C LEU E 160 45.99 17.99 10.40
N SER E 161 45.85 17.94 11.72
CA SER E 161 45.11 16.88 12.38
C SER E 161 44.29 17.50 13.51
N LYS E 162 42.98 17.35 13.46
CA LYS E 162 42.10 17.94 14.46
C LYS E 162 40.97 17.01 14.82
N SER E 163 40.76 16.84 16.12
CA SER E 163 39.74 15.93 16.61
C SER E 163 38.74 16.65 17.51
N TYR E 164 37.49 16.20 17.43
CA TYR E 164 36.44 16.67 18.33
C TYR E 164 35.76 15.49 18.99
N VAL E 165 35.65 15.55 20.31
CA VAL E 165 34.95 14.54 21.10
C VAL E 165 33.54 15.05 21.44
N ASN E 166 32.51 14.23 21.23
CA ASN E 166 31.16 14.69 21.49
C ASN E 166 30.80 14.43 22.95
N ASN E 167 30.88 15.51 23.72
CA ASN E 167 30.51 15.53 25.14
C ASN E 167 29.14 16.15 25.37
N LYS E 168 28.42 16.42 24.28
CA LYS E 168 27.15 17.15 24.36
C LYS E 168 25.99 16.32 24.92
N GLY E 169 26.16 15.01 25.05
CA GLY E 169 25.09 14.17 25.56
C GLY E 169 23.98 13.96 24.54
N LYS E 170 24.25 14.32 23.30
CA LYS E 170 23.31 14.06 22.21
C LYS E 170 24.07 14.03 20.90
N GLU E 171 23.39 13.74 19.80
CA GLU E 171 24.06 13.66 18.52
C GLU E 171 24.62 15.01 18.12
N VAL E 172 25.76 14.99 17.45
CA VAL E 172 26.31 16.18 16.84
C VAL E 172 26.36 16.02 15.33
N LEU E 173 25.71 16.94 14.62
CA LEU E 173 25.79 16.98 13.16
C LEU E 173 27.01 17.79 12.74
N VAL E 174 27.95 17.12 12.06
CA VAL E 174 29.16 17.78 11.58
C VAL E 174 29.09 17.85 10.05
N LEU E 175 29.28 19.06 9.52
CA LEU E 175 29.33 19.31 8.07
C LEU E 175 30.71 19.82 7.68
N TRP E 176 31.15 19.41 6.50
CA TRP E 176 32.38 19.89 5.92
C TRP E 176 32.32 19.85 4.41
N GLY E 177 33.39 20.27 3.75
CA GLY E 177 33.43 20.27 2.30
C GLY E 177 34.80 19.92 1.78
N VAL E 178 34.84 19.55 0.50
CA VAL E 178 36.10 19.24 -0.17
C VAL E 178 36.11 20.04 -1.47
N HIS E 179 37.15 20.85 -1.65
CA HIS E 179 37.25 21.70 -2.83
C HIS E 179 38.07 21.03 -3.94
N HIS E 180 37.58 21.21 -5.17
CA HIS E 180 38.18 20.62 -6.35
C HIS E 180 38.48 21.72 -7.35
N PRO E 181 39.73 22.23 -7.33
CA PRO E 181 40.13 23.29 -8.27
C PRO E 181 40.03 22.86 -9.74
N PRO E 182 39.84 23.82 -10.66
CA PRO E 182 39.78 23.54 -12.10
C PRO E 182 41.14 23.23 -12.74
N THR E 183 42.24 23.69 -12.13
CA THR E 183 43.58 23.44 -12.67
C THR E 183 44.59 23.07 -11.60
N GLY E 184 45.71 22.48 -12.01
CA GLY E 184 46.79 22.16 -11.10
C GLY E 184 47.50 23.39 -10.56
N THR E 185 47.48 24.48 -11.34
CA THR E 185 48.06 25.74 -10.92
C THR E 185 47.26 26.32 -9.77
N ASP E 186 45.93 26.19 -9.83
CA ASP E 186 45.09 26.65 -8.74
C ASP E 186 45.33 25.79 -7.49
N GLN E 187 45.47 24.48 -7.70
CA GLN E 187 45.75 23.56 -6.61
C GLN E 187 47.02 23.98 -5.88
N GLN E 188 48.08 24.24 -6.63
CA GLN E 188 49.36 24.63 -6.03
C GLN E 188 49.26 26.00 -5.38
N SER E 189 48.52 26.90 -6.03
CA SER E 189 48.35 28.25 -5.56
C SER E 189 47.59 28.29 -4.24
N LEU E 190 46.59 27.42 -4.13
CA LEU E 190 45.77 27.34 -2.94
C LEU E 190 46.44 26.51 -1.84
N TYR E 191 46.71 25.25 -2.13
CA TYR E 191 47.22 24.30 -1.12
C TYR E 191 48.66 23.84 -1.22
N GLN E 192 49.34 24.23 -2.29
CA GLN E 192 50.72 23.82 -2.56
C GLN E 192 50.96 22.34 -2.83
N ASN E 193 50.13 21.46 -2.29
CA ASN E 193 50.41 20.03 -2.41
C ASN E 193 49.54 19.42 -3.51
N ALA E 194 50.17 19.00 -4.59
CA ALA E 194 49.45 18.32 -5.67
C ALA E 194 48.92 16.97 -5.18
N ASP E 195 49.64 16.37 -4.24
CA ASP E 195 49.35 15.03 -3.71
C ASP E 195 48.39 15.07 -2.52
N ALA E 196 47.73 16.21 -2.33
CA ALA E 196 46.87 16.44 -1.17
C ALA E 196 45.75 15.40 -1.00
N TYR E 197 45.35 15.19 0.25
CA TYR E 197 44.19 14.33 0.54
C TYR E 197 43.44 14.89 1.75
N VAL E 198 42.20 14.48 1.91
CA VAL E 198 41.43 14.76 3.11
C VAL E 198 40.93 13.45 3.67
N SER E 199 41.18 13.21 4.96
CA SER E 199 40.64 12.03 5.60
C SER E 199 39.80 12.46 6.79
N VAL E 200 38.62 11.87 6.88
CA VAL E 200 37.71 12.09 7.97
C VAL E 200 37.41 10.75 8.62
N GLY E 201 37.49 10.69 9.94
CA GLY E 201 37.17 9.44 10.61
C GLY E 201 36.60 9.58 12.00
N SER E 202 35.80 8.59 12.35
CA SER E 202 35.19 8.49 13.66
C SER E 202 35.06 7.02 13.99
N SER E 203 34.30 6.70 15.03
CA SER E 203 34.05 5.30 15.36
C SER E 203 33.29 4.61 14.22
N LYS E 204 32.30 5.32 13.67
CA LYS E 204 31.48 4.82 12.55
C LYS E 204 31.94 5.27 11.17
N TYR E 205 32.15 6.58 11.00
CA TYR E 205 32.44 7.17 9.70
C TYR E 205 33.94 7.13 9.41
N ASN E 206 34.29 6.63 8.23
CA ASN E 206 35.65 6.63 7.74
C ASN E 206 35.63 6.94 6.24
N ARG E 207 36.24 8.05 5.82
CA ARG E 207 36.28 8.37 4.39
C ARG E 207 37.49 9.22 4.03
N ARG E 208 38.04 8.96 2.84
CA ARG E 208 39.19 9.67 2.30
C ARG E 208 38.85 10.34 0.97
N PHE E 209 39.27 11.61 0.83
CA PHE E 209 39.02 12.39 -0.37
C PHE E 209 40.31 12.91 -1.02
N THR E 210 40.39 12.88 -2.35
CA THR E 210 41.51 13.50 -3.06
C THR E 210 40.97 14.48 -4.10
N PRO E 211 41.71 15.57 -4.35
CA PRO E 211 41.23 16.56 -5.32
C PRO E 211 41.04 15.98 -6.72
N GLU E 212 39.93 16.34 -7.33
CA GLU E 212 39.66 15.96 -8.70
C GLU E 212 39.86 17.20 -9.54
N ILE E 213 41.01 17.28 -10.20
CA ILE E 213 41.37 18.47 -10.96
C ILE E 213 40.95 18.27 -12.39
N ALA E 214 39.96 19.04 -12.84
CA ALA E 214 39.50 18.93 -14.23
C ALA E 214 38.85 20.22 -14.69
N ALA E 215 38.93 20.49 -16.00
CA ALA E 215 38.16 21.55 -16.62
C ALA E 215 36.68 21.18 -16.57
N ARG E 216 35.86 22.13 -16.14
CA ARG E 216 34.42 21.96 -15.99
C ARG E 216 33.74 23.24 -16.42
N PRO E 217 32.45 23.15 -16.81
CA PRO E 217 31.74 24.38 -17.12
C PRO E 217 31.56 25.22 -15.86
N LYS E 218 31.55 26.54 -16.01
CA LYS E 218 31.41 27.42 -14.87
C LYS E 218 29.97 27.46 -14.41
N VAL E 219 29.80 27.31 -13.10
CA VAL E 219 28.50 27.50 -12.45
C VAL E 219 28.68 28.63 -11.44
N ARG E 220 27.84 29.66 -11.53
CA ARG E 220 28.03 30.88 -10.75
C ARG E 220 29.46 31.35 -10.93
N ASP E 221 29.91 31.25 -12.18
CA ASP E 221 31.24 31.67 -12.61
C ASP E 221 32.39 30.92 -11.94
N GLN E 222 32.12 29.70 -11.48
CA GLN E 222 33.17 28.84 -10.90
C GLN E 222 33.36 27.56 -11.71
N ALA E 223 34.56 27.38 -12.24
CA ALA E 223 34.90 26.12 -12.90
C ALA E 223 35.26 25.07 -11.87
N GLY E 224 35.62 25.51 -10.67
CA GLY E 224 35.90 24.60 -9.57
C GLY E 224 34.63 24.06 -8.93
N ARG E 225 34.79 23.09 -8.03
CA ARG E 225 33.66 22.53 -7.30
C ARG E 225 34.00 22.34 -5.83
N MET E 226 32.96 22.40 -5.00
CA MET E 226 33.05 21.97 -3.60
C MET E 226 31.98 20.93 -3.32
N ASN E 227 32.38 19.74 -2.93
CA ASN E 227 31.42 18.73 -2.50
C ASN E 227 31.24 18.80 -0.99
N TYR E 228 30.01 18.64 -0.55
CA TYR E 228 29.64 18.81 0.84
C TYR E 228 29.22 17.48 1.45
N TYR E 229 29.72 17.24 2.65
CA TYR E 229 29.51 15.98 3.36
C TYR E 229 29.06 16.22 4.79
N TRP E 230 28.48 15.17 5.39
CA TRP E 230 28.01 15.27 6.76
C TRP E 230 27.97 13.91 7.43
N THR E 231 27.96 13.93 8.75
CA THR E 231 27.71 12.72 9.52
C THR E 231 27.13 13.13 10.87
N LEU E 232 26.32 12.24 11.43
CA LEU E 232 25.79 12.42 12.77
C LEU E 232 26.69 11.69 13.75
N LEU E 233 27.40 12.46 14.57
CA LEU E 233 28.32 11.91 15.54
C LEU E 233 27.57 11.57 16.83
N GLU E 234 27.62 10.30 17.23
CA GLU E 234 26.90 9.82 18.41
C GLU E 234 27.55 10.35 19.69
N PRO E 235 26.77 10.45 20.77
CA PRO E 235 27.31 10.88 22.06
C PRO E 235 28.53 10.07 22.50
N GLY E 236 29.58 10.77 22.90
CA GLY E 236 30.79 10.13 23.39
C GLY E 236 31.79 9.80 22.31
N ASP E 237 31.33 9.77 21.06
CA ASP E 237 32.19 9.42 19.93
C ASP E 237 33.10 10.57 19.52
N THR E 238 34.20 10.24 18.83
CA THR E 238 35.17 11.21 18.35
C THR E 238 35.22 11.26 16.82
N ILE E 239 35.34 12.47 16.27
CA ILE E 239 35.58 12.63 14.85
C ILE E 239 36.94 13.31 14.63
N THR E 240 37.69 12.82 13.64
CA THR E 240 39.04 13.29 13.38
C THR E 240 39.22 13.71 11.91
N PHE E 241 39.71 14.93 11.71
CA PHE E 241 40.04 15.46 10.38
C PHE E 241 41.55 15.52 10.16
N GLU E 242 42.03 14.91 9.08
CA GLU E 242 43.40 15.11 8.62
C GLU E 242 43.39 15.58 7.18
N ALA E 243 44.20 16.57 6.86
CA ALA E 243 44.26 17.09 5.49
C ALA E 243 45.62 17.68 5.14
N THR E 244 46.07 17.41 3.92
CA THR E 244 47.19 18.12 3.33
C THR E 244 46.73 19.15 2.30
N GLY E 245 45.42 19.32 2.19
CA GLY E 245 44.83 20.33 1.31
C GLY E 245 43.35 20.13 1.07
N ASN E 246 42.71 21.13 0.47
CA ASN E 246 41.39 21.00 -0.10
C ASN E 246 40.25 20.79 0.88
N LEU E 247 40.54 20.83 2.17
CA LEU E 247 39.50 20.70 3.18
C LEU E 247 38.79 22.02 3.41
N ILE E 248 37.48 22.01 3.32
CA ILE E 248 36.67 23.12 3.77
C ILE E 248 36.21 22.70 5.17
N ALA E 249 36.83 23.30 6.18
CA ALA E 249 36.79 22.71 7.52
C ALA E 249 35.54 23.09 8.29
N PRO E 250 35.07 22.17 9.17
CA PRO E 250 34.01 22.58 10.09
C PRO E 250 34.49 23.77 10.94
N TRP E 251 33.60 24.74 11.13
CA TRP E 251 33.84 25.84 12.05
C TRP E 251 32.79 25.72 13.15
N TYR E 252 31.53 25.77 12.73
CA TYR E 252 30.40 25.50 13.61
C TYR E 252 29.74 24.17 13.26
N ALA E 253 29.19 23.52 14.28
CA ALA E 253 28.44 22.29 14.10
C ALA E 253 27.17 22.38 14.96
N PHE E 254 26.37 21.33 14.91
CA PHE E 254 25.07 21.35 15.58
C PHE E 254 24.89 20.16 16.50
N ALA E 255 24.50 20.43 17.74
CA ALA E 255 24.11 19.36 18.67
C ALA E 255 22.59 19.29 18.68
N LEU E 256 22.06 18.07 18.63
CA LEU E 256 20.62 17.92 18.52
C LEU E 256 20.10 16.57 18.99
N ASN E 257 18.82 16.57 19.32
CA ASN E 257 18.05 15.34 19.50
C ASN E 257 17.00 15.27 18.41
N ARG E 258 17.19 14.35 17.46
CA ARG E 258 16.24 14.18 16.36
C ARG E 258 14.92 13.65 16.85
N GLY E 259 13.84 14.16 16.27
CA GLY E 259 12.53 13.57 16.45
C GLY E 259 12.38 12.51 15.38
N SER E 260 11.13 12.18 15.03
CA SER E 260 10.91 11.18 14.00
C SER E 260 9.58 11.38 13.29
N GLY E 261 9.50 10.82 12.09
CA GLY E 261 8.24 10.72 11.37
C GLY E 261 7.68 12.01 10.79
N SER E 262 8.43 13.10 10.84
CA SER E 262 7.98 14.37 10.22
C SER E 262 8.52 14.54 8.81
N GLY E 263 8.40 15.76 8.28
CA GLY E 263 8.87 16.04 6.94
C GLY E 263 8.98 17.51 6.61
N ILE E 264 9.12 17.79 5.32
CA ILE E 264 9.23 19.13 4.81
C ILE E 264 7.97 19.50 4.02
N ILE E 265 7.42 20.66 4.34
CA ILE E 265 6.31 21.25 3.60
C ILE E 265 6.88 22.35 2.73
N THR E 266 6.52 22.34 1.45
CA THR E 266 6.83 23.46 0.57
C THR E 266 5.53 24.26 0.39
N SER E 267 5.51 25.47 0.96
CA SER E 267 4.33 26.32 0.94
C SER E 267 4.67 27.80 1.04
N ASP E 268 3.87 28.64 0.38
CA ASP E 268 3.96 30.08 0.52
C ASP E 268 2.93 30.65 1.50
N ALA E 269 2.13 29.75 2.10
CA ALA E 269 1.17 30.16 3.13
C ALA E 269 1.88 30.66 4.39
N PRO E 270 1.30 31.68 5.06
CA PRO E 270 1.92 32.28 6.24
C PRO E 270 1.89 31.40 7.48
N VAL E 271 2.97 31.41 8.25
CA VAL E 271 3.01 30.67 9.50
C VAL E 271 2.33 31.49 10.59
N HIS E 272 1.50 30.82 11.38
CA HIS E 272 0.75 31.46 12.46
C HIS E 272 0.83 30.64 13.74
N ASP E 273 0.37 31.21 14.83
CA ASP E 273 0.51 30.62 16.16
C ASP E 273 -0.60 29.58 16.44
N CYS E 274 -1.42 29.30 15.43
CA CYS E 274 -2.51 28.33 15.55
C CYS E 274 -1.99 26.91 15.76
N ASN E 275 -2.88 26.05 16.26
CA ASN E 275 -2.57 24.65 16.48
C ASN E 275 -3.42 23.75 15.57
N THR E 276 -2.82 22.68 15.09
CA THR E 276 -3.54 21.71 14.26
C THR E 276 -3.00 20.32 14.52
N LYS E 277 -3.82 19.31 14.23
CA LYS E 277 -3.31 17.94 14.18
C LYS E 277 -2.97 17.48 12.77
N CYS E 278 -3.40 18.24 11.75
CA CYS E 278 -3.09 17.89 10.37
C CYS E 278 -2.74 19.13 9.56
N GLN E 279 -1.54 19.14 8.98
CA GLN E 279 -1.07 20.27 8.19
C GLN E 279 -0.93 19.92 6.71
N THR E 280 -1.42 20.81 5.84
CA THR E 280 -1.25 20.66 4.39
C THR E 280 -0.52 21.90 3.89
N PRO E 281 0.12 21.80 2.71
CA PRO E 281 0.76 22.99 2.14
C PRO E 281 -0.21 24.13 1.87
N HIS E 282 -1.50 23.84 1.68
CA HIS E 282 -2.49 24.90 1.47
C HIS E 282 -2.88 25.59 2.77
N GLY E 283 -2.84 24.83 3.87
CA GLY E 283 -3.23 25.31 5.17
C GLY E 283 -3.60 24.14 6.08
N ALA E 284 -3.84 24.44 7.34
CA ALA E 284 -4.23 23.43 8.31
C ALA E 284 -5.69 23.02 8.12
N ILE E 285 -5.99 21.77 8.47
CA ILE E 285 -7.36 21.27 8.37
C ILE E 285 -7.80 20.55 9.64
N ASN E 286 -9.11 20.51 9.82
CA ASN E 286 -9.73 19.75 10.90
C ASN E 286 -9.57 18.25 10.61
N SER E 287 -9.16 17.50 11.64
CA SER E 287 -8.93 16.05 11.55
C SER E 287 -10.11 15.21 12.09
N SER E 288 -11.22 15.86 12.43
CA SER E 288 -12.37 15.13 12.97
C SER E 288 -13.03 14.18 11.97
N LEU E 289 -13.20 14.63 10.72
CA LEU E 289 -13.86 13.80 9.71
C LEU E 289 -12.90 12.77 9.13
N PRO E 290 -13.43 11.65 8.63
CA PRO E 290 -12.59 10.56 8.11
C PRO E 290 -11.87 10.86 6.78
N PHE E 291 -12.42 11.79 5.98
CA PHE E 291 -11.88 12.06 4.63
C PHE E 291 -11.63 13.54 4.41
N GLN E 292 -10.65 13.85 3.56
CA GLN E 292 -10.32 15.24 3.18
C GLN E 292 -10.04 15.32 1.68
N ASN E 293 -10.45 16.39 1.01
CA ASN E 293 -10.04 16.64 -0.39
C ASN E 293 -9.08 17.83 -0.57
N ILE E 294 -8.54 18.37 0.52
CA ILE E 294 -7.68 19.55 0.45
C ILE E 294 -6.33 19.36 -0.25
N HIS E 295 -5.64 18.25 0.02
CA HIS E 295 -4.29 18.09 -0.51
C HIS E 295 -3.81 16.69 -0.22
N PRO E 296 -3.16 16.04 -1.21
CA PRO E 296 -2.68 14.66 -1.06
C PRO E 296 -1.49 14.55 -0.13
N VAL E 297 -0.73 15.64 -0.01
CA VAL E 297 0.48 15.67 0.78
C VAL E 297 0.19 16.32 2.13
N THR E 298 0.28 15.55 3.21
CA THR E 298 -0.02 16.04 4.54
C THR E 298 1.08 15.67 5.54
N ILE E 299 1.10 16.38 6.67
CA ILE E 299 1.88 15.96 7.84
C ILE E 299 0.97 16.05 9.06
N GLY E 300 0.79 14.94 9.76
CA GLY E 300 0.04 14.94 11.00
C GLY E 300 -0.76 13.67 11.17
N GLU E 301 -1.76 13.73 12.03
CA GLU E 301 -2.78 12.67 12.10
C GLU E 301 -3.96 13.19 11.30
N CYS E 302 -4.14 12.63 10.11
CA CYS E 302 -4.94 13.29 9.08
C CYS E 302 -6.08 12.45 8.55
N PRO E 303 -7.18 13.10 8.15
CA PRO E 303 -8.19 12.37 7.39
C PRO E 303 -7.57 11.81 6.12
N LYS E 304 -8.16 10.75 5.56
CA LYS E 304 -7.64 10.18 4.32
C LYS E 304 -7.99 11.04 3.12
N TYR E 305 -7.00 11.28 2.27
CA TYR E 305 -7.21 12.08 1.07
C TYR E 305 -8.02 11.26 0.07
N VAL E 306 -9.04 11.89 -0.50
CA VAL E 306 -9.88 11.27 -1.51
C VAL E 306 -10.10 12.23 -2.67
N ARG E 307 -10.46 11.71 -3.84
CA ARG E 307 -10.72 12.54 -5.00
C ARG E 307 -12.15 13.10 -5.03
N SER E 308 -12.96 12.69 -4.07
CA SER E 308 -14.35 13.09 -3.97
C SER E 308 -14.55 14.60 -3.81
N THR E 309 -15.53 15.14 -4.54
CA THR E 309 -15.97 16.51 -4.30
C THR E 309 -17.13 16.59 -3.30
N LYS E 310 -17.82 15.48 -3.10
CA LYS E 310 -18.94 15.40 -2.15
C LYS E 310 -19.03 14.04 -1.44
N LEU E 311 -19.02 14.00 -0.11
CA LEU E 311 -19.45 12.81 0.61
C LEU E 311 -20.44 13.25 1.67
N ARG E 312 -21.70 12.96 1.43
CA ARG E 312 -22.77 13.45 2.30
C ARG E 312 -23.67 12.30 2.67
N MET E 313 -23.85 12.17 3.97
CA MET E 313 -24.56 11.06 4.57
C MET E 313 -25.96 11.50 4.97
N ALA E 314 -26.96 10.78 4.48
CA ALA E 314 -28.32 11.00 4.92
C ALA E 314 -28.44 10.67 6.39
N THR E 315 -29.16 11.52 7.11
CA THR E 315 -29.52 11.27 8.51
C THR E 315 -31.03 11.20 8.57
N GLY E 316 -31.69 12.27 8.13
CA GLY E 316 -33.13 12.30 8.02
C GLY E 316 -33.62 11.44 6.86
N LEU E 317 -34.88 11.62 6.46
CA LEU E 317 -35.49 10.76 5.47
C LEU E 317 -35.83 11.53 4.19
N ARG E 318 -36.38 10.84 3.20
CA ARG E 318 -36.80 11.50 1.97
C ARG E 318 -37.72 12.67 2.23
N ASN E 319 -37.37 13.83 1.70
CA ASN E 319 -38.13 15.04 1.93
C ASN E 319 -39.21 15.18 0.87
N ILE E 320 -40.46 15.02 1.29
CA ILE E 320 -41.60 15.02 0.37
C ILE E 320 -42.69 15.96 0.90
N PRO E 321 -42.46 17.27 0.81
CA PRO E 321 -43.46 18.27 1.22
C PRO E 321 -44.60 18.38 0.21
N GLY F 1 -39.82 2.58 -2.10
CA GLY F 1 -39.03 2.22 -0.89
C GLY F 1 -39.19 0.76 -0.53
N LEU F 2 -38.15 0.20 0.07
CA LEU F 2 -38.08 -1.23 0.37
C LEU F 2 -39.28 -1.74 1.18
N PHE F 3 -39.75 -0.94 2.13
CA PHE F 3 -40.87 -1.33 2.98
C PHE F 3 -42.20 -0.71 2.55
N GLY F 4 -42.18 0.04 1.46
CA GLY F 4 -43.41 0.41 0.76
C GLY F 4 -44.30 1.44 1.43
N ALA F 5 -43.79 2.12 2.46
CA ALA F 5 -44.57 3.15 3.16
C ALA F 5 -44.21 4.56 2.65
N ILE F 6 -42.98 4.99 2.90
CA ILE F 6 -42.54 6.32 2.47
C ILE F 6 -42.52 6.37 0.94
N ALA F 7 -43.17 7.39 0.40
CA ALA F 7 -43.43 7.50 -1.05
C ALA F 7 -44.18 6.25 -1.51
N GLY F 8 -44.78 5.57 -0.54
CA GLY F 8 -45.50 4.33 -0.72
C GLY F 8 -46.98 4.58 -0.59
N PHE F 9 -47.68 3.64 0.05
CA PHE F 9 -49.08 3.83 0.39
C PHE F 9 -49.28 5.06 1.29
N ILE F 10 -48.19 5.58 1.87
CA ILE F 10 -48.21 6.93 2.42
C ILE F 10 -47.39 7.83 1.49
N GLU F 11 -48.08 8.67 0.73
CA GLU F 11 -47.50 9.29 -0.45
C GLU F 11 -46.56 10.45 -0.15
N GLY F 12 -46.80 11.17 0.94
CA GLY F 12 -46.04 12.36 1.23
C GLY F 12 -45.83 12.62 2.71
N GLY F 13 -44.96 13.57 3.02
CA GLY F 13 -44.59 13.90 4.38
C GLY F 13 -45.36 15.10 4.90
N TRP F 14 -45.20 15.37 6.20
CA TRP F 14 -45.92 16.45 6.85
C TRP F 14 -44.98 17.57 7.25
N THR F 15 -45.05 18.70 6.55
CA THR F 15 -44.31 19.89 6.97
C THR F 15 -44.94 20.39 8.27
N GLY F 16 -46.20 20.03 8.48
CA GLY F 16 -46.93 20.39 9.67
C GLY F 16 -46.43 19.74 10.94
N MET F 17 -45.69 18.64 10.82
CA MET F 17 -45.16 17.97 12.00
C MET F 17 -43.70 18.37 12.15
N ILE F 18 -43.48 19.32 13.06
CA ILE F 18 -42.16 19.89 13.29
C ILE F 18 -41.29 19.13 14.29
N ASP F 19 -41.92 18.51 15.27
CA ASP F 19 -41.22 18.04 16.47
C ASP F 19 -40.68 16.61 16.42
N GLY F 20 -40.80 15.93 15.28
CA GLY F 20 -40.31 14.57 15.16
C GLY F 20 -40.29 14.03 13.74
N TRP F 21 -39.63 12.88 13.58
CA TRP F 21 -39.52 12.21 12.28
C TRP F 21 -40.79 11.42 11.92
N TYR F 22 -41.37 10.77 12.92
CA TYR F 22 -42.54 9.92 12.75
C TYR F 22 -43.64 10.39 13.68
N GLY F 23 -44.90 10.22 13.28
CA GLY F 23 -45.99 10.65 14.13
C GLY F 23 -47.39 10.50 13.58
N TYR F 24 -48.30 11.25 14.20
CA TYR F 24 -49.72 11.10 13.95
C TYR F 24 -50.39 12.41 13.57
N HIS F 25 -51.37 12.33 12.66
CA HIS F 25 -52.31 13.41 12.47
C HIS F 25 -53.70 12.90 12.85
N HIS F 26 -54.38 13.63 13.73
CA HIS F 26 -55.69 13.22 14.23
C HIS F 26 -56.75 14.23 13.84
N GLN F 27 -57.97 13.74 13.71
CA GLN F 27 -59.13 14.60 13.48
C GLN F 27 -60.28 14.08 14.33
N ASN F 28 -60.84 14.94 15.17
CA ASN F 28 -62.03 14.60 15.95
C ASN F 28 -62.91 15.82 16.12
N GLU F 29 -63.97 15.68 16.92
CA GLU F 29 -64.91 16.78 17.13
C GLU F 29 -64.23 17.98 17.79
N GLN F 30 -63.23 17.73 18.63
CA GLN F 30 -62.53 18.80 19.33
C GLN F 30 -61.55 19.57 18.45
N GLY F 31 -61.19 19.00 17.30
CA GLY F 31 -60.23 19.63 16.41
C GLY F 31 -59.26 18.65 15.79
N SER F 32 -58.23 19.20 15.14
CA SER F 32 -57.19 18.38 14.50
C SER F 32 -55.80 18.93 14.84
N GLY F 33 -54.76 18.16 14.49
CA GLY F 33 -53.40 18.57 14.76
C GLY F 33 -52.37 17.46 14.59
N TYR F 34 -51.09 17.82 14.74
CA TYR F 34 -49.98 16.88 14.59
C TYR F 34 -49.32 16.54 15.92
N ALA F 35 -48.90 15.29 16.07
CA ALA F 35 -48.11 14.87 17.22
C ALA F 35 -47.04 13.87 16.78
N ALA F 36 -45.80 14.14 17.16
CA ALA F 36 -44.70 13.22 16.86
C ALA F 36 -44.73 12.05 17.81
N ASP F 37 -44.35 10.88 17.32
CA ASP F 37 -44.22 9.71 18.17
C ASP F 37 -42.81 9.70 18.71
N GLN F 38 -42.69 9.87 20.03
CA GLN F 38 -41.41 10.15 20.64
C GLN F 38 -40.51 8.91 20.72
N LYS F 39 -41.09 7.74 20.97
CA LYS F 39 -40.29 6.55 21.13
C LYS F 39 -39.62 6.15 19.82
N SER F 40 -40.40 6.06 18.75
CA SER F 40 -39.87 5.62 17.47
C SER F 40 -38.92 6.67 16.89
N THR F 41 -39.26 7.93 17.07
CA THR F 41 -38.41 9.02 16.60
C THR F 41 -37.05 8.96 17.30
N GLN F 42 -37.07 8.91 18.63
CA GLN F 42 -35.83 8.95 19.41
C GLN F 42 -34.99 7.70 19.18
N ASN F 43 -35.64 6.55 19.01
CA ASN F 43 -34.93 5.32 18.72
C ASN F 43 -34.21 5.42 17.37
N ALA F 44 -34.87 6.06 16.41
CA ALA F 44 -34.29 6.27 15.09
C ALA F 44 -33.11 7.22 15.18
N ILE F 45 -33.27 8.28 15.97
CA ILE F 45 -32.20 9.25 16.20
C ILE F 45 -30.98 8.57 16.81
N ASP F 46 -31.21 7.78 17.86
CA ASP F 46 -30.13 7.07 18.52
C ASP F 46 -29.40 6.16 17.54
N GLY F 47 -30.16 5.46 16.70
CA GLY F 47 -29.59 4.54 15.73
C GLY F 47 -28.75 5.23 14.66
N ILE F 48 -29.28 6.31 14.09
CA ILE F 48 -28.60 7.04 13.04
C ILE F 48 -27.37 7.75 13.59
N THR F 49 -27.47 8.27 14.81
CA THR F 49 -26.34 8.93 15.46
C THR F 49 -25.21 7.92 15.65
N ASN F 50 -25.56 6.71 16.03
CA ASN F 50 -24.56 5.66 16.21
C ASN F 50 -23.91 5.31 14.88
N LYS F 51 -24.71 5.31 13.82
CA LYS F 51 -24.20 4.98 12.49
C LYS F 51 -23.17 6.04 12.04
N VAL F 52 -23.56 7.31 12.11
CA VAL F 52 -22.67 8.40 11.71
C VAL F 52 -21.38 8.38 12.53
N ASN F 53 -21.53 8.26 13.84
CA ASN F 53 -20.37 8.24 14.72
C ASN F 53 -19.48 7.03 14.46
N SER F 54 -20.07 5.91 14.05
CA SER F 54 -19.30 4.72 13.70
C SER F 54 -18.43 4.98 12.47
N VAL F 55 -19.03 5.60 11.46
CA VAL F 55 -18.32 5.88 10.21
C VAL F 55 -17.17 6.84 10.45
N ILE F 56 -17.41 7.82 11.32
CA ILE F 56 -16.39 8.81 11.66
C ILE F 56 -15.34 8.28 12.63
N GLU F 57 -15.77 7.67 13.73
CA GLU F 57 -14.85 7.36 14.82
C GLU F 57 -13.99 6.13 14.59
N LYS F 58 -14.42 5.24 13.70
CA LYS F 58 -13.63 4.05 13.42
C LYS F 58 -12.39 4.40 12.58
N MET F 59 -12.36 5.61 12.02
CA MET F 59 -11.15 6.08 11.33
C MET F 59 -10.16 6.55 12.37
N ASN F 60 -9.02 5.89 12.42
CA ASN F 60 -7.94 6.28 13.30
C ASN F 60 -6.64 6.13 12.54
N THR F 61 -5.81 7.15 12.63
CA THR F 61 -4.53 7.12 11.94
C THR F 61 -3.45 7.56 12.90
N GLN F 62 -2.21 7.33 12.52
CA GLN F 62 -1.06 7.74 13.29
C GLN F 62 -0.38 8.93 12.61
N PHE F 63 0.56 9.55 13.31
CA PHE F 63 1.28 10.68 12.78
C PHE F 63 2.10 10.20 11.58
N THR F 64 1.87 10.83 10.43
CA THR F 64 2.50 10.43 9.17
C THR F 64 2.84 11.65 8.33
N ALA F 65 4.06 11.67 7.80
CA ALA F 65 4.45 12.65 6.80
C ALA F 65 4.48 11.95 5.45
N VAL F 66 3.53 12.31 4.60
CA VAL F 66 3.32 11.62 3.35
C VAL F 66 4.45 11.89 2.35
N GLY F 67 4.94 13.12 2.34
CA GLY F 67 5.90 13.54 1.33
C GLY F 67 7.26 12.86 1.45
N LYS F 68 7.88 12.65 0.29
CA LYS F 68 9.23 12.11 0.21
C LYS F 68 9.99 12.79 -0.93
N GLU F 69 11.30 12.92 -0.75
CA GLU F 69 12.15 13.57 -1.74
C GLU F 69 13.18 12.58 -2.28
N PHE F 70 13.29 12.54 -3.60
CA PHE F 70 14.23 11.64 -4.27
C PHE F 70 15.01 12.41 -5.33
N ASN F 71 16.27 12.05 -5.55
CA ASN F 71 17.07 12.72 -6.57
C ASN F 71 16.89 12.06 -7.95
N ASN F 72 17.63 12.56 -8.95
CA ASN F 72 17.37 12.17 -10.34
C ASN F 72 17.91 10.79 -10.71
N LEU F 73 18.65 10.17 -9.80
CA LEU F 73 19.02 8.76 -9.91
C LEU F 73 18.14 7.84 -9.03
N GLU F 74 17.12 8.41 -8.39
CA GLU F 74 16.14 7.68 -7.58
C GLU F 74 14.74 7.48 -8.20
N ARG F 75 14.60 7.64 -9.51
CA ARG F 75 13.30 7.57 -10.17
C ARG F 75 12.46 6.33 -9.84
N ARG F 76 13.08 5.17 -9.67
CA ARG F 76 12.32 3.95 -9.39
C ARG F 76 11.64 4.00 -8.03
N ILE F 77 12.38 4.36 -6.97
CA ILE F 77 11.76 4.39 -5.65
C ILE F 77 10.81 5.59 -5.59
N GLU F 78 11.11 6.64 -6.33
CA GLU F 78 10.19 7.77 -6.43
C GLU F 78 8.85 7.32 -7.03
N ASN F 79 8.92 6.46 -8.04
CA ASN F 79 7.70 5.95 -8.65
C ASN F 79 7.04 4.88 -7.81
N LEU F 80 7.84 4.16 -7.03
CA LEU F 80 7.30 3.23 -6.05
C LEU F 80 6.49 4.00 -5.00
N ASN F 81 7.08 5.07 -4.48
CA ASN F 81 6.39 5.91 -3.52
C ASN F 81 5.06 6.44 -4.09
N LYS F 82 5.10 6.87 -5.36
CA LYS F 82 3.90 7.34 -6.02
C LYS F 82 2.85 6.24 -6.19
N LYS F 83 3.29 5.03 -6.51
CA LYS F 83 2.38 3.91 -6.64
C LYS F 83 1.68 3.66 -5.31
N VAL F 84 2.41 3.85 -4.20
CA VAL F 84 1.84 3.69 -2.88
C VAL F 84 0.79 4.77 -2.58
N ASP F 85 1.16 6.04 -2.72
CA ASP F 85 0.21 7.12 -2.47
C ASP F 85 -1.02 7.00 -3.35
N ASP F 86 -0.82 6.74 -4.64
CA ASP F 86 -1.94 6.66 -5.58
C ASP F 86 -2.82 5.45 -5.28
N GLY F 87 -2.22 4.38 -4.81
CA GLY F 87 -2.98 3.17 -4.48
C GLY F 87 -3.90 3.39 -3.29
N PHE F 88 -3.40 4.09 -2.28
CA PHE F 88 -4.20 4.44 -1.12
C PHE F 88 -5.34 5.37 -1.53
N LEU F 89 -5.04 6.31 -2.41
CA LEU F 89 -6.04 7.22 -2.92
C LEU F 89 -7.16 6.49 -3.67
N ASP F 90 -6.80 5.50 -4.50
CA ASP F 90 -7.81 4.73 -5.23
C ASP F 90 -8.71 3.95 -4.27
N ILE F 91 -8.08 3.32 -3.28
CA ILE F 91 -8.81 2.47 -2.34
C ILE F 91 -9.77 3.31 -1.50
N TRP F 92 -9.27 4.39 -0.91
CA TRP F 92 -10.09 5.19 -0.02
C TRP F 92 -11.18 5.95 -0.77
N THR F 93 -10.89 6.46 -1.96
CA THR F 93 -11.88 7.18 -2.76
C THR F 93 -13.02 6.24 -3.13
N TYR F 94 -12.67 5.07 -3.67
CA TYR F 94 -13.67 4.09 -4.08
C TYR F 94 -14.50 3.63 -2.89
N ASN F 95 -13.85 3.29 -1.78
CA ASN F 95 -14.56 2.78 -0.63
C ASN F 95 -15.44 3.85 0.06
N ALA F 96 -14.94 5.08 0.12
CA ALA F 96 -15.71 6.17 0.72
C ALA F 96 -16.97 6.45 -0.09
N GLU F 97 -16.82 6.51 -1.40
CA GLU F 97 -17.93 6.78 -2.30
C GLU F 97 -19.01 5.71 -2.16
N LEU F 98 -18.62 4.44 -2.24
CA LEU F 98 -19.57 3.35 -2.19
C LEU F 98 -20.17 3.17 -0.80
N LEU F 99 -19.36 3.40 0.23
CA LEU F 99 -19.84 3.30 1.60
C LEU F 99 -21.00 4.29 1.80
N VAL F 100 -20.82 5.51 1.31
CA VAL F 100 -21.87 6.51 1.44
C VAL F 100 -23.10 6.16 0.59
N LEU F 101 -22.89 5.66 -0.63
CA LEU F 101 -24.01 5.28 -1.50
C LEU F 101 -24.83 4.17 -0.87
N LEU F 102 -24.15 3.14 -0.38
CA LEU F 102 -24.80 1.96 0.17
C LEU F 102 -25.49 2.27 1.48
N GLU F 103 -24.83 3.06 2.32
CA GLU F 103 -25.39 3.33 3.64
C GLU F 103 -26.49 4.38 3.60
N ASN F 104 -26.45 5.27 2.61
CA ASN F 104 -27.56 6.20 2.44
C ASN F 104 -28.83 5.43 2.06
N GLU F 105 -28.70 4.44 1.19
CA GLU F 105 -29.82 3.57 0.84
C GLU F 105 -30.37 2.88 2.09
N ARG F 106 -29.47 2.35 2.92
CA ARG F 106 -29.89 1.67 4.13
C ARG F 106 -30.58 2.58 5.14
N THR F 107 -30.11 3.83 5.22
CA THR F 107 -30.72 4.81 6.12
C THR F 107 -32.15 5.12 5.68
N LEU F 108 -32.35 5.29 4.38
CA LEU F 108 -33.69 5.58 3.88
C LEU F 108 -34.60 4.36 4.04
N ASP F 109 -34.06 3.16 3.87
CA ASP F 109 -34.82 1.93 4.15
C ASP F 109 -35.27 1.91 5.60
N PHE F 110 -34.35 2.31 6.49
CA PHE F 110 -34.55 2.27 7.94
C PHE F 110 -35.73 3.14 8.34
N HIS F 111 -35.77 4.36 7.80
CA HIS F 111 -36.88 5.27 8.05
C HIS F 111 -38.17 4.65 7.53
N ASP F 112 -38.09 4.07 6.34
CA ASP F 112 -39.23 3.44 5.70
C ASP F 112 -39.76 2.30 6.57
N SER F 113 -38.85 1.46 7.06
CA SER F 113 -39.20 0.37 7.97
C SER F 113 -39.86 0.90 9.25
N ASN F 114 -39.33 1.99 9.78
CA ASN F 114 -39.84 2.55 11.02
C ASN F 114 -41.26 3.07 10.84
N VAL F 115 -41.52 3.74 9.73
CA VAL F 115 -42.87 4.24 9.47
C VAL F 115 -43.84 3.08 9.31
N ARG F 116 -43.41 2.06 8.58
CA ARG F 116 -44.27 0.90 8.35
C ARG F 116 -44.58 0.22 9.67
N ASN F 117 -43.57 0.09 10.52
CA ASN F 117 -43.75 -0.57 11.81
C ASN F 117 -44.72 0.18 12.71
N LEU F 118 -44.65 1.51 12.67
CA LEU F 118 -45.57 2.34 13.43
C LEU F 118 -46.99 2.11 12.92
N TYR F 119 -47.14 2.16 11.60
CA TYR F 119 -48.44 1.95 10.97
C TYR F 119 -49.04 0.61 11.40
N GLU F 120 -48.22 -0.43 11.40
CA GLU F 120 -48.71 -1.78 11.69
C GLU F 120 -49.04 -1.95 13.17
N LYS F 121 -48.35 -1.20 14.03
CA LYS F 121 -48.65 -1.23 15.46
C LYS F 121 -50.02 -0.65 15.76
N VAL F 122 -50.31 0.49 15.16
CA VAL F 122 -51.62 1.13 15.31
C VAL F 122 -52.71 0.25 14.71
N LYS F 123 -52.46 -0.29 13.53
CA LYS F 123 -53.39 -1.21 12.89
C LYS F 123 -53.71 -2.36 13.83
N SER F 124 -52.66 -2.86 14.47
CA SER F 124 -52.78 -4.02 15.36
C SER F 124 -53.64 -3.67 16.56
N GLN F 125 -53.56 -2.43 17.03
CA GLN F 125 -54.32 -2.00 18.21
C GLN F 125 -55.80 -1.76 17.90
N LEU F 126 -56.06 -1.14 16.76
CA LEU F 126 -57.40 -0.73 16.40
C LEU F 126 -58.26 -1.91 15.94
N LYS F 127 -57.66 -2.82 15.18
CA LYS F 127 -58.38 -3.97 14.65
C LYS F 127 -59.60 -3.48 13.86
N ASN F 128 -60.76 -4.09 14.10
CA ASN F 128 -61.96 -3.75 13.34
C ASN F 128 -62.74 -2.60 13.97
N ASN F 129 -62.20 -2.01 15.03
CA ASN F 129 -62.79 -0.80 15.61
C ASN F 129 -62.54 0.42 14.73
N ALA F 130 -61.73 0.25 13.68
CA ALA F 130 -61.44 1.33 12.75
C ALA F 130 -61.34 0.78 11.33
N LYS F 131 -61.59 1.65 10.36
CA LYS F 131 -61.52 1.28 8.95
C LYS F 131 -60.21 1.80 8.32
N GLU F 132 -59.59 0.98 7.47
CA GLU F 132 -58.37 1.35 6.77
C GLU F 132 -58.66 2.05 5.44
N ILE F 133 -58.26 3.31 5.35
CA ILE F 133 -58.44 4.11 4.15
C ILE F 133 -57.42 3.71 3.09
N GLY F 134 -56.14 3.64 3.48
CA GLY F 134 -55.05 3.37 2.56
C GLY F 134 -53.98 4.44 2.42
N ASN F 135 -54.24 5.64 2.92
CA ASN F 135 -53.24 6.72 2.90
C ASN F 135 -52.50 6.75 4.23
N GLY F 136 -52.62 5.67 4.99
CA GLY F 136 -51.99 5.59 6.29
C GLY F 136 -52.94 6.10 7.36
N CYS F 137 -54.19 6.30 6.98
CA CYS F 137 -55.21 6.86 7.86
C CYS F 137 -56.18 5.79 8.34
N PHE F 138 -56.67 5.96 9.57
CA PHE F 138 -57.69 5.09 10.12
C PHE F 138 -58.92 5.92 10.47
N GLU F 139 -60.08 5.52 9.95
CA GLU F 139 -61.37 6.13 10.31
C GLU F 139 -62.07 5.26 11.36
N PHE F 140 -62.26 5.84 12.54
CA PHE F 140 -62.86 5.09 13.65
C PHE F 140 -64.32 4.74 13.41
N TYR F 141 -64.75 3.62 13.98
CA TYR F 141 -66.15 3.20 13.95
C TYR F 141 -66.88 3.69 15.21
N HIS F 142 -66.17 4.46 16.02
CA HIS F 142 -66.73 5.11 17.19
C HIS F 142 -66.15 6.51 17.26
N LYS F 143 -66.55 7.29 18.25
CA LYS F 143 -65.98 8.61 18.45
C LYS F 143 -64.73 8.53 19.33
N CYS F 144 -63.66 9.14 18.84
CA CYS F 144 -62.39 9.16 19.54
C CYS F 144 -62.04 10.60 19.95
N ASP F 145 -62.13 10.87 21.25
CA ASP F 145 -61.80 12.20 21.77
C ASP F 145 -60.29 12.33 21.99
N ASP F 146 -59.85 13.49 22.46
CA ASP F 146 -58.42 13.75 22.65
C ASP F 146 -57.78 12.75 23.61
N ALA F 147 -58.57 12.25 24.56
CA ALA F 147 -58.08 11.23 25.49
C ALA F 147 -57.95 9.89 24.78
N CYS F 148 -58.92 9.61 23.90
CA CYS F 148 -58.92 8.37 23.13
C CYS F 148 -57.81 8.42 22.08
N MET F 149 -57.70 9.55 21.39
CA MET F 149 -56.68 9.73 20.37
C MET F 149 -55.30 9.62 20.98
N GLU F 150 -55.16 10.11 22.21
CA GLU F 150 -53.89 10.04 22.93
C GLU F 150 -53.54 8.59 23.29
N SER F 151 -54.55 7.80 23.62
CA SER F 151 -54.32 6.41 23.98
C SER F 151 -53.80 5.60 22.79
N VAL F 152 -54.25 5.96 21.59
CA VAL F 152 -53.77 5.32 20.37
C VAL F 152 -52.30 5.65 20.16
N ARG F 153 -51.96 6.92 20.32
CA ARG F 153 -50.58 7.37 20.16
C ARG F 153 -49.68 6.80 21.25
N ASN F 154 -50.27 6.55 22.42
CA ASN F 154 -49.52 6.03 23.56
C ASN F 154 -49.41 4.50 23.55
N GLY F 155 -50.17 3.86 22.67
CA GLY F 155 -50.19 2.41 22.62
C GLY F 155 -51.07 1.76 23.67
N THR F 156 -51.84 2.56 24.41
CA THR F 156 -52.72 2.05 25.47
C THR F 156 -54.18 1.87 25.04
N TYR F 157 -54.46 2.04 23.75
CA TYR F 157 -55.84 1.99 23.23
C TYR F 157 -56.63 0.75 23.70
N ASP F 158 -57.86 0.98 24.15
CA ASP F 158 -58.70 -0.10 24.71
C ASP F 158 -59.72 -0.55 23.68
N TYR F 159 -59.48 -1.72 23.10
CA TYR F 159 -60.33 -2.24 22.03
C TYR F 159 -61.71 -2.69 22.52
N PRO F 160 -61.77 -3.52 23.58
CA PRO F 160 -63.07 -4.04 24.03
C PRO F 160 -63.97 -2.97 24.65
N LYS F 161 -63.44 -1.78 24.87
CA LYS F 161 -64.24 -0.67 25.37
C LYS F 161 -65.10 -0.03 24.27
N TYR F 162 -64.54 0.14 23.08
CA TYR F 162 -65.23 0.78 21.96
C TYR F 162 -65.80 -0.21 20.94
N SER F 163 -65.63 -1.50 21.19
CA SER F 163 -66.06 -2.56 20.26
C SER F 163 -67.40 -2.30 19.58
C1 NAG G . 25.14 -11.92 -29.22
C2 NAG G . 26.64 -12.02 -29.01
C3 NAG G . 27.15 -13.39 -29.45
C4 NAG G . 26.31 -14.54 -28.91
C5 NAG G . 24.81 -14.26 -29.02
C6 NAG G . 23.97 -15.22 -28.22
C7 NAG G . 27.54 -9.75 -29.23
C8 NAG G . 28.29 -8.80 -30.11
N2 NAG G . 27.34 -10.97 -29.73
O3 NAG G . 28.50 -13.53 -29.00
O4 NAG G . 26.57 -15.67 -29.73
O5 NAG G . 24.50 -12.94 -28.52
O6 NAG G . 22.76 -15.53 -28.90
O7 NAG G . 27.12 -9.43 -28.13
H1 NAG G . 24.94 -12.00 -30.17
H2 NAG G . 26.83 -11.93 -28.06
H3 NAG G . 27.14 -13.43 -30.43
H4 NAG G . 26.55 -14.72 -27.98
H5 NAG G . 24.55 -14.30 -29.95
H61 NAG G . 24.48 -16.05 -28.08
H62 NAG G . 23.76 -14.83 -27.35
H81 NAG G . 27.83 -8.72 -30.96
H82 NAG G . 29.19 -9.14 -30.26
H83 NAG G . 28.34 -7.93 -29.66
HN2 NAG G . 27.68 -11.17 -30.56
HO3 NAG G . 29.03 -13.05 -29.52
HO6 NAG G . 22.22 -15.95 -28.34
C1 NAG G . 27.20 -16.82 -29.11
C2 NAG G . 28.73 -16.71 -29.12
C3 NAG G . 29.32 -18.03 -28.69
C4 NAG G . 28.79 -18.41 -27.31
C5 NAG G . 27.25 -18.42 -27.35
C6 NAG G . 26.63 -18.68 -26.00
C7 NAG G . 30.26 -15.47 -30.57
C8 NAG G . 30.66 -15.15 -31.98
N2 NAG G . 29.23 -16.32 -30.41
O3 NAG G . 30.74 -17.93 -28.68
O4 NAG G . 29.21 -19.71 -26.92
O5 NAG G . 26.76 -17.15 -27.80
O6 NAG G . 25.20 -18.59 -26.05
O7 NAG G . 30.84 -14.97 -29.62
H1 NAG G . 26.98 -17.58 -29.67
H2 NAG G . 28.98 -16.03 -28.46
H3 NAG G . 29.06 -18.72 -29.33
H4 NAG G . 29.08 -17.76 -26.65
H5 NAG G . 26.96 -19.11 -27.98
H61 NAG G . 26.87 -19.57 -25.70
H62 NAG G . 26.97 -18.03 -25.36
H81 NAG G . 30.96 -15.97 -32.43
H82 NAG G . 29.90 -14.78 -32.46
H83 NAG G . 31.39 -14.49 -31.98
HN2 NAG G . 28.83 -16.65 -31.17
HO3 NAG G . 31.10 -18.70 -28.94
HO6 NAG G . 24.87 -18.83 -25.27
C1 BMA G . 30.58 -19.76 -26.49
C2 BMA G . 30.67 -20.22 -25.02
C3 BMA G . 32.13 -20.61 -24.64
C4 BMA G . 32.83 -21.44 -25.74
C5 BMA G . 32.69 -20.72 -27.09
C6 BMA G . 33.34 -21.49 -28.25
O2 BMA G . 29.86 -21.36 -24.80
O3 BMA G . 32.18 -21.31 -23.39
O4 BMA G . 34.20 -21.61 -25.43
O5 BMA G . 31.30 -20.61 -27.38
O6 BMA G . 33.27 -20.66 -29.41
H1 BMA G . 31.01 -18.75 -26.56
H2 BMA G . 30.34 -19.39 -24.38
H3 BMA G . 32.72 -19.69 -24.50
H4 BMA G . 32.32 -22.41 -25.82
H5 BMA G . 33.15 -19.73 -27.03
H61 BMA G . 34.38 -21.72 -27.98
H62 BMA G . 32.79 -22.42 -28.38
HO2 BMA G . 29.26 -21.13 -24.06
HO3 BMA G . 31.97 -22.23 -23.59
HO4 BMA G . 34.32 -22.56 -25.31
C1 NAG H . 48.94 -9.36 -24.09
C2 NAG H . 47.62 -8.74 -24.57
C3 NAG H . 46.44 -9.61 -24.16
C4 NAG H . 46.66 -11.06 -24.59
C5 NAG H . 48.03 -11.57 -24.13
C6 NAG H . 48.36 -12.94 -24.67
C7 NAG H . 47.32 -6.30 -24.77
C8 NAG H . 47.18 -5.01 -24.02
N2 NAG H . 47.47 -7.40 -24.02
O1 NAG H . 50.01 -8.60 -24.55
O3 NAG H . 45.26 -9.12 -24.78
O4 NAG H . 45.67 -11.88 -23.97
O5 NAG H . 49.05 -10.68 -24.61
O6 NAG H . 48.73 -12.86 -26.04
O7 NAG H . 47.31 -6.36 -26.00
H1 NAG H . 48.96 -9.40 -23.12
H2 NAG H . 47.65 -8.68 -25.54
H3 NAG H . 46.33 -9.58 -23.20
H4 NAG H . 46.60 -11.13 -25.55
H5 NAG H . 48.05 -11.58 -23.15
H61 NAG H . 49.10 -13.31 -24.15
H62 NAG H . 47.58 -13.51 -24.58
H81 NAG H . 47.96 -4.89 -23.45
H82 NAG H . 47.12 -4.28 -24.66
H83 NAG H . 46.38 -5.04 -23.48
HN2 NAG H . 47.48 -7.30 -23.11
HO1 NAG H . 50.75 -8.86 -24.14
HO3 NAG H . 44.58 -9.19 -24.22
HO6 NAG H . 49.05 -13.65 -26.30
C1 GAL H . 44.71 -12.38 -24.93
C2 GAL H . 43.90 -13.42 -24.16
C3 GAL H . 42.76 -13.98 -24.99
C4 GAL H . 41.91 -12.84 -25.49
C5 GAL H . 42.79 -11.84 -26.23
C6 GAL H . 42.02 -10.61 -26.67
O2 GAL H . 44.71 -14.52 -23.76
O3 GAL H . 41.91 -14.82 -24.20
O4 GAL H . 41.26 -12.20 -24.39
O5 GAL H . 43.86 -11.35 -25.42
O6 GAL H . 42.75 -9.84 -27.63
H1 GAL H . 45.25 -12.86 -25.76
H2 GAL H . 43.46 -12.91 -23.28
H3 GAL H . 43.18 -14.53 -25.83
H4 GAL H . 41.16 -13.24 -26.20
H5 GAL H . 43.20 -12.33 -27.12
H61 GAL H . 41.09 -10.92 -27.16
H62 GAL H . 41.76 -10.02 -25.79
HO2 GAL H . 44.87 -14.42 -22.81
HO3 GAL H . 41.75 -15.61 -24.72
HO4 GAL H . 40.33 -12.12 -24.65
C1 SIA H . 40.65 -8.65 -28.08
C2 SIA H . 42.15 -8.57 -27.90
C3 SIA H . 42.92 -8.01 -29.09
C4 SIA H . 42.51 -6.57 -29.33
C5 SIA H . 42.83 -5.77 -28.09
C6 SIA H . 42.21 -6.43 -26.87
C7 SIA H . 42.68 -5.72 -25.61
C8 SIA H . 42.07 -6.31 -24.36
C9 SIA H . 42.31 -5.39 -23.18
C10 SIA H . 43.05 -3.29 -28.04
C11 SIA H . 42.37 -1.94 -28.26
N5 SIA H . 42.29 -4.47 -28.27
O1A SIA H . 40.18 -9.06 -29.17
O1B SIA H . 39.87 -8.35 -27.14
O4 SIA H . 43.18 -6.04 -30.44
O6 SIA H . 42.55 -7.80 -26.78
O7 SIA H . 44.09 -5.82 -25.50
O8 SIA H . 40.68 -6.51 -24.51
O9 SIA H . 41.78 -5.96 -22.00
O10 SIA H . 44.21 -3.33 -27.67
H32 SIA H . 42.71 -8.55 -29.89
H31 SIA H . 43.87 -8.05 -28.91
H4 SIA H . 41.54 -6.54 -29.48
H5 SIA H . 43.81 -5.72 -27.98
H6 SIA H . 41.24 -6.35 -26.93
H7 SIA H . 42.44 -4.77 -25.66
H8 SIA H . 42.49 -7.18 -24.17
H92 SIA H . 41.88 -4.52 -23.35
H91 SIA H . 43.28 -5.25 -23.06
H111 SIA H . 43.04 -1.23 -28.22
H113 SIA H . 41.94 -1.94 -29.14
H112 SIA H . 41.70 -1.79 -27.56
HN5 SIA H . 41.43 -4.39 -28.55
HO4 SIA H . 42.72 -6.21 -31.18
HO7 SIA H . 44.42 -5.05 -25.23
HO8 SIA H . 40.47 -7.33 -24.26
HO9 SIA H . 42.09 -5.52 -21.30
C1 NAG I . 31.35 -9.89 22.67
C2 NAG I . 32.67 -9.16 22.67
C3 NAG I . 32.99 -8.67 24.08
C4 NAG I . 31.83 -7.85 24.64
C5 NAG I . 30.50 -8.59 24.49
C6 NAG I . 29.32 -7.73 24.80
C7 NAG I . 34.01 -10.13 20.87
C8 NAG I . 35.19 -11.02 20.53
N2 NAG I . 33.75 -9.99 22.18
O3 NAG I . 34.16 -7.86 24.02
O4 NAG I . 32.02 -7.61 26.03
O5 NAG I . 30.34 -9.04 23.14
O6 NAG I . 28.75 -8.08 26.05
O7 NAG I . 33.35 -9.57 20.01
H1 NAG I . 31.41 -10.68 23.25
H2 NAG I . 32.60 -8.39 22.10
H3 NAG I . 33.15 -9.43 24.67
H4 NAG I . 31.77 -6.99 24.17
H5 NAG I . 30.51 -9.37 25.08
H61 NAG I . 29.59 -6.79 24.83
H62 NAG I . 28.64 -7.85 24.10
H81 NAG I . 35.03 -11.91 20.90
H82 NAG I . 36.00 -10.64 20.89
H83 NAG I . 35.26 -11.08 19.56
HN2 NAG I . 34.28 -10.42 22.78
HO3 NAG I . 34.53 -7.82 24.82
HO6 NAG I . 27.99 -7.63 26.17
C1 NAG I . 32.41 -6.25 26.30
C2 NAG I . 32.12 -5.94 27.79
C3 NAG I . 32.73 -4.59 28.19
C4 NAG I . 34.19 -4.50 27.77
C5 NAG I . 34.28 -4.76 26.27
C6 NAG I . 35.69 -4.68 25.72
C7 NAG I . 30.08 -6.94 28.70
C8 NAG I . 28.59 -6.77 28.89
N2 NAG I . 30.70 -5.95 28.06
O3 NAG I . 32.61 -4.42 29.59
O4 NAG I . 34.72 -3.22 28.09
O5 NAG I . 33.80 -6.08 26.02
O6 NAG I . 36.55 -5.63 26.34
O7 NAG I . 30.68 -7.92 29.13
H1 NAG I . 31.89 -5.64 25.74
H2 NAG I . 32.55 -6.63 28.33
H3 NAG I . 32.23 -3.88 27.74
H4 NAG I . 34.70 -5.18 28.24
H5 NAG I . 33.71 -4.12 25.80
H61 NAG I . 35.66 -4.85 24.77
H62 NAG I . 36.04 -3.79 25.88
H81 NAG I . 28.17 -6.66 28.03
H82 NAG I . 28.23 -7.55 29.34
H83 NAG I . 28.42 -5.97 29.45
HN2 NAG I . 30.20 -5.24 27.77
HO3 NAG I . 32.61 -3.55 29.79
HO6 NAG I . 37.35 -5.59 25.97
C1 NAG J . 53.70 -0.97 17.44
C2 NAG J . 52.56 -1.99 17.27
C3 NAG J . 51.22 -1.36 17.67
C4 NAG J . 51.31 -0.74 19.06
C5 NAG J . 52.52 0.19 19.15
C6 NAG J . 52.74 0.74 20.54
C7 NAG J . 52.68 -3.75 15.56
C8 NAG J . 52.57 -4.05 14.10
N2 NAG J . 52.50 -2.47 15.91
O1 NAG J . 54.91 -1.58 17.14
O3 NAG J . 50.22 -2.38 17.66
O4 NAG J . 50.14 0.03 19.30
O5 NAG J . 53.71 -0.51 18.78
O6 NAG J . 52.70 -0.28 21.52
O7 NAG J . 52.91 -4.62 16.40
H1 NAG J . 53.54 -0.22 16.84
H2 NAG J . 52.74 -2.75 17.86
H3 NAG J . 50.99 -0.68 17.02
H4 NAG J . 51.39 -1.44 19.72
H5 NAG J . 52.39 0.94 18.53
H61 NAG J . 52.05 1.40 20.74
H62 NAG J . 53.62 1.19 20.57
H81 NAG J . 52.76 -5.00 13.95
H82 NAG J . 53.23 -3.51 13.61
H83 NAG J . 51.67 -3.84 13.78
HN2 NAG J . 52.33 -1.86 15.24
HO1 NAG J . 55.52 -0.95 16.99
HO3 NAG J . 49.51 -2.07 17.22
HO6 NAG J . 52.81 0.07 22.33
C1 GAL J . 49.28 -0.58 20.29
C2 GAL J . 48.25 0.48 20.71
C3 GAL J . 47.18 -0.09 21.67
C4 GAL J . 46.54 -1.32 21.03
C5 GAL J . 47.64 -2.30 20.66
C6 GAL J . 47.14 -3.58 19.98
O2 GAL J . 48.87 1.56 21.39
O3 GAL J . 46.14 0.84 21.94
O4 GAL J . 45.81 -0.97 19.85
O5 GAL J . 48.61 -1.71 19.75
O6 GAL J . 48.18 -4.49 19.74
H1 GAL J . 49.90 -0.88 21.15
H2 GAL J . 47.73 0.83 19.81
H3 GAL J . 47.69 -0.40 22.61
H4 GAL J . 45.88 -1.82 21.76
H5 GAL J . 48.16 -2.59 21.59
H61 GAL J . 46.41 -4.07 20.64
H62 GAL J . 46.61 -3.29 19.05
HO2 GAL J . 48.78 2.34 20.81
HO3 GAL J . 45.92 0.74 22.88
HO4 GAL J . 44.96 -1.44 19.91
C1 SIA J . 46.42 -6.03 18.96
C2 SIA J . 47.82 -5.49 18.79
C3 SIA J . 48.89 -6.56 18.90
C4 SIA J . 48.72 -7.56 17.78
C5 SIA J . 48.88 -6.82 16.48
C6 SIA J . 47.94 -5.65 16.44
C7 SIA J . 48.24 -4.83 15.21
C8 SIA J . 47.23 -3.72 15.07
C9 SIA J . 47.50 -3.00 13.78
C10 SIA J . 49.48 -8.22 14.50
C11 SIA J . 49.01 -9.19 13.44
N5 SIA J . 48.54 -7.72 15.44
O1A SIA J . 45.50 -5.69 18.16
O1B SIA J . 46.15 -6.80 19.92
O4 SIA J . 49.67 -8.59 17.88
O6 SIA J . 48.08 -4.82 17.58
O7 SIA J . 49.52 -4.25 15.34
O8 SIA J . 45.91 -4.23 15.06
O9 SIA J . 46.41 -2.17 13.46
O10 SIA J . 50.64 -7.86 14.55
H32 SIA J . 49.78 -6.15 18.83
H31 SIA J . 48.81 -7.02 19.76
H4 SIA J . 47.82 -7.95 17.83
H5 SIA J . 49.80 -6.52 16.36
H6 SIA J . 47.02 -5.98 16.40
H7 SIA J . 48.21 -5.40 14.43
H8 SIA J . 47.33 -3.09 15.82
H92 SIA J . 47.63 -3.67 13.06
H91 SIA J . 48.31 -2.46 13.87
H111 SIA J . 48.43 -8.72 12.80
H113 SIA J . 48.50 -9.92 13.87
H112 SIA J . 49.79 -9.56 12.98
HN5 SIA J . 47.67 -8.03 15.38
HO4 SIA J . 49.37 -9.21 18.45
HO7 SIA J . 50.13 -4.80 14.98
HO8 SIA J . 45.35 -3.59 15.31
HO9 SIA J . 46.59 -1.72 12.70
C1 NAG K . 20.91 34.08 -3.13
C2 NAG K . 22.23 34.13 -3.91
C3 NAG K . 22.22 35.27 -4.93
C4 NAG K . 20.98 35.21 -5.82
C5 NAG K . 19.72 35.12 -4.96
C6 NAG K . 18.47 34.94 -5.79
C7 NAG K . 23.92 33.29 -2.32
C8 NAG K . 25.09 33.66 -1.46
N2 NAG K . 23.36 34.30 -3.00
O3 NAG K . 23.38 35.17 -5.74
O4 NAG K . 20.88 36.38 -6.62
O5 NAG K . 19.81 34.00 -4.07
O6 NAG K . 17.48 34.19 -5.08
O7 NAG K . 23.50 32.14 -2.39
H1 NAG K . 20.81 34.89 -2.59
H2 NAG K . 22.33 33.30 -4.39
H3 NAG K . 22.22 36.13 -4.47
H4 NAG K . 21.03 34.42 -6.39
H5 NAG K . 19.64 35.95 -4.44
H61 NAG K . 18.10 35.81 -6.02
H62 NAG K . 18.70 34.46 -6.60
H81 NAG K . 25.40 32.87 -0.98
H82 NAG K . 24.83 34.35 -0.82
H83 NAG K . 25.82 34.00 -2.02
HN2 NAG K . 23.72 35.12 -2.91
HO3 NAG K . 23.79 35.95 -5.77
HO6 NAG K . 16.73 34.17 -5.56
C1 NAG K . 21.34 36.22 -7.99
C2 NAG K . 20.63 37.27 -8.88
C3 NAG K . 21.16 37.23 -10.31
C4 NAG K . 22.68 37.28 -10.32
C5 NAG K . 23.23 36.19 -9.41
C6 NAG K . 24.74 36.18 -9.31
C7 NAG K . 18.33 37.76 -8.15
C8 NAG K . 16.89 37.37 -8.27
N2 NAG K . 19.19 37.05 -8.88
O4 NAG K . 23.18 37.09 -11.65
O5 NAG K . 22.74 36.39 -8.08
O6 NAG K . 25.20 35.10 -8.52
O7 NAG K . 18.70 38.66 -7.41
H1 NAG K . 21.11 35.33 -8.31
H2 NAG K . 20.80 38.15 -8.51
H3 NAG K . 20.88 36.41 -10.74
H4 NAG K . 22.98 38.15 -9.98
H5 NAG K . 22.93 35.32 -9.73
H61 NAG K . 25.12 36.11 -10.21
H62 NAG K . 25.04 37.03 -8.91
H81 NAG K . 16.78 36.43 -8.04
H82 NAG K . 16.36 37.92 -7.67
H83 NAG K . 16.59 37.51 -9.19
HN2 NAG K . 18.86 36.37 -9.41
HO4 NAG K . 23.49 37.86 -11.96
C1 NAG L . 44.03 32.59 -11.03
C2 NAG L . 42.95 32.42 -9.95
C3 NAG L . 41.61 32.07 -10.58
C4 NAG L . 41.26 33.00 -11.72
C5 NAG L . 42.42 33.07 -12.71
C6 NAG L . 42.20 34.04 -13.85
C7 NAG L . 43.57 31.64 -7.70
C8 NAG L . 43.94 30.46 -6.87
N2 NAG L . 43.34 31.40 -8.99
O1 NAG L . 45.20 33.05 -10.43
O3 NAG L . 40.59 32.12 -9.58
O4 NAG L . 40.11 32.53 -12.40
O5 NAG L . 43.60 33.51 -12.02
O6 NAG L . 42.29 35.38 -13.42
O7 NAG L . 43.49 32.78 -7.22
H1 NAG L . 44.21 31.72 -11.45
H2 NAG L . 42.85 33.27 -9.48
H3 NAG L . 41.65 31.15 -10.93
H4 NAG L . 41.08 33.90 -11.37
H5 NAG L . 42.59 32.18 -13.07
H61 NAG L . 41.32 33.88 -14.23
H62 NAG L . 42.88 33.89 -14.54
H81 NAG L . 44.74 30.03 -7.24
H82 NAG L . 44.14 30.75 -5.95
H83 NAG L . 43.20 29.82 -6.86
HN2 NAG L . 43.41 30.55 -9.29
HO1 NAG L . 45.87 33.00 -11.01
HO3 NAG L . 39.99 31.49 -9.73
HO6 NAG L . 42.06 35.93 -14.08
C1 GAL L . 38.97 33.36 -12.12
C2 GAL L . 37.88 33.00 -13.17
C3 GAL L . 36.56 33.70 -12.87
C4 GAL L . 36.16 33.37 -11.43
C5 GAL L . 37.27 33.82 -10.50
C6 GAL L . 36.98 33.59 -9.04
O2 GAL L . 38.24 33.38 -14.48
O3 GAL L . 35.51 33.24 -13.71
O4 GAL L . 35.95 31.97 -11.30
O5 GAL L . 38.49 33.13 -10.79
O6 GAL L . 37.98 34.16 -8.21
H1 GAL L . 39.27 34.41 -12.25
H2 GAL L . 37.71 31.91 -13.11
H3 GAL L . 36.70 34.79 -12.98
H4 GAL L . 35.25 33.94 -11.18
H5 GAL L . 37.43 34.90 -10.66
H61 GAL L . 36.97 32.52 -8.84
H62 GAL L . 35.98 34.00 -8.81
HO2 GAL L . 38.47 32.58 -14.96
HO3 GAL L . 35.12 34.03 -14.13
HO4 GAL L . 35.08 31.88 -10.87
C1 SIA L . 36.45 33.68 -6.34
C2 SIA L . 37.87 33.74 -6.85
C3 SIA L . 38.78 34.64 -6.02
C4 SIA L . 38.88 34.09 -4.62
C5 SIA L . 39.48 32.70 -4.70
C6 SIA L . 38.68 31.84 -5.68
C7 SIA L . 39.42 30.53 -5.96
C8 SIA L . 38.64 29.59 -6.86
C9 SIA L . 39.31 28.23 -6.82
C10 SIA L . 40.62 31.68 -2.74
C11 SIA L . 40.51 31.06 -1.35
N5 SIA L . 39.45 32.13 -3.39
O1A SIA L . 35.83 34.75 -6.10
O1B SIA L . 35.87 32.58 -6.16
O4 SIA L . 39.68 34.92 -3.81
O6 SIA L . 38.50 32.48 -6.92
O7 SIA L . 40.64 30.83 -6.62
O8 SIA L . 37.30 29.47 -6.43
O9 SIA L . 38.59 27.32 -7.63
O10 SIA L . 41.71 31.77 -3.28
H32 SIA L . 38.41 35.53 -5.99
H31 SIA L . 39.67 34.66 -6.43
H4 SIA L . 37.98 34.02 -4.23
H5 SIA L . 40.41 32.77 -5.00
H6 SIA L . 37.81 31.63 -5.28
H7 SIA L . 39.62 30.08 -5.11
H8 SIA L . 38.66 29.94 -7.77
H92 SIA L . 39.32 27.89 -5.90
H91 SIA L . 40.22 28.31 -7.16
H111 SIA L . 40.07 30.19 -1.42
H113 SIA L . 41.40 30.96 -0.98
H112 SIA L . 39.98 31.66 -0.78
HN5 SIA L . 38.65 32.04 -2.97
HO4 SIA L . 39.18 35.55 -3.44
HO7 SIA L . 41.31 30.61 -6.10
HO8 SIA L . 36.76 29.76 -7.07
HO9 SIA L . 39.05 26.58 -7.73
C1 NAG M . -13.51 -4.51 -24.75
C2 NAG M . -13.65 -6.03 -24.79
C3 NAG M . -14.93 -6.41 -25.55
C4 NAG M . -16.07 -5.51 -25.15
C5 NAG M . -15.79 -4.08 -25.59
C6 NAG M . -16.26 -3.03 -24.59
C7 NAG M . -12.18 -7.94 -25.30
C8 NAG M . -10.96 -8.40 -26.03
N2 NAG M . -12.50 -6.65 -25.42
O3 NAG M . -15.25 -7.77 -25.30
O4 NAG M . -17.28 -5.93 -25.78
O5 NAG M . -14.36 -3.88 -25.77
O6 NAG M . -16.05 -3.43 -23.25
O7 NAG M . -12.87 -8.71 -24.63
H1 NAG M . -12.57 -4.27 -24.92
H2 NAG M . -13.73 -6.36 -23.88
H3 NAG M . -14.76 -6.31 -26.51
H4 NAG M . -16.19 -5.53 -24.18
H5 NAG M . -16.22 -3.92 -26.44
H61 NAG M . -17.22 -2.89 -24.73
H62 NAG M . -15.78 -2.20 -24.76
H81 NAG M . -11.08 -8.28 -26.99
H82 NAG M . -10.19 -7.87 -25.73
H83 NAG M . -10.80 -9.34 -25.84
HN2 NAG M . -11.96 -6.12 -25.94
HO3 NAG M . -15.64 -8.13 -26.02
HO4 NAG M . -17.88 -6.14 -25.16
HO6 NAG M . -16.72 -3.15 -22.75
C1 NAG N . -7.45 -20.92 15.66
C2 NAG N . -8.90 -21.18 15.22
C3 NAG N . -9.37 -22.55 15.72
C4 NAG N . -8.20 -23.52 15.77
C5 NAG N . -7.22 -23.07 16.84
C6 NAG N . -5.81 -23.56 16.60
C7 NAG N . -11.08 -20.08 15.33
C8 NAG N . -11.87 -18.95 15.91
N2 NAG N . -9.79 -20.14 15.69
O3 NAG N . -10.39 -23.06 14.86
O4 NAG N . -8.68 -24.82 16.10
O5 NAG N . -7.16 -21.63 16.90
O6 NAG N . -5.18 -23.90 17.84
O7 NAG N . -11.58 -20.89 14.56
H1 NAG N . -7.32 -19.97 15.79
H2 NAG N . -8.93 -21.20 14.24
H3 NAG N . -9.73 -22.45 16.62
H4 NAG N . -7.76 -23.54 14.91
H5 NAG N . -7.53 -23.40 17.71
H61 NAG N . -5.84 -24.35 16.04
H62 NAG N . -5.30 -22.85 16.16
H81 NAG N . -12.78 -18.97 15.56
H82 NAG N . -11.91 -19.05 16.89
H83 NAG N . -11.44 -18.09 15.69
HN2 NAG N . -9.47 -19.53 16.27
HO3 NAG N . -10.73 -23.80 15.21
HO4 NAG N . -8.84 -25.28 15.36
HO6 NAG N . -4.48 -24.42 17.68
#